data_3TB7
# 
_entry.id   3TB7 
# 
_audit_conform.dict_name       mmcif_pdbx.dic 
_audit_conform.dict_version    5.387 
_audit_conform.dict_location   http://mmcif.pdb.org/dictionaries/ascii/mmcif_pdbx.dic 
# 
loop_
_database_2.database_id 
_database_2.database_code 
_database_2.pdbx_database_accession 
_database_2.pdbx_DOI 
PDB   3TB7         pdb_00003tb7 10.2210/pdb3tb7/pdb 
RCSB  RCSB067265   ?            ?                   
WWPDB D_1000067265 ?            ?                   
# 
loop_
_pdbx_audit_revision_history.ordinal 
_pdbx_audit_revision_history.data_content_type 
_pdbx_audit_revision_history.major_revision 
_pdbx_audit_revision_history.minor_revision 
_pdbx_audit_revision_history.revision_date 
1 'Structure model' 1 0 2011-10-26 
2 'Structure model' 1 1 2011-11-09 
3 'Structure model' 1 2 2011-12-21 
4 'Structure model' 1 3 2019-07-17 
5 'Structure model' 1 4 2024-02-28 
# 
_pdbx_audit_revision_details.ordinal             1 
_pdbx_audit_revision_details.revision_ordinal    1 
_pdbx_audit_revision_details.data_content_type   'Structure model' 
_pdbx_audit_revision_details.provider            repository 
_pdbx_audit_revision_details.type                'Initial release' 
_pdbx_audit_revision_details.description         ? 
_pdbx_audit_revision_details.details             ? 
# 
loop_
_pdbx_audit_revision_group.ordinal 
_pdbx_audit_revision_group.revision_ordinal 
_pdbx_audit_revision_group.data_content_type 
_pdbx_audit_revision_group.group 
1 2 'Structure model' 'Database references'    
2 3 'Structure model' 'Database references'    
3 4 'Structure model' 'Data collection'        
4 4 'Structure model' 'Refinement description' 
5 5 'Structure model' 'Data collection'        
6 5 'Structure model' 'Database references'    
# 
loop_
_pdbx_audit_revision_category.ordinal 
_pdbx_audit_revision_category.revision_ordinal 
_pdbx_audit_revision_category.data_content_type 
_pdbx_audit_revision_category.category 
1 4 'Structure model' software           
2 5 'Structure model' chem_comp_atom     
3 5 'Structure model' chem_comp_bond     
4 5 'Structure model' database_2         
5 5 'Structure model' struct_ref_seq_dif 
# 
loop_
_pdbx_audit_revision_item.ordinal 
_pdbx_audit_revision_item.revision_ordinal 
_pdbx_audit_revision_item.data_content_type 
_pdbx_audit_revision_item.item 
1 4 'Structure model' '_software.classification'            
2 4 'Structure model' '_software.name'                      
3 4 'Structure model' '_software.version'                   
4 5 'Structure model' '_database_2.pdbx_DOI'                
5 5 'Structure model' '_database_2.pdbx_database_accession' 
6 5 'Structure model' '_struct_ref_seq_dif.details'         
# 
_pdbx_database_status.status_code                     REL 
_pdbx_database_status.entry_id                        3TB7 
_pdbx_database_status.recvd_initial_deposition_date   2011-08-05 
_pdbx_database_status.deposit_site                    RCSB 
_pdbx_database_status.process_site                    RCSB 
_pdbx_database_status.status_code_sf                  REL 
_pdbx_database_status.status_code_mr                  ? 
_pdbx_database_status.SG_entry                        ? 
_pdbx_database_status.status_code_cs                  ? 
_pdbx_database_status.pdb_format_compatible           Y 
_pdbx_database_status.methods_development_category    ? 
_pdbx_database_status.status_code_nmr_data            ? 
# 
loop_
_pdbx_database_related.db_name 
_pdbx_database_related.db_id 
_pdbx_database_related.details 
_pdbx_database_related.content_type 
PDB 3RBK 'The type II crystal structure of Streptococcus agalactiae sortase C1'                  unspecified 
PDB 3RBI 'The type III crystal structure of Streptococcus agalactiae sortase C1'                 unspecified 
PDB 3RBJ 'Crystal structure of the Streptococcus agalactiae lid mutant of sortase C1'            unspecified 
PDB 3TBE 'The crystal structure of the complex of Streptococcus agalactiae sortase C1 and MTSET' unspecified 
# 
_audit_author.name           'Khare, B.' 
_audit_author.pdbx_ordinal   1 
# 
_citation.id                        primary 
_citation.title                     
;The Crystal Structure Analysis of Group B Streptococcus Sortase C1: A Model for the "Lid" Movement upon Substrate Binding.
;
_citation.journal_abbrev            J.Mol.Biol. 
_citation.journal_volume            414 
_citation.page_first                563 
_citation.page_last                 577 
_citation.year                      2011 
_citation.journal_id_ASTM           JMOBAK 
_citation.country                   UK 
_citation.journal_id_ISSN           0022-2836 
_citation.journal_id_CSD            0070 
_citation.book_publisher            ? 
_citation.pdbx_database_id_PubMed   22033482 
_citation.pdbx_database_id_DOI      10.1016/j.jmb.2011.10.017 
# 
loop_
_citation_author.citation_id 
_citation_author.name 
_citation_author.ordinal 
_citation_author.identifier_ORCID 
primary 'Khare, B.'      1 ? 
primary 'Fu, Z.Q.'       2 ? 
primary 'Huang, I.H.'    3 ? 
primary 'Ton-That, H.'   4 ? 
primary 'Narayana, S.V.' 5 ? 
# 
loop_
_entity.id 
_entity.type 
_entity.src_method 
_entity.pdbx_description 
_entity.formula_weight 
_entity.pdbx_number_of_molecules 
_entity.pdbx_ec 
_entity.pdbx_mutation 
_entity.pdbx_fragment 
_entity.details 
1 polymer man 'Sortase family protein' 25775.227 1  3.4.22.- ? 'UNP residues 43-260' ? 
2 water   nat water                    18.015    30 ?        ? ?                     ? 
# 
_entity_name_com.entity_id   1 
_entity_name_com.name        'Sortase C1, Pilus-specific sortase' 
# 
_entity_poly.entity_id                      1 
_entity_poly.type                           'polypeptide(L)' 
_entity_poly.nstd_linkage                   no 
_entity_poly.nstd_monomer                   no 
_entity_poly.pdbx_seq_one_letter_code       
;MRGSHHHHHHGSSHANINAFKEAVTKIDRVEINRRLELAYAYNASIAGAKTNGEYPALKDPYSAEQKQAGVVEYARMLEV
KEQIGHVIIPRINQDIPIYAGSAEENLQRGVGHLEGTSLPVGGESTHAVLTAHRGLPTAKLFTNLDKVTVGDRFYIEHIG
GKIAYQVDQIKVIAPDQLEDLYVIQGEDHVTLLTCTPYMINSHRLLVRGKRIPYVEKTVQKDSKTFRQQQ
;
_entity_poly.pdbx_seq_one_letter_code_can   
;MRGSHHHHHHGSSHANINAFKEAVTKIDRVEINRRLELAYAYNASIAGAKTNGEYPALKDPYSAEQKQAGVVEYARMLEV
KEQIGHVIIPRINQDIPIYAGSAEENLQRGVGHLEGTSLPVGGESTHAVLTAHRGLPTAKLFTNLDKVTVGDRFYIEHIG
GKIAYQVDQIKVIAPDQLEDLYVIQGEDHVTLLTCTPYMINSHRLLVRGKRIPYVEKTVQKDSKTFRQQQ
;
_entity_poly.pdbx_strand_id                 A 
_entity_poly.pdbx_target_identifier         ? 
# 
_pdbx_entity_nonpoly.entity_id   2 
_pdbx_entity_nonpoly.name        water 
_pdbx_entity_nonpoly.comp_id     HOH 
# 
loop_
_entity_poly_seq.entity_id 
_entity_poly_seq.num 
_entity_poly_seq.mon_id 
_entity_poly_seq.hetero 
1 1   MET n 
1 2   ARG n 
1 3   GLY n 
1 4   SER n 
1 5   HIS n 
1 6   HIS n 
1 7   HIS n 
1 8   HIS n 
1 9   HIS n 
1 10  HIS n 
1 11  GLY n 
1 12  SER n 
1 13  SER n 
1 14  HIS n 
1 15  ALA n 
1 16  ASN n 
1 17  ILE n 
1 18  ASN n 
1 19  ALA n 
1 20  PHE n 
1 21  LYS n 
1 22  GLU n 
1 23  ALA n 
1 24  VAL n 
1 25  THR n 
1 26  LYS n 
1 27  ILE n 
1 28  ASP n 
1 29  ARG n 
1 30  VAL n 
1 31  GLU n 
1 32  ILE n 
1 33  ASN n 
1 34  ARG n 
1 35  ARG n 
1 36  LEU n 
1 37  GLU n 
1 38  LEU n 
1 39  ALA n 
1 40  TYR n 
1 41  ALA n 
1 42  TYR n 
1 43  ASN n 
1 44  ALA n 
1 45  SER n 
1 46  ILE n 
1 47  ALA n 
1 48  GLY n 
1 49  ALA n 
1 50  LYS n 
1 51  THR n 
1 52  ASN n 
1 53  GLY n 
1 54  GLU n 
1 55  TYR n 
1 56  PRO n 
1 57  ALA n 
1 58  LEU n 
1 59  LYS n 
1 60  ASP n 
1 61  PRO n 
1 62  TYR n 
1 63  SER n 
1 64  ALA n 
1 65  GLU n 
1 66  GLN n 
1 67  LYS n 
1 68  GLN n 
1 69  ALA n 
1 70  GLY n 
1 71  VAL n 
1 72  VAL n 
1 73  GLU n 
1 74  TYR n 
1 75  ALA n 
1 76  ARG n 
1 77  MET n 
1 78  LEU n 
1 79  GLU n 
1 80  VAL n 
1 81  LYS n 
1 82  GLU n 
1 83  GLN n 
1 84  ILE n 
1 85  GLY n 
1 86  HIS n 
1 87  VAL n 
1 88  ILE n 
1 89  ILE n 
1 90  PRO n 
1 91  ARG n 
1 92  ILE n 
1 93  ASN n 
1 94  GLN n 
1 95  ASP n 
1 96  ILE n 
1 97  PRO n 
1 98  ILE n 
1 99  TYR n 
1 100 ALA n 
1 101 GLY n 
1 102 SER n 
1 103 ALA n 
1 104 GLU n 
1 105 GLU n 
1 106 ASN n 
1 107 LEU n 
1 108 GLN n 
1 109 ARG n 
1 110 GLY n 
1 111 VAL n 
1 112 GLY n 
1 113 HIS n 
1 114 LEU n 
1 115 GLU n 
1 116 GLY n 
1 117 THR n 
1 118 SER n 
1 119 LEU n 
1 120 PRO n 
1 121 VAL n 
1 122 GLY n 
1 123 GLY n 
1 124 GLU n 
1 125 SER n 
1 126 THR n 
1 127 HIS n 
1 128 ALA n 
1 129 VAL n 
1 130 LEU n 
1 131 THR n 
1 132 ALA n 
1 133 HIS n 
1 134 ARG n 
1 135 GLY n 
1 136 LEU n 
1 137 PRO n 
1 138 THR n 
1 139 ALA n 
1 140 LYS n 
1 141 LEU n 
1 142 PHE n 
1 143 THR n 
1 144 ASN n 
1 145 LEU n 
1 146 ASP n 
1 147 LYS n 
1 148 VAL n 
1 149 THR n 
1 150 VAL n 
1 151 GLY n 
1 152 ASP n 
1 153 ARG n 
1 154 PHE n 
1 155 TYR n 
1 156 ILE n 
1 157 GLU n 
1 158 HIS n 
1 159 ILE n 
1 160 GLY n 
1 161 GLY n 
1 162 LYS n 
1 163 ILE n 
1 164 ALA n 
1 165 TYR n 
1 166 GLN n 
1 167 VAL n 
1 168 ASP n 
1 169 GLN n 
1 170 ILE n 
1 171 LYS n 
1 172 VAL n 
1 173 ILE n 
1 174 ALA n 
1 175 PRO n 
1 176 ASP n 
1 177 GLN n 
1 178 LEU n 
1 179 GLU n 
1 180 ASP n 
1 181 LEU n 
1 182 TYR n 
1 183 VAL n 
1 184 ILE n 
1 185 GLN n 
1 186 GLY n 
1 187 GLU n 
1 188 ASP n 
1 189 HIS n 
1 190 VAL n 
1 191 THR n 
1 192 LEU n 
1 193 LEU n 
1 194 THR n 
1 195 CYS n 
1 196 THR n 
1 197 PRO n 
1 198 TYR n 
1 199 MET n 
1 200 ILE n 
1 201 ASN n 
1 202 SER n 
1 203 HIS n 
1 204 ARG n 
1 205 LEU n 
1 206 LEU n 
1 207 VAL n 
1 208 ARG n 
1 209 GLY n 
1 210 LYS n 
1 211 ARG n 
1 212 ILE n 
1 213 PRO n 
1 214 TYR n 
1 215 VAL n 
1 216 GLU n 
1 217 LYS n 
1 218 THR n 
1 219 VAL n 
1 220 GLN n 
1 221 LYS n 
1 222 ASP n 
1 223 SER n 
1 224 LYS n 
1 225 THR n 
1 226 PHE n 
1 227 ARG n 
1 228 GLN n 
1 229 GLN n 
1 230 GLN n 
# 
_entity_src_gen.entity_id                          1 
_entity_src_gen.pdbx_src_id                        1 
_entity_src_gen.pdbx_alt_source_flag               sample 
_entity_src_gen.pdbx_seq_type                      ? 
_entity_src_gen.pdbx_beg_seq_num                   ? 
_entity_src_gen.pdbx_end_seq_num                   ? 
_entity_src_gen.gene_src_common_name               ? 
_entity_src_gen.gene_src_genus                     ? 
_entity_src_gen.pdbx_gene_src_gene                 SAG0647 
_entity_src_gen.gene_src_species                   ? 
_entity_src_gen.gene_src_strain                    'SAG 2603V/R' 
_entity_src_gen.gene_src_tissue                    ? 
_entity_src_gen.gene_src_tissue_fraction           ? 
_entity_src_gen.gene_src_details                   ? 
_entity_src_gen.pdbx_gene_src_fragment             ? 
_entity_src_gen.pdbx_gene_src_scientific_name      'Streptococcus agalactiae serogroup V' 
_entity_src_gen.pdbx_gene_src_ncbi_taxonomy_id     216466 
_entity_src_gen.pdbx_gene_src_variant              ? 
_entity_src_gen.pdbx_gene_src_cell_line            ? 
_entity_src_gen.pdbx_gene_src_atcc                 ? 
_entity_src_gen.pdbx_gene_src_organ                ? 
_entity_src_gen.pdbx_gene_src_organelle            ? 
_entity_src_gen.pdbx_gene_src_cell                 ? 
_entity_src_gen.pdbx_gene_src_cellular_location    ? 
_entity_src_gen.host_org_common_name               ? 
_entity_src_gen.pdbx_host_org_scientific_name      'Escherichia coli' 
_entity_src_gen.pdbx_host_org_ncbi_taxonomy_id     562 
_entity_src_gen.host_org_genus                     ? 
_entity_src_gen.pdbx_host_org_gene                 ? 
_entity_src_gen.pdbx_host_org_organ                ? 
_entity_src_gen.host_org_species                   ? 
_entity_src_gen.pdbx_host_org_tissue               ? 
_entity_src_gen.pdbx_host_org_tissue_fraction      ? 
_entity_src_gen.pdbx_host_org_strain               XL1Blue 
_entity_src_gen.pdbx_host_org_variant              ? 
_entity_src_gen.pdbx_host_org_cell_line            ? 
_entity_src_gen.pdbx_host_org_atcc                 ? 
_entity_src_gen.pdbx_host_org_culture_collection   ? 
_entity_src_gen.pdbx_host_org_cell                 ? 
_entity_src_gen.pdbx_host_org_organelle            ? 
_entity_src_gen.pdbx_host_org_cellular_location    ? 
_entity_src_gen.pdbx_host_org_vector_type          plasmid 
_entity_src_gen.pdbx_host_org_vector               ? 
_entity_src_gen.host_org_details                   ? 
_entity_src_gen.expression_system_id               ? 
_entity_src_gen.plasmid_name                       pQE30 
_entity_src_gen.plasmid_details                    ? 
_entity_src_gen.pdbx_description                   ? 
# 
loop_
_chem_comp.id 
_chem_comp.type 
_chem_comp.mon_nstd_flag 
_chem_comp.name 
_chem_comp.pdbx_synonyms 
_chem_comp.formula 
_chem_comp.formula_weight 
ALA 'L-peptide linking' y ALANINE         ? 'C3 H7 N O2'     89.093  
ARG 'L-peptide linking' y ARGININE        ? 'C6 H15 N4 O2 1' 175.209 
ASN 'L-peptide linking' y ASPARAGINE      ? 'C4 H8 N2 O3'    132.118 
ASP 'L-peptide linking' y 'ASPARTIC ACID' ? 'C4 H7 N O4'     133.103 
CYS 'L-peptide linking' y CYSTEINE        ? 'C3 H7 N O2 S'   121.158 
GLN 'L-peptide linking' y GLUTAMINE       ? 'C5 H10 N2 O3'   146.144 
GLU 'L-peptide linking' y 'GLUTAMIC ACID' ? 'C5 H9 N O4'     147.129 
GLY 'peptide linking'   y GLYCINE         ? 'C2 H5 N O2'     75.067  
HIS 'L-peptide linking' y HISTIDINE       ? 'C6 H10 N3 O2 1' 156.162 
HOH non-polymer         . WATER           ? 'H2 O'           18.015  
ILE 'L-peptide linking' y ISOLEUCINE      ? 'C6 H13 N O2'    131.173 
LEU 'L-peptide linking' y LEUCINE         ? 'C6 H13 N O2'    131.173 
LYS 'L-peptide linking' y LYSINE          ? 'C6 H15 N2 O2 1' 147.195 
MET 'L-peptide linking' y METHIONINE      ? 'C5 H11 N O2 S'  149.211 
PHE 'L-peptide linking' y PHENYLALANINE   ? 'C9 H11 N O2'    165.189 
PRO 'L-peptide linking' y PROLINE         ? 'C5 H9 N O2'     115.130 
SER 'L-peptide linking' y SERINE          ? 'C3 H7 N O3'     105.093 
THR 'L-peptide linking' y THREONINE       ? 'C4 H9 N O3'     119.119 
TYR 'L-peptide linking' y TYROSINE        ? 'C9 H11 N O3'    181.189 
VAL 'L-peptide linking' y VALINE          ? 'C5 H11 N O2'    117.146 
# 
loop_
_pdbx_poly_seq_scheme.asym_id 
_pdbx_poly_seq_scheme.entity_id 
_pdbx_poly_seq_scheme.seq_id 
_pdbx_poly_seq_scheme.mon_id 
_pdbx_poly_seq_scheme.ndb_seq_num 
_pdbx_poly_seq_scheme.pdb_seq_num 
_pdbx_poly_seq_scheme.auth_seq_num 
_pdbx_poly_seq_scheme.pdb_mon_id 
_pdbx_poly_seq_scheme.auth_mon_id 
_pdbx_poly_seq_scheme.pdb_strand_id 
_pdbx_poly_seq_scheme.pdb_ins_code 
_pdbx_poly_seq_scheme.hetero 
A 1 1   MET 1   -10 ?   ?   ?   A . n 
A 1 2   ARG 2   -9  ?   ?   ?   A . n 
A 1 3   GLY 3   -8  ?   ?   ?   A . n 
A 1 4   SER 4   -7  ?   ?   ?   A . n 
A 1 5   HIS 5   -6  ?   ?   ?   A . n 
A 1 6   HIS 6   -5  ?   ?   ?   A . n 
A 1 7   HIS 7   -4  ?   ?   ?   A . n 
A 1 8   HIS 8   -3  ?   ?   ?   A . n 
A 1 9   HIS 9   -2  ?   ?   ?   A . n 
A 1 10  HIS 10  -1  ?   ?   ?   A . n 
A 1 11  GLY 11  0   ?   ?   ?   A . n 
A 1 12  SER 12  1   ?   ?   ?   A . n 
A 1 13  SER 13  2   ?   ?   ?   A . n 
A 1 14  HIS 14  3   ?   ?   ?   A . n 
A 1 15  ALA 15  4   ?   ?   ?   A . n 
A 1 16  ASN 16  5   5   ASN ASN A . n 
A 1 17  ILE 17  6   6   ILE ALA A . n 
A 1 18  ASN 18  7   7   ASN ASN A . n 
A 1 19  ALA 19  8   8   ALA ALA A . n 
A 1 20  PHE 20  9   9   PHE PHE A . n 
A 1 21  LYS 21  10  10  LYS ALA A . n 
A 1 22  GLU 22  11  11  GLU ALA A . n 
A 1 23  ALA 23  12  12  ALA ALA A . n 
A 1 24  VAL 24  13  13  VAL VAL A . n 
A 1 25  THR 25  14  14  THR THR A . n 
A 1 26  LYS 26  15  15  LYS ALA A . n 
A 1 27  ILE 27  16  16  ILE ILE A . n 
A 1 28  ASP 28  17  17  ASP ASP A . n 
A 1 29  ARG 29  18  18  ARG ARG A . n 
A 1 30  VAL 30  19  19  VAL VAL A . n 
A 1 31  GLU 31  20  20  GLU GLU A . n 
A 1 32  ILE 32  21  21  ILE ILE A . n 
A 1 33  ASN 33  22  22  ASN ASN A . n 
A 1 34  ARG 34  23  23  ARG ARG A . n 
A 1 35  ARG 35  24  24  ARG ARG A . n 
A 1 36  LEU 36  25  25  LEU LEU A . n 
A 1 37  GLU 37  26  26  GLU GLU A . n 
A 1 38  LEU 38  27  27  LEU LEU A . n 
A 1 39  ALA 39  28  28  ALA ALA A . n 
A 1 40  TYR 40  29  29  TYR TYR A . n 
A 1 41  ALA 41  30  30  ALA ALA A . n 
A 1 42  TYR 42  31  31  TYR TYR A . n 
A 1 43  ASN 43  32  32  ASN ASN A . n 
A 1 44  ALA 44  33  33  ALA ALA A . n 
A 1 45  SER 45  34  34  SER SER A . n 
A 1 46  ILE 46  35  35  ILE ILE A . n 
A 1 47  ALA 47  36  36  ALA ALA A . n 
A 1 48  GLY 48  37  37  GLY GLY A . n 
A 1 49  ALA 49  38  ?   ?   ?   A . n 
A 1 50  LYS 50  39  ?   ?   ?   A . n 
A 1 51  THR 51  40  ?   ?   ?   A . n 
A 1 52  ASN 52  41  ?   ?   ?   A . n 
A 1 53  GLY 53  42  ?   ?   ?   A . n 
A 1 54  GLU 54  43  ?   ?   ?   A . n 
A 1 55  TYR 55  44  ?   ?   ?   A . n 
A 1 56  PRO 56  45  ?   ?   ?   A . n 
A 1 57  ALA 57  46  ?   ?   ?   A . n 
A 1 58  LEU 58  47  ?   ?   ?   A . n 
A 1 59  LYS 59  48  ?   ?   ?   A . n 
A 1 60  ASP 60  49  ?   ?   ?   A . n 
A 1 61  PRO 61  50  50  PRO PRO A . n 
A 1 62  TYR 62  51  51  TYR TYR A . n 
A 1 63  SER 63  52  52  SER SER A . n 
A 1 64  ALA 64  53  53  ALA ALA A . n 
A 1 65  GLU 65  54  54  GLU GLU A . n 
A 1 66  GLN 66  55  55  GLN GLN A . n 
A 1 67  LYS 67  56  56  LYS LYS A . n 
A 1 68  GLN 68  57  57  GLN GLN A . n 
A 1 69  ALA 69  58  58  ALA ALA A . n 
A 1 70  GLY 70  59  59  GLY GLY A . n 
A 1 71  VAL 71  60  60  VAL VAL A . n 
A 1 72  VAL 72  61  61  VAL VAL A . n 
A 1 73  GLU 73  62  62  GLU GLU A . n 
A 1 74  TYR 74  63  63  TYR TYR A . n 
A 1 75  ALA 75  64  64  ALA ALA A . n 
A 1 76  ARG 76  65  65  ARG ARG A . n 
A 1 77  MET 77  66  66  MET MET A . n 
A 1 78  LEU 78  67  67  LEU LEU A . n 
A 1 79  GLU 79  68  68  GLU ALA A . n 
A 1 80  VAL 80  69  69  VAL VAL A . n 
A 1 81  LYS 81  70  70  LYS LYS A . n 
A 1 82  GLU 82  71  71  GLU GLU A . n 
A 1 83  GLN 83  72  72  GLN GLN A . n 
A 1 84  ILE 84  73  73  ILE ILE A . n 
A 1 85  GLY 85  74  74  GLY GLY A . n 
A 1 86  HIS 86  75  75  HIS HIS A . n 
A 1 87  VAL 87  76  76  VAL VAL A . n 
A 1 88  ILE 88  77  77  ILE ILE A . n 
A 1 89  ILE 89  78  78  ILE ILE A . n 
A 1 90  PRO 90  79  79  PRO PRO A . n 
A 1 91  ARG 91  80  80  ARG ARG A . n 
A 1 92  ILE 92  81  81  ILE ILE A . n 
A 1 93  ASN 93  82  82  ASN ASN A . n 
A 1 94  GLN 94  83  83  GLN GLN A . n 
A 1 95  ASP 95  84  84  ASP ASP A . n 
A 1 96  ILE 96  85  85  ILE ILE A . n 
A 1 97  PRO 97  86  86  PRO PRO A . n 
A 1 98  ILE 98  87  87  ILE ILE A . n 
A 1 99  TYR 99  88  88  TYR TYR A . n 
A 1 100 ALA 100 89  89  ALA ALA A . n 
A 1 101 GLY 101 90  90  GLY GLY A . n 
A 1 102 SER 102 91  91  SER SER A . n 
A 1 103 ALA 103 92  92  ALA ALA A . n 
A 1 104 GLU 104 93  93  GLU GLU A . n 
A 1 105 GLU 105 94  94  GLU ALA A . n 
A 1 106 ASN 106 95  95  ASN ASN A . n 
A 1 107 LEU 107 96  96  LEU LEU A . n 
A 1 108 GLN 108 97  97  GLN GLN A . n 
A 1 109 ARG 109 98  98  ARG ARG A . n 
A 1 110 GLY 110 99  99  GLY GLY A . n 
A 1 111 VAL 111 100 100 VAL VAL A . n 
A 1 112 GLY 112 101 101 GLY GLY A . n 
A 1 113 HIS 113 102 102 HIS HIS A . n 
A 1 114 LEU 114 103 103 LEU LEU A . n 
A 1 115 GLU 115 104 104 GLU GLU A . n 
A 1 116 GLY 116 105 105 GLY GLY A . n 
A 1 117 THR 117 106 106 THR THR A . n 
A 1 118 SER 118 107 107 SER SER A . n 
A 1 119 LEU 119 108 108 LEU LEU A . n 
A 1 120 PRO 120 109 109 PRO PRO A . n 
A 1 121 VAL 121 110 110 VAL VAL A . n 
A 1 122 GLY 122 111 111 GLY GLY A . n 
A 1 123 GLY 123 112 112 GLY GLY A . n 
A 1 124 GLU 124 113 113 GLU ALA A . n 
A 1 125 SER 125 114 114 SER SER A . n 
A 1 126 THR 126 115 115 THR THR A . n 
A 1 127 HIS 127 116 116 HIS HIS A . n 
A 1 128 ALA 128 117 117 ALA ALA A . n 
A 1 129 VAL 129 118 118 VAL VAL A . n 
A 1 130 LEU 130 119 119 LEU LEU A . n 
A 1 131 THR 131 120 120 THR THR A . n 
A 1 132 ALA 132 121 121 ALA ALA A . n 
A 1 133 HIS 133 122 122 HIS HIS A . n 
A 1 134 ARG 134 123 123 ARG ARG A . n 
A 1 135 GLY 135 124 124 GLY GLY A . n 
A 1 136 LEU 136 125 125 LEU LEU A . n 
A 1 137 PRO 137 126 126 PRO PRO A . n 
A 1 138 THR 138 127 127 THR THR A . n 
A 1 139 ALA 139 128 128 ALA ALA A . n 
A 1 140 LYS 140 129 129 LYS LYS A . n 
A 1 141 LEU 141 130 130 LEU LEU A . n 
A 1 142 PHE 142 131 131 PHE PHE A . n 
A 1 143 THR 143 132 132 THR THR A . n 
A 1 144 ASN 144 133 133 ASN ASN A . n 
A 1 145 LEU 145 134 134 LEU LEU A . n 
A 1 146 ASP 146 135 135 ASP ASP A . n 
A 1 147 LYS 147 136 136 LYS LYS A . n 
A 1 148 VAL 148 137 137 VAL VAL A . n 
A 1 149 THR 149 138 138 THR THR A . n 
A 1 150 VAL 150 139 139 VAL VAL A . n 
A 1 151 GLY 151 140 140 GLY GLY A . n 
A 1 152 ASP 152 141 141 ASP ASP A . n 
A 1 153 ARG 153 142 142 ARG ARG A . n 
A 1 154 PHE 154 143 143 PHE PHE A . n 
A 1 155 TYR 155 144 144 TYR TYR A . n 
A 1 156 ILE 156 145 145 ILE ILE A . n 
A 1 157 GLU 157 146 146 GLU GLU A . n 
A 1 158 HIS 158 147 147 HIS HIS A . n 
A 1 159 ILE 159 148 148 ILE ILE A . n 
A 1 160 GLY 160 149 149 GLY GLY A . n 
A 1 161 GLY 161 150 150 GLY GLY A . n 
A 1 162 LYS 162 151 151 LYS LYS A . n 
A 1 163 ILE 163 152 152 ILE ILE A . n 
A 1 164 ALA 164 153 153 ALA ALA A . n 
A 1 165 TYR 165 154 154 TYR TYR A . n 
A 1 166 GLN 166 155 155 GLN GLN A . n 
A 1 167 VAL 167 156 156 VAL VAL A . n 
A 1 168 ASP 168 157 157 ASP ASP A . n 
A 1 169 GLN 169 158 158 GLN GLN A . n 
A 1 170 ILE 170 159 159 ILE ILE A . n 
A 1 171 LYS 171 160 160 LYS LYS A . n 
A 1 172 VAL 172 161 161 VAL VAL A . n 
A 1 173 ILE 173 162 162 ILE ILE A . n 
A 1 174 ALA 174 163 163 ALA ALA A . n 
A 1 175 PRO 175 164 164 PRO PRO A . n 
A 1 176 ASP 176 165 165 ASP ASP A . n 
A 1 177 GLN 177 166 166 GLN GLN A . n 
A 1 178 LEU 178 167 167 LEU LEU A . n 
A 1 179 GLU 179 168 168 GLU GLU A . n 
A 1 180 ASP 180 169 169 ASP ASP A . n 
A 1 181 LEU 181 170 170 LEU LEU A . n 
A 1 182 TYR 182 171 171 TYR TYR A . n 
A 1 183 VAL 183 172 172 VAL VAL A . n 
A 1 184 ILE 184 173 173 ILE ILE A . n 
A 1 185 GLN 185 174 174 GLN GLN A . n 
A 1 186 GLY 186 175 175 GLY GLY A . n 
A 1 187 GLU 187 176 176 GLU GLU A . n 
A 1 188 ASP 188 177 177 ASP ASP A . n 
A 1 189 HIS 189 178 178 HIS HIS A . n 
A 1 190 VAL 190 179 179 VAL VAL A . n 
A 1 191 THR 191 180 180 THR THR A . n 
A 1 192 LEU 192 181 181 LEU LEU A . n 
A 1 193 LEU 193 182 182 LEU LEU A . n 
A 1 194 THR 194 183 183 THR THR A . n 
A 1 195 CYS 195 184 184 CYS CYS A . n 
A 1 196 THR 196 185 185 THR THR A . n 
A 1 197 PRO 197 186 186 PRO PRO A . n 
A 1 198 TYR 198 187 187 TYR TYR A . n 
A 1 199 MET 199 188 188 MET MET A . n 
A 1 200 ILE 200 189 189 ILE ILE A . n 
A 1 201 ASN 201 190 190 ASN ASN A . n 
A 1 202 SER 202 191 191 SER SER A . n 
A 1 203 HIS 203 192 192 HIS HIS A . n 
A 1 204 ARG 204 193 193 ARG ARG A . n 
A 1 205 LEU 205 194 194 LEU LEU A . n 
A 1 206 LEU 206 195 195 LEU LEU A . n 
A 1 207 VAL 207 196 196 VAL VAL A . n 
A 1 208 ARG 208 197 197 ARG ARG A . n 
A 1 209 GLY 209 198 198 GLY GLY A . n 
A 1 210 LYS 210 199 199 LYS LYS A . n 
A 1 211 ARG 211 200 200 ARG ARG A . n 
A 1 212 ILE 212 201 201 ILE ILE A . n 
A 1 213 PRO 213 202 202 PRO PRO A . n 
A 1 214 TYR 214 203 203 TYR TYR A . n 
A 1 215 VAL 215 204 204 VAL VAL A . n 
A 1 216 GLU 216 205 ?   ?   ?   A . n 
A 1 217 LYS 217 206 ?   ?   ?   A . n 
A 1 218 THR 218 207 ?   ?   ?   A . n 
A 1 219 VAL 219 208 ?   ?   ?   A . n 
A 1 220 GLN 220 209 ?   ?   ?   A . n 
A 1 221 LYS 221 210 ?   ?   ?   A . n 
A 1 222 ASP 222 211 ?   ?   ?   A . n 
A 1 223 SER 223 212 ?   ?   ?   A . n 
A 1 224 LYS 224 213 ?   ?   ?   A . n 
A 1 225 THR 225 214 ?   ?   ?   A . n 
A 1 226 PHE 226 215 ?   ?   ?   A . n 
A 1 227 ARG 227 216 ?   ?   ?   A . n 
A 1 228 GLN 228 217 ?   ?   ?   A . n 
A 1 229 GLN 229 218 ?   ?   ?   A . n 
A 1 230 GLN 230 219 ?   ?   ?   A . n 
# 
loop_
_pdbx_nonpoly_scheme.asym_id 
_pdbx_nonpoly_scheme.entity_id 
_pdbx_nonpoly_scheme.mon_id 
_pdbx_nonpoly_scheme.ndb_seq_num 
_pdbx_nonpoly_scheme.pdb_seq_num 
_pdbx_nonpoly_scheme.auth_seq_num 
_pdbx_nonpoly_scheme.pdb_mon_id 
_pdbx_nonpoly_scheme.auth_mon_id 
_pdbx_nonpoly_scheme.pdb_strand_id 
_pdbx_nonpoly_scheme.pdb_ins_code 
B 2 HOH 1  220 1  HOH HOH A . 
B 2 HOH 2  221 3  HOH HOH A . 
B 2 HOH 3  222 4  HOH HOH A . 
B 2 HOH 4  223 7  HOH HOH A . 
B 2 HOH 5  224 10 HOH HOH A . 
B 2 HOH 6  225 11 HOH HOH A . 
B 2 HOH 7  226 12 HOH HOH A . 
B 2 HOH 8  227 13 HOH HOH A . 
B 2 HOH 9  228 14 HOH HOH A . 
B 2 HOH 10 229 15 HOH HOH A . 
B 2 HOH 11 230 20 HOH HOH A . 
B 2 HOH 12 231 22 HOH HOH A . 
B 2 HOH 13 232 23 HOH HOH A . 
B 2 HOH 14 233 24 HOH HOH A . 
B 2 HOH 15 234 25 HOH HOH A . 
B 2 HOH 16 235 26 HOH HOH A . 
B 2 HOH 17 236 27 HOH HOH A . 
B 2 HOH 18 237 28 HOH HOH A . 
B 2 HOH 19 238 29 HOH HOH A . 
B 2 HOH 20 239 30 HOH HOH A . 
B 2 HOH 21 240 31 HOH HOH A . 
B 2 HOH 22 241 32 HOH HOH A . 
B 2 HOH 23 242 33 HOH HOH A . 
B 2 HOH 24 243 34 HOH HOH A . 
B 2 HOH 25 244 35 HOH HOH A . 
B 2 HOH 26 245 36 HOH HOH A . 
B 2 HOH 27 246 37 HOH HOH A . 
B 2 HOH 28 247 38 HOH HOH A . 
B 2 HOH 29 248 39 HOH HOH A . 
B 2 HOH 30 249 40 HOH HOH A . 
# 
loop_
_pdbx_unobs_or_zero_occ_atoms.id 
_pdbx_unobs_or_zero_occ_atoms.PDB_model_num 
_pdbx_unobs_or_zero_occ_atoms.polymer_flag 
_pdbx_unobs_or_zero_occ_atoms.occupancy_flag 
_pdbx_unobs_or_zero_occ_atoms.auth_asym_id 
_pdbx_unobs_or_zero_occ_atoms.auth_comp_id 
_pdbx_unobs_or_zero_occ_atoms.auth_seq_id 
_pdbx_unobs_or_zero_occ_atoms.PDB_ins_code 
_pdbx_unobs_or_zero_occ_atoms.auth_atom_id 
_pdbx_unobs_or_zero_occ_atoms.label_alt_id 
_pdbx_unobs_or_zero_occ_atoms.label_asym_id 
_pdbx_unobs_or_zero_occ_atoms.label_comp_id 
_pdbx_unobs_or_zero_occ_atoms.label_seq_id 
_pdbx_unobs_or_zero_occ_atoms.label_atom_id 
1  1 Y 1 A ILE 6   ? CG1 ? A ILE 17  CG1 
2  1 Y 1 A ILE 6   ? CG2 ? A ILE 17  CG2 
3  1 Y 1 A ILE 6   ? CD1 ? A ILE 17  CD1 
4  1 Y 1 A LYS 10  ? CG  ? A LYS 21  CG  
5  1 Y 1 A LYS 10  ? CD  ? A LYS 21  CD  
6  1 Y 1 A LYS 10  ? CE  ? A LYS 21  CE  
7  1 Y 1 A LYS 10  ? NZ  ? A LYS 21  NZ  
8  1 Y 1 A GLU 11  ? CG  ? A GLU 22  CG  
9  1 Y 1 A GLU 11  ? CD  ? A GLU 22  CD  
10 1 Y 1 A GLU 11  ? OE1 ? A GLU 22  OE1 
11 1 Y 1 A GLU 11  ? OE2 ? A GLU 22  OE2 
12 1 Y 1 A LYS 15  ? CG  ? A LYS 26  CG  
13 1 Y 1 A LYS 15  ? CD  ? A LYS 26  CD  
14 1 Y 1 A LYS 15  ? CE  ? A LYS 26  CE  
15 1 Y 1 A LYS 15  ? NZ  ? A LYS 26  NZ  
16 1 Y 1 A GLU 68  ? CG  ? A GLU 79  CG  
17 1 Y 1 A GLU 68  ? CD  ? A GLU 79  CD  
18 1 Y 1 A GLU 68  ? OE1 ? A GLU 79  OE1 
19 1 Y 1 A GLU 68  ? OE2 ? A GLU 79  OE2 
20 1 Y 1 A GLU 94  ? CG  ? A GLU 105 CG  
21 1 Y 1 A GLU 94  ? CD  ? A GLU 105 CD  
22 1 Y 1 A GLU 94  ? OE1 ? A GLU 105 OE1 
23 1 Y 1 A GLU 94  ? OE2 ? A GLU 105 OE2 
24 1 Y 1 A GLU 113 ? CG  ? A GLU 124 CG  
25 1 Y 1 A GLU 113 ? CD  ? A GLU 124 CD  
26 1 Y 1 A GLU 113 ? OE1 ? A GLU 124 OE1 
27 1 Y 1 A GLU 113 ? OE2 ? A GLU 124 OE2 
# 
loop_
_software.name 
_software.classification 
_software.version 
_software.citation_id 
_software.pdbx_ordinal 
REFMAC   refinement        5.5.0102 ? 1 
SGXPRO   'model building'  .        ? 2 
SOLVE    phasing           .        ? 3 
CNS      refinement        .        ? 4 
HKL-2000 'data collection' .        ? 5 
HKL-2000 'data reduction'  .        ? 6 
HKL-2000 'data scaling'    .        ? 7 
SGXPRO   phasing           .        ? 8 
# 
_cell.entry_id           3TB7 
_cell.length_a           78.590 
_cell.length_b           46.930 
_cell.length_c           66.570 
_cell.angle_alpha        90.00 
_cell.angle_beta         114.99 
_cell.angle_gamma        90.00 
_cell.Z_PDB              4 
_cell.pdbx_unique_axis   ? 
_cell.length_a_esd       ? 
_cell.length_b_esd       ? 
_cell.length_c_esd       ? 
_cell.angle_alpha_esd    ? 
_cell.angle_beta_esd     ? 
_cell.angle_gamma_esd    ? 
# 
_symmetry.entry_id                         3TB7 
_symmetry.space_group_name_H-M             'C 1 2 1' 
_symmetry.pdbx_full_space_group_name_H-M   ? 
_symmetry.cell_setting                     ? 
_symmetry.Int_Tables_number                5 
_symmetry.space_group_name_Hall            ? 
# 
_exptl.entry_id          3TB7 
_exptl.method            'X-RAY DIFFRACTION' 
_exptl.crystals_number   1 
# 
_exptl_crystal.id                    1 
_exptl_crystal.density_meas          ? 
_exptl_crystal.density_Matthews      2.16 
_exptl_crystal.density_percent_sol   43.01 
_exptl_crystal.description           ? 
_exptl_crystal.F_000                 ? 
_exptl_crystal.preparation           ? 
# 
_exptl_crystal_grow.crystal_id      1 
_exptl_crystal_grow.method          'VAPOR DIFFUSION, HANGING DROP' 
_exptl_crystal_grow.temp            277 
_exptl_crystal_grow.temp_details    ? 
_exptl_crystal_grow.pH              8.4 
_exptl_crystal_grow.pdbx_pH_range   ? 
_exptl_crystal_grow.pdbx_details    
'20% PEG3350, 0.2 M Tris, 0.2 M ammonium acetate, pH 8.4, VAPOR DIFFUSION, HANGING DROP, temperature 277K' 
# 
_diffrn.id                     1 
_diffrn.ambient_temp           100 
_diffrn.ambient_temp_details   ? 
_diffrn.crystal_id             1 
# 
_diffrn_detector.diffrn_id              1 
_diffrn_detector.detector               CCD 
_diffrn_detector.type                   'MARMOSAIC 225 mm CCD' 
_diffrn_detector.pdbx_collection_date   ? 
_diffrn_detector.details                ? 
# 
_diffrn_radiation.diffrn_id                        1 
_diffrn_radiation.wavelength_id                    1 
_diffrn_radiation.pdbx_monochromatic_or_laue_m_l   M 
_diffrn_radiation.monochromator                    'double crystal' 
_diffrn_radiation.pdbx_diffrn_protocol             'SINGLE WAVELENGTH' 
_diffrn_radiation.pdbx_scattering_type             x-ray 
# 
_diffrn_radiation_wavelength.id           1 
_diffrn_radiation_wavelength.wavelength   0.9748 
_diffrn_radiation_wavelength.wt           1.0 
# 
_diffrn_source.diffrn_id                   1 
_diffrn_source.source                      SYNCHROTRON 
_diffrn_source.type                        'APS BEAMLINE 22-BM' 
_diffrn_source.pdbx_synchrotron_site       APS 
_diffrn_source.pdbx_synchrotron_beamline   22-BM 
_diffrn_source.pdbx_wavelength             ? 
_diffrn_source.pdbx_wavelength_list        0.9748 
# 
_reflns.pdbx_diffrn_id               1 
_reflns.pdbx_ordinal                 1 
_reflns.entry_id                     3TB7 
_reflns.observed_criterion_sigma_I   ? 
_reflns.observed_criterion_sigma_F   ? 
_reflns.d_resolution_low             60.34 
_reflns.d_resolution_high            2.450 
_reflns.number_obs                   8218 
_reflns.number_all                   8228 
_reflns.percent_possible_obs         100.0 
_reflns.pdbx_Rmerge_I_obs            0.040 
_reflns.pdbx_Rsym_value              ? 
_reflns.pdbx_netI_over_sigmaI        33.5 
_reflns.B_iso_Wilson_estimate        ? 
_reflns.pdbx_redundancy              7.2 
_reflns.R_free_details               ? 
_reflns.limit_h_max                  ? 
_reflns.limit_h_min                  ? 
_reflns.limit_k_max                  ? 
_reflns.limit_k_min                  ? 
_reflns.limit_l_max                  ? 
_reflns.limit_l_min                  ? 
_reflns.observed_criterion_F_max     ? 
_reflns.observed_criterion_F_min     ? 
_reflns.pdbx_chi_squared             ? 
_reflns.pdbx_scaling_rejects         ? 
# 
_reflns_shell.pdbx_diffrn_id         1 
_reflns_shell.pdbx_ordinal           1 
_reflns_shell.d_res_high             2.45 
_reflns_shell.d_res_low              2.5 
_reflns_shell.percent_possible_all   100.0 
_reflns_shell.Rmerge_I_obs           0.125 
_reflns_shell.pdbx_Rsym_value        ? 
_reflns_shell.meanI_over_sigI_obs    13.1 
_reflns_shell.pdbx_redundancy        7.0 
_reflns_shell.percent_possible_obs   ? 
_reflns_shell.number_unique_all      ? 
_reflns_shell.number_measured_all    ? 
_reflns_shell.number_measured_obs    ? 
_reflns_shell.number_unique_obs      ? 
_reflns_shell.pdbx_chi_squared       ? 
# 
_refine.pdbx_refine_id                           'X-RAY DIFFRACTION' 
_refine.entry_id                                 3TB7 
_refine.pdbx_diffrn_id                           1 
_refine.pdbx_TLS_residual_ADP_flag               ? 
_refine.ls_number_reflns_obs                     7834 
_refine.ls_number_reflns_all                     ? 
_refine.pdbx_ls_sigma_I                          ? 
_refine.pdbx_ls_sigma_F                          . 
_refine.pdbx_data_cutoff_high_absF               ? 
_refine.pdbx_data_cutoff_low_absF                ? 
_refine.pdbx_data_cutoff_high_rms_absF           ? 
_refine.ls_d_res_low                             27.150 
_refine.ls_d_res_high                            2.45 
_refine.ls_percent_reflns_obs                    99.88 
_refine.ls_R_factor_obs                          0.23173 
_refine.ls_R_factor_all                          ? 
_refine.ls_R_factor_R_work                       0.22815 
_refine.ls_R_factor_R_free                       0.30777 
_refine.ls_R_factor_R_free_error                 ? 
_refine.ls_R_factor_R_free_error_details         ? 
_refine.ls_percent_reflns_R_free                 4.6 
_refine.ls_number_reflns_R_free                  381 
_refine.ls_number_parameters                     ? 
_refine.ls_number_restraints                     ? 
_refine.occupancy_min                            1.000 
_refine.occupancy_max                            1.000 
_refine.correlation_coeff_Fo_to_Fc               0.913 
_refine.correlation_coeff_Fo_to_Fc_free          0.846 
_refine.B_iso_mean                               31.762 
_refine.aniso_B[1][1]                            -0.33 
_refine.aniso_B[2][2]                            0.78 
_refine.aniso_B[3][3]                            -0.70 
_refine.aniso_B[1][2]                            0.00 
_refine.aniso_B[1][3]                            -0.30 
_refine.aniso_B[2][3]                            0.00 
_refine.solvent_model_details                    MASK 
_refine.solvent_model_param_ksol                 ? 
_refine.solvent_model_param_bsol                 ? 
_refine.pdbx_solvent_vdw_probe_radii             1.40 
_refine.pdbx_solvent_ion_probe_radii             0.80 
_refine.pdbx_solvent_shrinkage_radii             0.80 
_refine.pdbx_ls_cross_valid_method               THROUGHOUT 
_refine.details                                  'HYDROGENS HAVE BEEN ADDED IN THE RIDING POSITIONS' 
_refine.pdbx_starting_model                      ? 
_refine.pdbx_method_to_determine_struct          SAD 
_refine.pdbx_isotropic_thermal_model             ? 
_refine.pdbx_stereochemistry_target_values       'MAXIMUM LIKELIHOOD' 
_refine.pdbx_stereochem_target_val_spec_case     ? 
_refine.pdbx_R_Free_selection_details            RANDOM 
_refine.pdbx_overall_ESU_R                       0.499 
_refine.pdbx_overall_ESU_R_Free                  0.333 
_refine.overall_SU_ML                            0.213 
_refine.pdbx_overall_phase_error                 ? 
_refine.overall_SU_B                             8.807 
_refine.overall_SU_R_Cruickshank_DPI             ? 
_refine.pdbx_overall_SU_R_free_Cruickshank_DPI   ? 
_refine.pdbx_overall_SU_R_Blow_DPI               ? 
_refine.pdbx_overall_SU_R_free_Blow_DPI          ? 
_refine.ls_redundancy_reflns_obs                 ? 
_refine.B_iso_min                                ? 
_refine.B_iso_max                                ? 
_refine.overall_SU_R_free                        ? 
_refine.ls_wR_factor_R_free                      ? 
_refine.ls_wR_factor_R_work                      ? 
_refine.overall_FOM_free_R_set                   ? 
_refine.overall_FOM_work_R_set                   ? 
# 
_refine_hist.pdbx_refine_id                   'X-RAY DIFFRACTION' 
_refine_hist.cycle_id                         LAST 
_refine_hist.pdbx_number_atoms_protein        1448 
_refine_hist.pdbx_number_atoms_nucleic_acid   0 
_refine_hist.pdbx_number_atoms_ligand         0 
_refine_hist.number_atoms_solvent             30 
_refine_hist.number_atoms_total               1478 
_refine_hist.d_res_high                       2.45 
_refine_hist.d_res_low                        27.150 
# 
loop_
_refine_ls_restr.type 
_refine_ls_restr.dev_ideal 
_refine_ls_restr.dev_ideal_target 
_refine_ls_restr.weight 
_refine_ls_restr.number 
_refine_ls_restr.pdbx_refine_id 
_refine_ls_restr.pdbx_restraint_function 
r_bond_refined_d             0.022  0.022  ? 1475 'X-RAY DIFFRACTION' ? 
r_bond_other_d               ?      ?      ? ?    'X-RAY DIFFRACTION' ? 
r_angle_refined_deg          2.134  1.956  ? 2004 'X-RAY DIFFRACTION' ? 
r_angle_other_deg            ?      ?      ? ?    'X-RAY DIFFRACTION' ? 
r_dihedral_angle_1_deg       7.074  5.000  ? 186  'X-RAY DIFFRACTION' ? 
r_dihedral_angle_2_deg       39.982 23.636 ? 66   'X-RAY DIFFRACTION' ? 
r_dihedral_angle_3_deg       19.132 15.000 ? 241  'X-RAY DIFFRACTION' ? 
r_dihedral_angle_4_deg       20.651 15.000 ? 11   'X-RAY DIFFRACTION' ? 
r_chiral_restr               0.100  0.200  ? 233  'X-RAY DIFFRACTION' ? 
r_gen_planes_refined         0.008  0.021  ? 1114 'X-RAY DIFFRACTION' ? 
r_gen_planes_other           ?      ?      ? ?    'X-RAY DIFFRACTION' ? 
r_nbd_refined                ?      ?      ? ?    'X-RAY DIFFRACTION' ? 
r_nbd_other                  ?      ?      ? ?    'X-RAY DIFFRACTION' ? 
r_nbtor_refined              ?      ?      ? ?    'X-RAY DIFFRACTION' ? 
r_nbtor_other                ?      ?      ? ?    'X-RAY DIFFRACTION' ? 
r_xyhbond_nbd_refined        ?      ?      ? ?    'X-RAY DIFFRACTION' ? 
r_xyhbond_nbd_other          ?      ?      ? ?    'X-RAY DIFFRACTION' ? 
r_metal_ion_refined          ?      ?      ? ?    'X-RAY DIFFRACTION' ? 
r_metal_ion_other            ?      ?      ? ?    'X-RAY DIFFRACTION' ? 
r_symmetry_vdw_refined       ?      ?      ? ?    'X-RAY DIFFRACTION' ? 
r_symmetry_vdw_other         ?      ?      ? ?    'X-RAY DIFFRACTION' ? 
r_symmetry_hbond_refined     ?      ?      ? ?    'X-RAY DIFFRACTION' ? 
r_symmetry_hbond_other       ?      ?      ? ?    'X-RAY DIFFRACTION' ? 
r_symmetry_metal_ion_refined ?      ?      ? ?    'X-RAY DIFFRACTION' ? 
r_symmetry_metal_ion_other   ?      ?      ? ?    'X-RAY DIFFRACTION' ? 
r_mcbond_it                  0.942  1.500  ? 932  'X-RAY DIFFRACTION' ? 
r_mcbond_other               ?      ?      ? ?    'X-RAY DIFFRACTION' ? 
r_mcangle_it                 1.782  2.000  ? 1499 'X-RAY DIFFRACTION' ? 
r_scbond_it                  2.793  3.000  ? 543  'X-RAY DIFFRACTION' ? 
r_scangle_it                 4.590  4.500  ? 505  'X-RAY DIFFRACTION' ? 
r_rigid_bond_restr           ?      ?      ? ?    'X-RAY DIFFRACTION' ? 
r_sphericity_free            ?      ?      ? ?    'X-RAY DIFFRACTION' ? 
r_sphericity_bonded          ?      ?      ? ?    'X-RAY DIFFRACTION' ? 
# 
_refine_ls_shell.pdbx_refine_id                   'X-RAY DIFFRACTION' 
_refine_ls_shell.pdbx_total_number_of_bins_used   20 
_refine_ls_shell.d_res_high                       2.450 
_refine_ls_shell.d_res_low                        2.514 
_refine_ls_shell.number_reflns_R_work             572 
_refine_ls_shell.R_factor_R_work                  0.253 
_refine_ls_shell.percent_reflns_obs               100.00 
_refine_ls_shell.R_factor_R_free                  0.297 
_refine_ls_shell.R_factor_R_free_error            ? 
_refine_ls_shell.percent_reflns_R_free            ? 
_refine_ls_shell.number_reflns_R_free             21 
_refine_ls_shell.number_reflns_all                ? 
_refine_ls_shell.R_factor_all                     ? 
_refine_ls_shell.redundancy_reflns_obs            ? 
_refine_ls_shell.number_reflns_obs                ? 
# 
loop_
_pdbx_xplor_file.pdbx_refine_id 
_pdbx_xplor_file.serial_no 
_pdbx_xplor_file.param_file 
_pdbx_xplor_file.topol_file 
'X-RAY DIFFRACTION' 1 CNS_TOPPAR:protein_rep.param CNS_TOPPAR:protein.top 
'X-RAY DIFFRACTION' 2 CNS_TOPPAR:dna-rna_rep.param CNS_TOPPAR:dna-rna.top 
'X-RAY DIFFRACTION' 3 CNS_TOPPAR:water_rep.param   CNS_TOPPAR:water.top   
'X-RAY DIFFRACTION' 4 CNS_TOPPAR:ion.param         CNS_TOPPAR:ion.top     
# 
_struct.entry_id                  3TB7 
_struct.title                     'The type I crystal structure of Streptococcus agalactiae sortase C1' 
_struct.pdbx_model_details        ? 
_struct.pdbx_CASP_flag            ? 
_struct.pdbx_model_type_details   ? 
# 
_struct_keywords.entry_id        3TB7 
_struct_keywords.pdbx_keywords   HYDROLASE 
_struct_keywords.text            'Beta-barrel, Pili biogenesis, HYDROLASE' 
# 
loop_
_struct_asym.id 
_struct_asym.pdbx_blank_PDB_chainid_flag 
_struct_asym.pdbx_modified 
_struct_asym.entity_id 
_struct_asym.details 
A N N 1 ? 
B N N 2 ? 
# 
_struct_ref.id                         1 
_struct_ref.db_name                    UNP 
_struct_ref.db_code                    Q8E0S7_STRA5 
_struct_ref.pdbx_db_accession          Q8E0S7 
_struct_ref.entity_id                  1 
_struct_ref.pdbx_seq_one_letter_code   
;SHANINAFKEAVTKIDRVEINRRLELAYAYNASIAGAKTNGEYPALKDPYSAEQKQAGVVEYARMLEVKEQIGHVIIPRI
NQDIPIYAGSAEENLQRGVGHLEGTSLPVGGESTHAVLTAHRGLPTAKLFTNLDKVTVGDRFYIEHIGGKIAYQVDQIKV
IAPDQLEDLYVIQGEDHVTLLTCTPYMINSHRLLVRGKRIPYVEKTVQKDSKTFRQQQ
;
_struct_ref.pdbx_align_begin           43 
_struct_ref.pdbx_db_isoform            ? 
# 
_struct_ref_seq.align_id                      1 
_struct_ref_seq.ref_id                        1 
_struct_ref_seq.pdbx_PDB_id_code              3TB7 
_struct_ref_seq.pdbx_strand_id                A 
_struct_ref_seq.seq_align_beg                 13 
_struct_ref_seq.pdbx_seq_align_beg_ins_code   ? 
_struct_ref_seq.seq_align_end                 230 
_struct_ref_seq.pdbx_seq_align_end_ins_code   ? 
_struct_ref_seq.pdbx_db_accession             Q8E0S7 
_struct_ref_seq.db_align_beg                  43 
_struct_ref_seq.pdbx_db_align_beg_ins_code    ? 
_struct_ref_seq.db_align_end                  260 
_struct_ref_seq.pdbx_db_align_end_ins_code    ? 
_struct_ref_seq.pdbx_auth_seq_align_beg       2 
_struct_ref_seq.pdbx_auth_seq_align_end       219 
# 
loop_
_struct_ref_seq_dif.align_id 
_struct_ref_seq_dif.pdbx_pdb_id_code 
_struct_ref_seq_dif.mon_id 
_struct_ref_seq_dif.pdbx_pdb_strand_id 
_struct_ref_seq_dif.seq_num 
_struct_ref_seq_dif.pdbx_pdb_ins_code 
_struct_ref_seq_dif.pdbx_seq_db_name 
_struct_ref_seq_dif.pdbx_seq_db_accession_code 
_struct_ref_seq_dif.db_mon_id 
_struct_ref_seq_dif.pdbx_seq_db_seq_num 
_struct_ref_seq_dif.details 
_struct_ref_seq_dif.pdbx_auth_seq_num 
_struct_ref_seq_dif.pdbx_ordinal 
1 3TB7 MET A 1  ? UNP Q8E0S7 ? ? 'expression tag' -10 1  
1 3TB7 ARG A 2  ? UNP Q8E0S7 ? ? 'expression tag' -9  2  
1 3TB7 GLY A 3  ? UNP Q8E0S7 ? ? 'expression tag' -8  3  
1 3TB7 SER A 4  ? UNP Q8E0S7 ? ? 'expression tag' -7  4  
1 3TB7 HIS A 5  ? UNP Q8E0S7 ? ? 'expression tag' -6  5  
1 3TB7 HIS A 6  ? UNP Q8E0S7 ? ? 'expression tag' -5  6  
1 3TB7 HIS A 7  ? UNP Q8E0S7 ? ? 'expression tag' -4  7  
1 3TB7 HIS A 8  ? UNP Q8E0S7 ? ? 'expression tag' -3  8  
1 3TB7 HIS A 9  ? UNP Q8E0S7 ? ? 'expression tag' -2  9  
1 3TB7 HIS A 10 ? UNP Q8E0S7 ? ? 'expression tag' -1  10 
1 3TB7 GLY A 11 ? UNP Q8E0S7 ? ? 'expression tag' 0   11 
1 3TB7 SER A 12 ? UNP Q8E0S7 ? ? 'expression tag' 1   12 
# 
_pdbx_struct_assembly.id                   1 
_pdbx_struct_assembly.details              author_and_software_defined_assembly 
_pdbx_struct_assembly.method_details       PISA 
_pdbx_struct_assembly.oligomeric_details   monomeric 
_pdbx_struct_assembly.oligomeric_count     1 
# 
_pdbx_struct_assembly_gen.assembly_id       1 
_pdbx_struct_assembly_gen.oper_expression   1 
_pdbx_struct_assembly_gen.asym_id_list      A,B 
# 
_pdbx_struct_oper_list.id                   1 
_pdbx_struct_oper_list.type                 'identity operation' 
_pdbx_struct_oper_list.name                 1_555 
_pdbx_struct_oper_list.symmetry_operation   x,y,z 
_pdbx_struct_oper_list.matrix[1][1]         1.0000000000 
_pdbx_struct_oper_list.matrix[1][2]         0.0000000000 
_pdbx_struct_oper_list.matrix[1][3]         0.0000000000 
_pdbx_struct_oper_list.vector[1]            0.0000000000 
_pdbx_struct_oper_list.matrix[2][1]         0.0000000000 
_pdbx_struct_oper_list.matrix[2][2]         1.0000000000 
_pdbx_struct_oper_list.matrix[2][3]         0.0000000000 
_pdbx_struct_oper_list.vector[2]            0.0000000000 
_pdbx_struct_oper_list.matrix[3][1]         0.0000000000 
_pdbx_struct_oper_list.matrix[3][2]         0.0000000000 
_pdbx_struct_oper_list.matrix[3][3]         1.0000000000 
_pdbx_struct_oper_list.vector[3]            0.0000000000 
# 
_struct_biol.id        1 
_struct_biol.details   ? 
# 
loop_
_struct_conf.conf_type_id 
_struct_conf.id 
_struct_conf.pdbx_PDB_helix_id 
_struct_conf.beg_label_comp_id 
_struct_conf.beg_label_asym_id 
_struct_conf.beg_label_seq_id 
_struct_conf.pdbx_beg_PDB_ins_code 
_struct_conf.end_label_comp_id 
_struct_conf.end_label_asym_id 
_struct_conf.end_label_seq_id 
_struct_conf.pdbx_end_PDB_ins_code 
_struct_conf.beg_auth_comp_id 
_struct_conf.beg_auth_asym_id 
_struct_conf.beg_auth_seq_id 
_struct_conf.end_auth_comp_id 
_struct_conf.end_auth_asym_id 
_struct_conf.end_auth_seq_id 
_struct_conf.pdbx_PDB_helix_class 
_struct_conf.details 
_struct_conf.pdbx_PDB_helix_length 
HELX_P HELX_P1 1 ILE A 17  ? LYS A 26  ? ILE A 6   LYS A 15  1 ? 10 
HELX_P HELX_P2 2 ASP A 28  ? GLY A 48  ? ASP A 17  GLY A 37  1 ? 21 
HELX_P HELX_P3 3 SER A 63  ? VAL A 80  ? SER A 52  VAL A 69  1 ? 18 
HELX_P HELX_P4 4 PRO A 90  ? ASN A 93  ? PRO A 79  ASN A 82  5 ? 4  
HELX_P HELX_P5 5 ALA A 103 ? GLN A 108 ? ALA A 92  GLN A 97  1 ? 6  
HELX_P HELX_P6 6 ASN A 144 ? VAL A 148 ? ASN A 133 VAL A 137 5 ? 5  
HELX_P HELX_P7 7 LEU A 178 ? TYR A 182 ? LEU A 167 TYR A 171 5 ? 5  
# 
_struct_conf_type.id          HELX_P 
_struct_conf_type.criteria    ? 
_struct_conf_type.reference   ? 
# 
_struct_mon_prot_cis.pdbx_id                1 
_struct_mon_prot_cis.label_comp_id          THR 
_struct_mon_prot_cis.label_seq_id           196 
_struct_mon_prot_cis.label_asym_id          A 
_struct_mon_prot_cis.label_alt_id           . 
_struct_mon_prot_cis.pdbx_PDB_ins_code      ? 
_struct_mon_prot_cis.auth_comp_id           THR 
_struct_mon_prot_cis.auth_seq_id            185 
_struct_mon_prot_cis.auth_asym_id           A 
_struct_mon_prot_cis.pdbx_label_comp_id_2   PRO 
_struct_mon_prot_cis.pdbx_label_seq_id_2    197 
_struct_mon_prot_cis.pdbx_label_asym_id_2   A 
_struct_mon_prot_cis.pdbx_PDB_ins_code_2    ? 
_struct_mon_prot_cis.pdbx_auth_comp_id_2    PRO 
_struct_mon_prot_cis.pdbx_auth_seq_id_2     186 
_struct_mon_prot_cis.pdbx_auth_asym_id_2    A 
_struct_mon_prot_cis.pdbx_PDB_model_num     1 
_struct_mon_prot_cis.pdbx_omega_angle       5.03 
# 
loop_
_struct_sheet.id 
_struct_sheet.type 
_struct_sheet.number_strands 
_struct_sheet.details 
A ? 9 ? 
B ? 2 ? 
# 
loop_
_struct_sheet_order.sheet_id 
_struct_sheet_order.range_id_1 
_struct_sheet_order.range_id_2 
_struct_sheet_order.offset 
_struct_sheet_order.sense 
A 1 2 ? anti-parallel 
A 2 3 ? parallel      
A 3 4 ? anti-parallel 
A 4 5 ? parallel      
A 5 6 ? anti-parallel 
A 6 7 ? anti-parallel 
A 7 8 ? anti-parallel 
A 8 9 ? anti-parallel 
B 1 2 ? anti-parallel 
# 
loop_
_struct_sheet_range.sheet_id 
_struct_sheet_range.id 
_struct_sheet_range.beg_label_comp_id 
_struct_sheet_range.beg_label_asym_id 
_struct_sheet_range.beg_label_seq_id 
_struct_sheet_range.pdbx_beg_PDB_ins_code 
_struct_sheet_range.end_label_comp_id 
_struct_sheet_range.end_label_asym_id 
_struct_sheet_range.end_label_seq_id 
_struct_sheet_range.pdbx_end_PDB_ins_code 
_struct_sheet_range.beg_auth_comp_id 
_struct_sheet_range.beg_auth_asym_id 
_struct_sheet_range.beg_auth_seq_id 
_struct_sheet_range.end_auth_comp_id 
_struct_sheet_range.end_auth_asym_id 
_struct_sheet_range.end_auth_seq_id 
A 1 GLN A 83  ? ILE A 89  ? GLN A 72  ILE A 78  
A 2 GLN A 94  ? ALA A 100 ? GLN A 83  ALA A 89  
A 3 VAL A 111 ? HIS A 113 ? VAL A 100 HIS A 102 
A 4 THR A 126 ? THR A 131 ? THR A 115 THR A 120 
A 5 ASP A 188 ? THR A 196 ? ASP A 177 THR A 185 
A 6 HIS A 203 ? ILE A 212 ? HIS A 192 ILE A 201 
A 7 GLY A 161 ? ILE A 173 ? GLY A 150 ILE A 162 
A 8 ARG A 153 ? HIS A 158 ? ARG A 142 HIS A 147 
A 9 GLN A 83  ? ILE A 89  ? GLN A 72  ILE A 78  
B 1 ARG A 134 ? LEU A 136 ? ARG A 123 LEU A 125 
B 2 ALA A 139 ? LEU A 141 ? ALA A 128 LEU A 130 
# 
loop_
_pdbx_struct_sheet_hbond.sheet_id 
_pdbx_struct_sheet_hbond.range_id_1 
_pdbx_struct_sheet_hbond.range_id_2 
_pdbx_struct_sheet_hbond.range_1_label_atom_id 
_pdbx_struct_sheet_hbond.range_1_label_comp_id 
_pdbx_struct_sheet_hbond.range_1_label_asym_id 
_pdbx_struct_sheet_hbond.range_1_label_seq_id 
_pdbx_struct_sheet_hbond.range_1_PDB_ins_code 
_pdbx_struct_sheet_hbond.range_1_auth_atom_id 
_pdbx_struct_sheet_hbond.range_1_auth_comp_id 
_pdbx_struct_sheet_hbond.range_1_auth_asym_id 
_pdbx_struct_sheet_hbond.range_1_auth_seq_id 
_pdbx_struct_sheet_hbond.range_2_label_atom_id 
_pdbx_struct_sheet_hbond.range_2_label_comp_id 
_pdbx_struct_sheet_hbond.range_2_label_asym_id 
_pdbx_struct_sheet_hbond.range_2_label_seq_id 
_pdbx_struct_sheet_hbond.range_2_PDB_ins_code 
_pdbx_struct_sheet_hbond.range_2_auth_atom_id 
_pdbx_struct_sheet_hbond.range_2_auth_comp_id 
_pdbx_struct_sheet_hbond.range_2_auth_asym_id 
_pdbx_struct_sheet_hbond.range_2_auth_seq_id 
A 1 2 N GLY A 85  ? N GLY A 74  O ILE A 98  ? O ILE A 87  
A 2 3 N TYR A 99  ? N TYR A 88  O HIS A 113 ? O HIS A 102 
A 3 4 N GLY A 112 ? N GLY A 101 O THR A 131 ? O THR A 120 
A 4 5 N LEU A 130 ? N LEU A 119 O LEU A 193 ? O LEU A 182 
A 5 6 N VAL A 190 ? N VAL A 179 O GLY A 209 ? O GLY A 198 
A 6 7 O ARG A 208 ? O ARG A 197 N GLN A 169 ? N GLN A 158 
A 7 8 O TYR A 165 ? O TYR A 154 N PHE A 154 ? N PHE A 143 
A 8 9 O GLU A 157 ? O GLU A 146 N HIS A 86  ? N HIS A 75  
B 1 2 N LEU A 136 ? N LEU A 125 O ALA A 139 ? O ALA A 128 
# 
_pdbx_validate_rmsd_angle.id                         1 
_pdbx_validate_rmsd_angle.PDB_model_num              1 
_pdbx_validate_rmsd_angle.auth_atom_id_1             NE 
_pdbx_validate_rmsd_angle.auth_asym_id_1             A 
_pdbx_validate_rmsd_angle.auth_comp_id_1             ARG 
_pdbx_validate_rmsd_angle.auth_seq_id_1              197 
_pdbx_validate_rmsd_angle.PDB_ins_code_1             ? 
_pdbx_validate_rmsd_angle.label_alt_id_1             ? 
_pdbx_validate_rmsd_angle.auth_atom_id_2             CZ 
_pdbx_validate_rmsd_angle.auth_asym_id_2             A 
_pdbx_validate_rmsd_angle.auth_comp_id_2             ARG 
_pdbx_validate_rmsd_angle.auth_seq_id_2              197 
_pdbx_validate_rmsd_angle.PDB_ins_code_2             ? 
_pdbx_validate_rmsd_angle.label_alt_id_2             ? 
_pdbx_validate_rmsd_angle.auth_atom_id_3             NH2 
_pdbx_validate_rmsd_angle.auth_asym_id_3             A 
_pdbx_validate_rmsd_angle.auth_comp_id_3             ARG 
_pdbx_validate_rmsd_angle.auth_seq_id_3              197 
_pdbx_validate_rmsd_angle.PDB_ins_code_3             ? 
_pdbx_validate_rmsd_angle.label_alt_id_3             ? 
_pdbx_validate_rmsd_angle.angle_value                117.11 
_pdbx_validate_rmsd_angle.angle_target_value         120.30 
_pdbx_validate_rmsd_angle.angle_deviation            -3.19 
_pdbx_validate_rmsd_angle.angle_standard_deviation   0.50 
_pdbx_validate_rmsd_angle.linker_flag                N 
# 
loop_
_pdbx_validate_torsion.id 
_pdbx_validate_torsion.PDB_model_num 
_pdbx_validate_torsion.auth_comp_id 
_pdbx_validate_torsion.auth_asym_id 
_pdbx_validate_torsion.auth_seq_id 
_pdbx_validate_torsion.PDB_ins_code 
_pdbx_validate_torsion.label_alt_id 
_pdbx_validate_torsion.phi 
_pdbx_validate_torsion.psi 
1 1 ALA A 8   ? ? -68.43  1.44    
2 1 PRO A 126 ? ? -34.85  113.60  
3 1 THR A 127 ? ? 72.80   -26.64  
4 1 LEU A 130 ? ? 58.53   -128.17 
5 1 VAL A 139 ? ? -35.66  132.04  
6 1 HIS A 147 ? ? -106.85 -168.91 
7 1 MET A 188 ? ? 75.27   -53.05  
# 
loop_
_pdbx_unobs_or_zero_occ_residues.id 
_pdbx_unobs_or_zero_occ_residues.PDB_model_num 
_pdbx_unobs_or_zero_occ_residues.polymer_flag 
_pdbx_unobs_or_zero_occ_residues.occupancy_flag 
_pdbx_unobs_or_zero_occ_residues.auth_asym_id 
_pdbx_unobs_or_zero_occ_residues.auth_comp_id 
_pdbx_unobs_or_zero_occ_residues.auth_seq_id 
_pdbx_unobs_or_zero_occ_residues.PDB_ins_code 
_pdbx_unobs_or_zero_occ_residues.label_asym_id 
_pdbx_unobs_or_zero_occ_residues.label_comp_id 
_pdbx_unobs_or_zero_occ_residues.label_seq_id 
1  1 Y 1 A MET -10 ? A MET 1   
2  1 Y 1 A ARG -9  ? A ARG 2   
3  1 Y 1 A GLY -8  ? A GLY 3   
4  1 Y 1 A SER -7  ? A SER 4   
5  1 Y 1 A HIS -6  ? A HIS 5   
6  1 Y 1 A HIS -5  ? A HIS 6   
7  1 Y 1 A HIS -4  ? A HIS 7   
8  1 Y 1 A HIS -3  ? A HIS 8   
9  1 Y 1 A HIS -2  ? A HIS 9   
10 1 Y 1 A HIS -1  ? A HIS 10  
11 1 Y 1 A GLY 0   ? A GLY 11  
12 1 Y 1 A SER 1   ? A SER 12  
13 1 Y 1 A SER 2   ? A SER 13  
14 1 Y 1 A HIS 3   ? A HIS 14  
15 1 Y 1 A ALA 4   ? A ALA 15  
16 1 Y 1 A ALA 38  ? A ALA 49  
17 1 Y 1 A LYS 39  ? A LYS 50  
18 1 Y 1 A THR 40  ? A THR 51  
19 1 Y 1 A ASN 41  ? A ASN 52  
20 1 Y 1 A GLY 42  ? A GLY 53  
21 1 Y 1 A GLU 43  ? A GLU 54  
22 1 Y 1 A TYR 44  ? A TYR 55  
23 1 Y 1 A PRO 45  ? A PRO 56  
24 1 Y 1 A ALA 46  ? A ALA 57  
25 1 Y 1 A LEU 47  ? A LEU 58  
26 1 Y 1 A LYS 48  ? A LYS 59  
27 1 Y 1 A ASP 49  ? A ASP 60  
28 1 Y 1 A GLU 205 ? A GLU 216 
29 1 Y 1 A LYS 206 ? A LYS 217 
30 1 Y 1 A THR 207 ? A THR 218 
31 1 Y 1 A VAL 208 ? A VAL 219 
32 1 Y 1 A GLN 209 ? A GLN 220 
33 1 Y 1 A LYS 210 ? A LYS 221 
34 1 Y 1 A ASP 211 ? A ASP 222 
35 1 Y 1 A SER 212 ? A SER 223 
36 1 Y 1 A LYS 213 ? A LYS 224 
37 1 Y 1 A THR 214 ? A THR 225 
38 1 Y 1 A PHE 215 ? A PHE 226 
39 1 Y 1 A ARG 216 ? A ARG 227 
40 1 Y 1 A GLN 217 ? A GLN 228 
41 1 Y 1 A GLN 218 ? A GLN 229 
42 1 Y 1 A GLN 219 ? A GLN 230 
# 
loop_
_chem_comp_atom.comp_id 
_chem_comp_atom.atom_id 
_chem_comp_atom.type_symbol 
_chem_comp_atom.pdbx_aromatic_flag 
_chem_comp_atom.pdbx_stereo_config 
_chem_comp_atom.pdbx_ordinal 
ALA N    N N N 1   
ALA CA   C N S 2   
ALA C    C N N 3   
ALA O    O N N 4   
ALA CB   C N N 5   
ALA OXT  O N N 6   
ALA H    H N N 7   
ALA H2   H N N 8   
ALA HA   H N N 9   
ALA HB1  H N N 10  
ALA HB2  H N N 11  
ALA HB3  H N N 12  
ALA HXT  H N N 13  
ARG N    N N N 14  
ARG CA   C N S 15  
ARG C    C N N 16  
ARG O    O N N 17  
ARG CB   C N N 18  
ARG CG   C N N 19  
ARG CD   C N N 20  
ARG NE   N N N 21  
ARG CZ   C N N 22  
ARG NH1  N N N 23  
ARG NH2  N N N 24  
ARG OXT  O N N 25  
ARG H    H N N 26  
ARG H2   H N N 27  
ARG HA   H N N 28  
ARG HB2  H N N 29  
ARG HB3  H N N 30  
ARG HG2  H N N 31  
ARG HG3  H N N 32  
ARG HD2  H N N 33  
ARG HD3  H N N 34  
ARG HE   H N N 35  
ARG HH11 H N N 36  
ARG HH12 H N N 37  
ARG HH21 H N N 38  
ARG HH22 H N N 39  
ARG HXT  H N N 40  
ASN N    N N N 41  
ASN CA   C N S 42  
ASN C    C N N 43  
ASN O    O N N 44  
ASN CB   C N N 45  
ASN CG   C N N 46  
ASN OD1  O N N 47  
ASN ND2  N N N 48  
ASN OXT  O N N 49  
ASN H    H N N 50  
ASN H2   H N N 51  
ASN HA   H N N 52  
ASN HB2  H N N 53  
ASN HB3  H N N 54  
ASN HD21 H N N 55  
ASN HD22 H N N 56  
ASN HXT  H N N 57  
ASP N    N N N 58  
ASP CA   C N S 59  
ASP C    C N N 60  
ASP O    O N N 61  
ASP CB   C N N 62  
ASP CG   C N N 63  
ASP OD1  O N N 64  
ASP OD2  O N N 65  
ASP OXT  O N N 66  
ASP H    H N N 67  
ASP H2   H N N 68  
ASP HA   H N N 69  
ASP HB2  H N N 70  
ASP HB3  H N N 71  
ASP HD2  H N N 72  
ASP HXT  H N N 73  
CYS N    N N N 74  
CYS CA   C N R 75  
CYS C    C N N 76  
CYS O    O N N 77  
CYS CB   C N N 78  
CYS SG   S N N 79  
CYS OXT  O N N 80  
CYS H    H N N 81  
CYS H2   H N N 82  
CYS HA   H N N 83  
CYS HB2  H N N 84  
CYS HB3  H N N 85  
CYS HG   H N N 86  
CYS HXT  H N N 87  
GLN N    N N N 88  
GLN CA   C N S 89  
GLN C    C N N 90  
GLN O    O N N 91  
GLN CB   C N N 92  
GLN CG   C N N 93  
GLN CD   C N N 94  
GLN OE1  O N N 95  
GLN NE2  N N N 96  
GLN OXT  O N N 97  
GLN H    H N N 98  
GLN H2   H N N 99  
GLN HA   H N N 100 
GLN HB2  H N N 101 
GLN HB3  H N N 102 
GLN HG2  H N N 103 
GLN HG3  H N N 104 
GLN HE21 H N N 105 
GLN HE22 H N N 106 
GLN HXT  H N N 107 
GLU N    N N N 108 
GLU CA   C N S 109 
GLU C    C N N 110 
GLU O    O N N 111 
GLU CB   C N N 112 
GLU CG   C N N 113 
GLU CD   C N N 114 
GLU OE1  O N N 115 
GLU OE2  O N N 116 
GLU OXT  O N N 117 
GLU H    H N N 118 
GLU H2   H N N 119 
GLU HA   H N N 120 
GLU HB2  H N N 121 
GLU HB3  H N N 122 
GLU HG2  H N N 123 
GLU HG3  H N N 124 
GLU HE2  H N N 125 
GLU HXT  H N N 126 
GLY N    N N N 127 
GLY CA   C N N 128 
GLY C    C N N 129 
GLY O    O N N 130 
GLY OXT  O N N 131 
GLY H    H N N 132 
GLY H2   H N N 133 
GLY HA2  H N N 134 
GLY HA3  H N N 135 
GLY HXT  H N N 136 
HIS N    N N N 137 
HIS CA   C N S 138 
HIS C    C N N 139 
HIS O    O N N 140 
HIS CB   C N N 141 
HIS CG   C Y N 142 
HIS ND1  N Y N 143 
HIS CD2  C Y N 144 
HIS CE1  C Y N 145 
HIS NE2  N Y N 146 
HIS OXT  O N N 147 
HIS H    H N N 148 
HIS H2   H N N 149 
HIS HA   H N N 150 
HIS HB2  H N N 151 
HIS HB3  H N N 152 
HIS HD1  H N N 153 
HIS HD2  H N N 154 
HIS HE1  H N N 155 
HIS HE2  H N N 156 
HIS HXT  H N N 157 
HOH O    O N N 158 
HOH H1   H N N 159 
HOH H2   H N N 160 
ILE N    N N N 161 
ILE CA   C N S 162 
ILE C    C N N 163 
ILE O    O N N 164 
ILE CB   C N S 165 
ILE CG1  C N N 166 
ILE CG2  C N N 167 
ILE CD1  C N N 168 
ILE OXT  O N N 169 
ILE H    H N N 170 
ILE H2   H N N 171 
ILE HA   H N N 172 
ILE HB   H N N 173 
ILE HG12 H N N 174 
ILE HG13 H N N 175 
ILE HG21 H N N 176 
ILE HG22 H N N 177 
ILE HG23 H N N 178 
ILE HD11 H N N 179 
ILE HD12 H N N 180 
ILE HD13 H N N 181 
ILE HXT  H N N 182 
LEU N    N N N 183 
LEU CA   C N S 184 
LEU C    C N N 185 
LEU O    O N N 186 
LEU CB   C N N 187 
LEU CG   C N N 188 
LEU CD1  C N N 189 
LEU CD2  C N N 190 
LEU OXT  O N N 191 
LEU H    H N N 192 
LEU H2   H N N 193 
LEU HA   H N N 194 
LEU HB2  H N N 195 
LEU HB3  H N N 196 
LEU HG   H N N 197 
LEU HD11 H N N 198 
LEU HD12 H N N 199 
LEU HD13 H N N 200 
LEU HD21 H N N 201 
LEU HD22 H N N 202 
LEU HD23 H N N 203 
LEU HXT  H N N 204 
LYS N    N N N 205 
LYS CA   C N S 206 
LYS C    C N N 207 
LYS O    O N N 208 
LYS CB   C N N 209 
LYS CG   C N N 210 
LYS CD   C N N 211 
LYS CE   C N N 212 
LYS NZ   N N N 213 
LYS OXT  O N N 214 
LYS H    H N N 215 
LYS H2   H N N 216 
LYS HA   H N N 217 
LYS HB2  H N N 218 
LYS HB3  H N N 219 
LYS HG2  H N N 220 
LYS HG3  H N N 221 
LYS HD2  H N N 222 
LYS HD3  H N N 223 
LYS HE2  H N N 224 
LYS HE3  H N N 225 
LYS HZ1  H N N 226 
LYS HZ2  H N N 227 
LYS HZ3  H N N 228 
LYS HXT  H N N 229 
MET N    N N N 230 
MET CA   C N S 231 
MET C    C N N 232 
MET O    O N N 233 
MET CB   C N N 234 
MET CG   C N N 235 
MET SD   S N N 236 
MET CE   C N N 237 
MET OXT  O N N 238 
MET H    H N N 239 
MET H2   H N N 240 
MET HA   H N N 241 
MET HB2  H N N 242 
MET HB3  H N N 243 
MET HG2  H N N 244 
MET HG3  H N N 245 
MET HE1  H N N 246 
MET HE2  H N N 247 
MET HE3  H N N 248 
MET HXT  H N N 249 
PHE N    N N N 250 
PHE CA   C N S 251 
PHE C    C N N 252 
PHE O    O N N 253 
PHE CB   C N N 254 
PHE CG   C Y N 255 
PHE CD1  C Y N 256 
PHE CD2  C Y N 257 
PHE CE1  C Y N 258 
PHE CE2  C Y N 259 
PHE CZ   C Y N 260 
PHE OXT  O N N 261 
PHE H    H N N 262 
PHE H2   H N N 263 
PHE HA   H N N 264 
PHE HB2  H N N 265 
PHE HB3  H N N 266 
PHE HD1  H N N 267 
PHE HD2  H N N 268 
PHE HE1  H N N 269 
PHE HE2  H N N 270 
PHE HZ   H N N 271 
PHE HXT  H N N 272 
PRO N    N N N 273 
PRO CA   C N S 274 
PRO C    C N N 275 
PRO O    O N N 276 
PRO CB   C N N 277 
PRO CG   C N N 278 
PRO CD   C N N 279 
PRO OXT  O N N 280 
PRO H    H N N 281 
PRO HA   H N N 282 
PRO HB2  H N N 283 
PRO HB3  H N N 284 
PRO HG2  H N N 285 
PRO HG3  H N N 286 
PRO HD2  H N N 287 
PRO HD3  H N N 288 
PRO HXT  H N N 289 
SER N    N N N 290 
SER CA   C N S 291 
SER C    C N N 292 
SER O    O N N 293 
SER CB   C N N 294 
SER OG   O N N 295 
SER OXT  O N N 296 
SER H    H N N 297 
SER H2   H N N 298 
SER HA   H N N 299 
SER HB2  H N N 300 
SER HB3  H N N 301 
SER HG   H N N 302 
SER HXT  H N N 303 
THR N    N N N 304 
THR CA   C N S 305 
THR C    C N N 306 
THR O    O N N 307 
THR CB   C N R 308 
THR OG1  O N N 309 
THR CG2  C N N 310 
THR OXT  O N N 311 
THR H    H N N 312 
THR H2   H N N 313 
THR HA   H N N 314 
THR HB   H N N 315 
THR HG1  H N N 316 
THR HG21 H N N 317 
THR HG22 H N N 318 
THR HG23 H N N 319 
THR HXT  H N N 320 
TYR N    N N N 321 
TYR CA   C N S 322 
TYR C    C N N 323 
TYR O    O N N 324 
TYR CB   C N N 325 
TYR CG   C Y N 326 
TYR CD1  C Y N 327 
TYR CD2  C Y N 328 
TYR CE1  C Y N 329 
TYR CE2  C Y N 330 
TYR CZ   C Y N 331 
TYR OH   O N N 332 
TYR OXT  O N N 333 
TYR H    H N N 334 
TYR H2   H N N 335 
TYR HA   H N N 336 
TYR HB2  H N N 337 
TYR HB3  H N N 338 
TYR HD1  H N N 339 
TYR HD2  H N N 340 
TYR HE1  H N N 341 
TYR HE2  H N N 342 
TYR HH   H N N 343 
TYR HXT  H N N 344 
VAL N    N N N 345 
VAL CA   C N S 346 
VAL C    C N N 347 
VAL O    O N N 348 
VAL CB   C N N 349 
VAL CG1  C N N 350 
VAL CG2  C N N 351 
VAL OXT  O N N 352 
VAL H    H N N 353 
VAL H2   H N N 354 
VAL HA   H N N 355 
VAL HB   H N N 356 
VAL HG11 H N N 357 
VAL HG12 H N N 358 
VAL HG13 H N N 359 
VAL HG21 H N N 360 
VAL HG22 H N N 361 
VAL HG23 H N N 362 
VAL HXT  H N N 363 
# 
loop_
_chem_comp_bond.comp_id 
_chem_comp_bond.atom_id_1 
_chem_comp_bond.atom_id_2 
_chem_comp_bond.value_order 
_chem_comp_bond.pdbx_aromatic_flag 
_chem_comp_bond.pdbx_stereo_config 
_chem_comp_bond.pdbx_ordinal 
ALA N   CA   sing N N 1   
ALA N   H    sing N N 2   
ALA N   H2   sing N N 3   
ALA CA  C    sing N N 4   
ALA CA  CB   sing N N 5   
ALA CA  HA   sing N N 6   
ALA C   O    doub N N 7   
ALA C   OXT  sing N N 8   
ALA CB  HB1  sing N N 9   
ALA CB  HB2  sing N N 10  
ALA CB  HB3  sing N N 11  
ALA OXT HXT  sing N N 12  
ARG N   CA   sing N N 13  
ARG N   H    sing N N 14  
ARG N   H2   sing N N 15  
ARG CA  C    sing N N 16  
ARG CA  CB   sing N N 17  
ARG CA  HA   sing N N 18  
ARG C   O    doub N N 19  
ARG C   OXT  sing N N 20  
ARG CB  CG   sing N N 21  
ARG CB  HB2  sing N N 22  
ARG CB  HB3  sing N N 23  
ARG CG  CD   sing N N 24  
ARG CG  HG2  sing N N 25  
ARG CG  HG3  sing N N 26  
ARG CD  NE   sing N N 27  
ARG CD  HD2  sing N N 28  
ARG CD  HD3  sing N N 29  
ARG NE  CZ   sing N N 30  
ARG NE  HE   sing N N 31  
ARG CZ  NH1  sing N N 32  
ARG CZ  NH2  doub N N 33  
ARG NH1 HH11 sing N N 34  
ARG NH1 HH12 sing N N 35  
ARG NH2 HH21 sing N N 36  
ARG NH2 HH22 sing N N 37  
ARG OXT HXT  sing N N 38  
ASN N   CA   sing N N 39  
ASN N   H    sing N N 40  
ASN N   H2   sing N N 41  
ASN CA  C    sing N N 42  
ASN CA  CB   sing N N 43  
ASN CA  HA   sing N N 44  
ASN C   O    doub N N 45  
ASN C   OXT  sing N N 46  
ASN CB  CG   sing N N 47  
ASN CB  HB2  sing N N 48  
ASN CB  HB3  sing N N 49  
ASN CG  OD1  doub N N 50  
ASN CG  ND2  sing N N 51  
ASN ND2 HD21 sing N N 52  
ASN ND2 HD22 sing N N 53  
ASN OXT HXT  sing N N 54  
ASP N   CA   sing N N 55  
ASP N   H    sing N N 56  
ASP N   H2   sing N N 57  
ASP CA  C    sing N N 58  
ASP CA  CB   sing N N 59  
ASP CA  HA   sing N N 60  
ASP C   O    doub N N 61  
ASP C   OXT  sing N N 62  
ASP CB  CG   sing N N 63  
ASP CB  HB2  sing N N 64  
ASP CB  HB3  sing N N 65  
ASP CG  OD1  doub N N 66  
ASP CG  OD2  sing N N 67  
ASP OD2 HD2  sing N N 68  
ASP OXT HXT  sing N N 69  
CYS N   CA   sing N N 70  
CYS N   H    sing N N 71  
CYS N   H2   sing N N 72  
CYS CA  C    sing N N 73  
CYS CA  CB   sing N N 74  
CYS CA  HA   sing N N 75  
CYS C   O    doub N N 76  
CYS C   OXT  sing N N 77  
CYS CB  SG   sing N N 78  
CYS CB  HB2  sing N N 79  
CYS CB  HB3  sing N N 80  
CYS SG  HG   sing N N 81  
CYS OXT HXT  sing N N 82  
GLN N   CA   sing N N 83  
GLN N   H    sing N N 84  
GLN N   H2   sing N N 85  
GLN CA  C    sing N N 86  
GLN CA  CB   sing N N 87  
GLN CA  HA   sing N N 88  
GLN C   O    doub N N 89  
GLN C   OXT  sing N N 90  
GLN CB  CG   sing N N 91  
GLN CB  HB2  sing N N 92  
GLN CB  HB3  sing N N 93  
GLN CG  CD   sing N N 94  
GLN CG  HG2  sing N N 95  
GLN CG  HG3  sing N N 96  
GLN CD  OE1  doub N N 97  
GLN CD  NE2  sing N N 98  
GLN NE2 HE21 sing N N 99  
GLN NE2 HE22 sing N N 100 
GLN OXT HXT  sing N N 101 
GLU N   CA   sing N N 102 
GLU N   H    sing N N 103 
GLU N   H2   sing N N 104 
GLU CA  C    sing N N 105 
GLU CA  CB   sing N N 106 
GLU CA  HA   sing N N 107 
GLU C   O    doub N N 108 
GLU C   OXT  sing N N 109 
GLU CB  CG   sing N N 110 
GLU CB  HB2  sing N N 111 
GLU CB  HB3  sing N N 112 
GLU CG  CD   sing N N 113 
GLU CG  HG2  sing N N 114 
GLU CG  HG3  sing N N 115 
GLU CD  OE1  doub N N 116 
GLU CD  OE2  sing N N 117 
GLU OE2 HE2  sing N N 118 
GLU OXT HXT  sing N N 119 
GLY N   CA   sing N N 120 
GLY N   H    sing N N 121 
GLY N   H2   sing N N 122 
GLY CA  C    sing N N 123 
GLY CA  HA2  sing N N 124 
GLY CA  HA3  sing N N 125 
GLY C   O    doub N N 126 
GLY C   OXT  sing N N 127 
GLY OXT HXT  sing N N 128 
HIS N   CA   sing N N 129 
HIS N   H    sing N N 130 
HIS N   H2   sing N N 131 
HIS CA  C    sing N N 132 
HIS CA  CB   sing N N 133 
HIS CA  HA   sing N N 134 
HIS C   O    doub N N 135 
HIS C   OXT  sing N N 136 
HIS CB  CG   sing N N 137 
HIS CB  HB2  sing N N 138 
HIS CB  HB3  sing N N 139 
HIS CG  ND1  sing Y N 140 
HIS CG  CD2  doub Y N 141 
HIS ND1 CE1  doub Y N 142 
HIS ND1 HD1  sing N N 143 
HIS CD2 NE2  sing Y N 144 
HIS CD2 HD2  sing N N 145 
HIS CE1 NE2  sing Y N 146 
HIS CE1 HE1  sing N N 147 
HIS NE2 HE2  sing N N 148 
HIS OXT HXT  sing N N 149 
HOH O   H1   sing N N 150 
HOH O   H2   sing N N 151 
ILE N   CA   sing N N 152 
ILE N   H    sing N N 153 
ILE N   H2   sing N N 154 
ILE CA  C    sing N N 155 
ILE CA  CB   sing N N 156 
ILE CA  HA   sing N N 157 
ILE C   O    doub N N 158 
ILE C   OXT  sing N N 159 
ILE CB  CG1  sing N N 160 
ILE CB  CG2  sing N N 161 
ILE CB  HB   sing N N 162 
ILE CG1 CD1  sing N N 163 
ILE CG1 HG12 sing N N 164 
ILE CG1 HG13 sing N N 165 
ILE CG2 HG21 sing N N 166 
ILE CG2 HG22 sing N N 167 
ILE CG2 HG23 sing N N 168 
ILE CD1 HD11 sing N N 169 
ILE CD1 HD12 sing N N 170 
ILE CD1 HD13 sing N N 171 
ILE OXT HXT  sing N N 172 
LEU N   CA   sing N N 173 
LEU N   H    sing N N 174 
LEU N   H2   sing N N 175 
LEU CA  C    sing N N 176 
LEU CA  CB   sing N N 177 
LEU CA  HA   sing N N 178 
LEU C   O    doub N N 179 
LEU C   OXT  sing N N 180 
LEU CB  CG   sing N N 181 
LEU CB  HB2  sing N N 182 
LEU CB  HB3  sing N N 183 
LEU CG  CD1  sing N N 184 
LEU CG  CD2  sing N N 185 
LEU CG  HG   sing N N 186 
LEU CD1 HD11 sing N N 187 
LEU CD1 HD12 sing N N 188 
LEU CD1 HD13 sing N N 189 
LEU CD2 HD21 sing N N 190 
LEU CD2 HD22 sing N N 191 
LEU CD2 HD23 sing N N 192 
LEU OXT HXT  sing N N 193 
LYS N   CA   sing N N 194 
LYS N   H    sing N N 195 
LYS N   H2   sing N N 196 
LYS CA  C    sing N N 197 
LYS CA  CB   sing N N 198 
LYS CA  HA   sing N N 199 
LYS C   O    doub N N 200 
LYS C   OXT  sing N N 201 
LYS CB  CG   sing N N 202 
LYS CB  HB2  sing N N 203 
LYS CB  HB3  sing N N 204 
LYS CG  CD   sing N N 205 
LYS CG  HG2  sing N N 206 
LYS CG  HG3  sing N N 207 
LYS CD  CE   sing N N 208 
LYS CD  HD2  sing N N 209 
LYS CD  HD3  sing N N 210 
LYS CE  NZ   sing N N 211 
LYS CE  HE2  sing N N 212 
LYS CE  HE3  sing N N 213 
LYS NZ  HZ1  sing N N 214 
LYS NZ  HZ2  sing N N 215 
LYS NZ  HZ3  sing N N 216 
LYS OXT HXT  sing N N 217 
MET N   CA   sing N N 218 
MET N   H    sing N N 219 
MET N   H2   sing N N 220 
MET CA  C    sing N N 221 
MET CA  CB   sing N N 222 
MET CA  HA   sing N N 223 
MET C   O    doub N N 224 
MET C   OXT  sing N N 225 
MET CB  CG   sing N N 226 
MET CB  HB2  sing N N 227 
MET CB  HB3  sing N N 228 
MET CG  SD   sing N N 229 
MET CG  HG2  sing N N 230 
MET CG  HG3  sing N N 231 
MET SD  CE   sing N N 232 
MET CE  HE1  sing N N 233 
MET CE  HE2  sing N N 234 
MET CE  HE3  sing N N 235 
MET OXT HXT  sing N N 236 
PHE N   CA   sing N N 237 
PHE N   H    sing N N 238 
PHE N   H2   sing N N 239 
PHE CA  C    sing N N 240 
PHE CA  CB   sing N N 241 
PHE CA  HA   sing N N 242 
PHE C   O    doub N N 243 
PHE C   OXT  sing N N 244 
PHE CB  CG   sing N N 245 
PHE CB  HB2  sing N N 246 
PHE CB  HB3  sing N N 247 
PHE CG  CD1  doub Y N 248 
PHE CG  CD2  sing Y N 249 
PHE CD1 CE1  sing Y N 250 
PHE CD1 HD1  sing N N 251 
PHE CD2 CE2  doub Y N 252 
PHE CD2 HD2  sing N N 253 
PHE CE1 CZ   doub Y N 254 
PHE CE1 HE1  sing N N 255 
PHE CE2 CZ   sing Y N 256 
PHE CE2 HE2  sing N N 257 
PHE CZ  HZ   sing N N 258 
PHE OXT HXT  sing N N 259 
PRO N   CA   sing N N 260 
PRO N   CD   sing N N 261 
PRO N   H    sing N N 262 
PRO CA  C    sing N N 263 
PRO CA  CB   sing N N 264 
PRO CA  HA   sing N N 265 
PRO C   O    doub N N 266 
PRO C   OXT  sing N N 267 
PRO CB  CG   sing N N 268 
PRO CB  HB2  sing N N 269 
PRO CB  HB3  sing N N 270 
PRO CG  CD   sing N N 271 
PRO CG  HG2  sing N N 272 
PRO CG  HG3  sing N N 273 
PRO CD  HD2  sing N N 274 
PRO CD  HD3  sing N N 275 
PRO OXT HXT  sing N N 276 
SER N   CA   sing N N 277 
SER N   H    sing N N 278 
SER N   H2   sing N N 279 
SER CA  C    sing N N 280 
SER CA  CB   sing N N 281 
SER CA  HA   sing N N 282 
SER C   O    doub N N 283 
SER C   OXT  sing N N 284 
SER CB  OG   sing N N 285 
SER CB  HB2  sing N N 286 
SER CB  HB3  sing N N 287 
SER OG  HG   sing N N 288 
SER OXT HXT  sing N N 289 
THR N   CA   sing N N 290 
THR N   H    sing N N 291 
THR N   H2   sing N N 292 
THR CA  C    sing N N 293 
THR CA  CB   sing N N 294 
THR CA  HA   sing N N 295 
THR C   O    doub N N 296 
THR C   OXT  sing N N 297 
THR CB  OG1  sing N N 298 
THR CB  CG2  sing N N 299 
THR CB  HB   sing N N 300 
THR OG1 HG1  sing N N 301 
THR CG2 HG21 sing N N 302 
THR CG2 HG22 sing N N 303 
THR CG2 HG23 sing N N 304 
THR OXT HXT  sing N N 305 
TYR N   CA   sing N N 306 
TYR N   H    sing N N 307 
TYR N   H2   sing N N 308 
TYR CA  C    sing N N 309 
TYR CA  CB   sing N N 310 
TYR CA  HA   sing N N 311 
TYR C   O    doub N N 312 
TYR C   OXT  sing N N 313 
TYR CB  CG   sing N N 314 
TYR CB  HB2  sing N N 315 
TYR CB  HB3  sing N N 316 
TYR CG  CD1  doub Y N 317 
TYR CG  CD2  sing Y N 318 
TYR CD1 CE1  sing Y N 319 
TYR CD1 HD1  sing N N 320 
TYR CD2 CE2  doub Y N 321 
TYR CD2 HD2  sing N N 322 
TYR CE1 CZ   doub Y N 323 
TYR CE1 HE1  sing N N 324 
TYR CE2 CZ   sing Y N 325 
TYR CE2 HE2  sing N N 326 
TYR CZ  OH   sing N N 327 
TYR OH  HH   sing N N 328 
TYR OXT HXT  sing N N 329 
VAL N   CA   sing N N 330 
VAL N   H    sing N N 331 
VAL N   H2   sing N N 332 
VAL CA  C    sing N N 333 
VAL CA  CB   sing N N 334 
VAL CA  HA   sing N N 335 
VAL C   O    doub N N 336 
VAL C   OXT  sing N N 337 
VAL CB  CG1  sing N N 338 
VAL CB  CG2  sing N N 339 
VAL CB  HB   sing N N 340 
VAL CG1 HG11 sing N N 341 
VAL CG1 HG12 sing N N 342 
VAL CG1 HG13 sing N N 343 
VAL CG2 HG21 sing N N 344 
VAL CG2 HG22 sing N N 345 
VAL CG2 HG23 sing N N 346 
VAL OXT HXT  sing N N 347 
# 
_atom_sites.entry_id                    3TB7 
_atom_sites.fract_transf_matrix[1][1]   -0.00993682 
_atom_sites.fract_transf_matrix[1][2]   -0.00894627 
_atom_sites.fract_transf_matrix[1][3]   -0.00427793 
_atom_sites.fract_transf_matrix[2][1]   -0.01439534 
_atom_sites.fract_transf_matrix[2][2]   0.01032892 
_atom_sites.fract_transf_matrix[2][3]   0.01183716 
_atom_sites.fract_transf_matrix[3][1]   -0.00805507 
_atom_sites.fract_transf_matrix[3][2]   0.00453704 
_atom_sites.fract_transf_matrix[3][3]   -0.01375483 
_atom_sites.fract_transf_vector[1]      0.386599 
_atom_sites.fract_transf_vector[2]      -0.292121 
_atom_sites.fract_transf_vector[3]      0.175532 
# 
loop_
_atom_type.symbol 
C 
N 
O 
S 
# 
loop_
_atom_site.group_PDB 
_atom_site.id 
_atom_site.type_symbol 
_atom_site.label_atom_id 
_atom_site.label_alt_id 
_atom_site.label_comp_id 
_atom_site.label_asym_id 
_atom_site.label_entity_id 
_atom_site.label_seq_id 
_atom_site.pdbx_PDB_ins_code 
_atom_site.Cartn_x 
_atom_site.Cartn_y 
_atom_site.Cartn_z 
_atom_site.occupancy 
_atom_site.B_iso_or_equiv 
_atom_site.pdbx_formal_charge 
_atom_site.auth_seq_id 
_atom_site.auth_comp_id 
_atom_site.auth_asym_id 
_atom_site.auth_atom_id 
_atom_site.pdbx_PDB_model_num 
ATOM   1    N N   . ASN A 1 16  ? -7.576  16.295  1.745   1.00 66.65 ? 5   ASN A N   1 
ATOM   2    C CA  . ASN A 1 16  ? -6.319  15.551  1.407   1.00 66.97 ? 5   ASN A CA  1 
ATOM   3    C C   . ASN A 1 16  ? -6.627  14.212  0.744   1.00 66.88 ? 5   ASN A C   1 
ATOM   4    O O   . ASN A 1 16  ? -6.022  13.864  -0.283  1.00 67.18 ? 5   ASN A O   1 
ATOM   5    C CB  . ASN A 1 16  ? -5.436  15.342  2.648   1.00 67.43 ? 5   ASN A CB  1 
ATOM   6    C CG  . ASN A 1 16  ? -3.970  15.051  2.294   1.00 67.65 ? 5   ASN A CG  1 
ATOM   7    O OD1 . ASN A 1 16  ? -3.654  14.106  1.550   1.00 66.53 ? 5   ASN A OD1 1 
ATOM   8    N ND2 . ASN A 1 16  ? -3.065  15.870  2.842   1.00 66.80 ? 5   ASN A ND2 1 
ATOM   9    N N   . ILE A 1 17  ? -7.560  13.463  1.337   1.00 66.38 ? 6   ILE A N   1 
ATOM   10   C CA  . ILE A 1 17  ? -8.160  12.307  0.666   1.00 65.90 ? 6   ILE A CA  1 
ATOM   11   C C   . ILE A 1 17  ? -8.973  12.832  -0.509  1.00 65.47 ? 6   ILE A C   1 
ATOM   12   O O   . ILE A 1 17  ? -9.295  12.087  -1.438  1.00 65.51 ? 6   ILE A O   1 
ATOM   13   C CB  . ILE A 1 17  ? -9.048  11.504  1.626   1.00 65.94 ? 6   ILE A CB  1 
ATOM   14   N N   . ASN A 1 18  ? -9.309  14.124  -0.434  1.00 65.01 ? 7   ASN A N   1 
ATOM   15   C CA  . ASN A 1 18  ? -9.926  14.868  -1.529  1.00 64.26 ? 7   ASN A CA  1 
ATOM   16   C C   . ASN A 1 18  ? -8.888  15.476  -2.442  1.00 63.44 ? 7   ASN A C   1 
ATOM   17   O O   . ASN A 1 18  ? -9.025  15.395  -3.652  1.00 63.40 ? 7   ASN A O   1 
ATOM   18   C CB  . ASN A 1 18  ? -10.841 15.975  -0.996  1.00 64.69 ? 7   ASN A CB  1 
ATOM   19   C CG  . ASN A 1 18  ? -12.258 15.490  -0.739  1.00 65.41 ? 7   ASN A CG  1 
ATOM   20   O OD1 . ASN A 1 18  ? -12.771 15.608  0.383   1.00 64.70 ? 7   ASN A OD1 1 
ATOM   21   N ND2 . ASN A 1 18  ? -12.900 14.934  -1.779  1.00 65.17 ? 7   ASN A ND2 1 
ATOM   22   N N   . ALA A 1 19  ? -7.853  16.079  -1.855  1.00 62.63 ? 8   ALA A N   1 
ATOM   23   C CA  . ALA A 1 19  ? -6.758  16.704  -2.606  1.00 61.92 ? 8   ALA A CA  1 
ATOM   24   C C   . ALA A 1 19  ? -5.884  15.687  -3.345  1.00 61.34 ? 8   ALA A C   1 
ATOM   25   O O   . ALA A 1 19  ? -4.880  16.046  -3.977  1.00 62.08 ? 8   ALA A O   1 
ATOM   26   C CB  . ALA A 1 19  ? -5.895  17.594  -1.675  1.00 62.26 ? 8   ALA A CB  1 
ATOM   27   N N   . PHE A 1 20  ? -6.252  14.412  -3.228  1.00 60.17 ? 9   PHE A N   1 
ATOM   28   C CA  . PHE A 1 20  ? -5.699  13.345  -4.045  1.00 57.95 ? 9   PHE A CA  1 
ATOM   29   C C   . PHE A 1 20  ? -6.760  12.883  -5.015  1.00 58.29 ? 9   PHE A C   1 
ATOM   30   O O   . PHE A 1 20  ? -6.442  12.560  -6.150  1.00 58.26 ? 9   PHE A O   1 
ATOM   31   C CB  . PHE A 1 20  ? -5.259  12.150  -3.198  1.00 56.94 ? 9   PHE A CB  1 
ATOM   32   C CG  . PHE A 1 20  ? -4.877  10.938  -4.020  1.00 52.19 ? 9   PHE A CG  1 
ATOM   33   C CD1 . PHE A 1 20  ? -3.623  10.864  -4.632  1.00 47.23 ? 9   PHE A CD1 1 
ATOM   34   C CD2 . PHE A 1 20  ? -5.782  9.899   -4.220  1.00 46.26 ? 9   PHE A CD2 1 
ATOM   35   C CE1 . PHE A 1 20  ? -3.267  9.780   -5.391  1.00 43.28 ? 9   PHE A CE1 1 
ATOM   36   C CE2 . PHE A 1 20  ? -5.431  8.817   -4.987  1.00 42.88 ? 9   PHE A CE2 1 
ATOM   37   C CZ  . PHE A 1 20  ? -4.158  8.758   -5.566  1.00 43.00 ? 9   PHE A CZ  1 
ATOM   38   N N   . LYS A 1 21  ? -8.012  12.814  -4.554  1.00 58.62 ? 10  LYS A N   1 
ATOM   39   C CA  . LYS A 1 21  ? -9.137  12.465  -5.418  1.00 59.13 ? 10  LYS A CA  1 
ATOM   40   C C   . LYS A 1 21  ? -9.261  13.521  -6.513  1.00 59.61 ? 10  LYS A C   1 
ATOM   41   O O   . LYS A 1 21  ? -9.401  13.183  -7.695  1.00 59.96 ? 10  LYS A O   1 
ATOM   42   C CB  . LYS A 1 21  ? -10.437 12.333  -4.608  1.00 59.22 ? 10  LYS A CB  1 
ATOM   43   N N   . GLU A 1 22  ? -9.153  14.790  -6.110  1.00 59.70 ? 11  GLU A N   1 
ATOM   44   C CA  . GLU A 1 22  ? -9.195  15.923  -7.022  1.00 59.99 ? 11  GLU A CA  1 
ATOM   45   C C   . GLU A 1 22  ? -7.980  15.905  -7.938  1.00 60.14 ? 11  GLU A C   1 
ATOM   46   O O   . GLU A 1 22  ? -8.105  16.175  -9.138  1.00 59.96 ? 11  GLU A O   1 
ATOM   47   C CB  . GLU A 1 22  ? -9.286  17.261  -6.249  1.00 60.07 ? 11  GLU A CB  1 
ATOM   48   N N   . ALA A 1 23  ? -6.811  15.580  -7.385  1.00 60.09 ? 12  ALA A N   1 
ATOM   49   C CA  . ALA A 1 23  ? -5.594  15.527  -8.185  1.00 60.36 ? 12  ALA A CA  1 
ATOM   50   C C   . ALA A 1 23  ? -5.572  14.358  -9.193  1.00 60.78 ? 12  ALA A C   1 
ATOM   51   O O   . ALA A 1 23  ? -4.792  14.381  -10.151 1.00 61.24 ? 12  ALA A O   1 
ATOM   52   C CB  . ALA A 1 23  ? -4.364  15.512  -7.291  1.00 60.27 ? 12  ALA A CB  1 
ATOM   53   N N   . VAL A 1 24  ? -6.436  13.358  -8.986  1.00 61.03 ? 13  VAL A N   1 
ATOM   54   C CA  . VAL A 1 24  ? -6.495  12.130  -9.828  1.00 61.26 ? 13  VAL A CA  1 
ATOM   55   C C   . VAL A 1 24  ? -7.423  12.304  -11.027 1.00 61.60 ? 13  VAL A C   1 
ATOM   56   O O   . VAL A 1 24  ? -7.027  12.083  -12.178 1.00 61.56 ? 13  VAL A O   1 
ATOM   57   C CB  . VAL A 1 24  ? -6.927  10.872  -8.984  1.00 61.35 ? 13  VAL A CB  1 
ATOM   58   C CG1 . VAL A 1 24  ? -7.580  9.768   -9.827  1.00 60.18 ? 13  VAL A CG1 1 
ATOM   59   C CG2 . VAL A 1 24  ? -5.747  10.331  -8.214  1.00 61.42 ? 13  VAL A CG2 1 
ATOM   60   N N   . THR A 1 25  ? -8.668  12.669  -10.728 1.00 61.89 ? 14  THR A N   1 
ATOM   61   C CA  . THR A 1 25  ? -9.607  13.155  -11.713 1.00 62.30 ? 14  THR A CA  1 
ATOM   62   C C   . THR A 1 25  ? -8.913  14.186  -12.608 1.00 62.61 ? 14  THR A C   1 
ATOM   63   O O   . THR A 1 25  ? -8.887  14.017  -13.826 1.00 62.85 ? 14  THR A O   1 
ATOM   64   C CB  . THR A 1 25  ? -10.856 13.780  -11.041 1.00 62.58 ? 14  THR A CB  1 
ATOM   65   O OG1 . THR A 1 25  ? -10.447 14.712  -10.032 1.00 61.82 ? 14  THR A OG1 1 
ATOM   66   C CG2 . THR A 1 25  ? -11.741 12.701  -10.409 1.00 62.60 ? 14  THR A CG2 1 
ATOM   67   N N   . LYS A 1 26  ? -8.310  15.213  -12.000 1.00 62.68 ? 15  LYS A N   1 
ATOM   68   C CA  . LYS A 1 26  ? -7.601  16.261  -12.751 1.00 62.97 ? 15  LYS A CA  1 
ATOM   69   C C   . LYS A 1 26  ? -6.503  15.778  -13.739 1.00 63.15 ? 15  LYS A C   1 
ATOM   70   O O   . LYS A 1 26  ? -6.012  16.567  -14.561 1.00 63.50 ? 15  LYS A O   1 
ATOM   71   C CB  . LYS A 1 26  ? -7.057  17.361  -11.796 1.00 62.81 ? 15  LYS A CB  1 
ATOM   72   N N   . ILE A 1 27  ? -6.132  14.497  -13.689 1.00 62.94 ? 16  ILE A N   1 
ATOM   73   C CA  . ILE A 1 27  ? -5.072  13.994  -14.578 1.00 62.44 ? 16  ILE A CA  1 
ATOM   74   C C   . ILE A 1 27  ? -5.560  12.929  -15.592 1.00 61.49 ? 16  ILE A C   1 
ATOM   75   O O   . ILE A 1 27  ? -6.358  12.067  -15.258 1.00 61.73 ? 16  ILE A O   1 
ATOM   76   C CB  . ILE A 1 27  ? -3.779  13.621  -13.766 1.00 62.99 ? 16  ILE A CB  1 
ATOM   77   C CG1 . ILE A 1 27  ? -2.702  14.730  -13.897 1.00 64.09 ? 16  ILE A CG1 1 
ATOM   78   C CG2 . ILE A 1 27  ? -3.188  12.288  -14.197 1.00 62.90 ? 16  ILE A CG2 1 
ATOM   79   C CD1 . ILE A 1 27  ? -3.002  16.093  -13.165 1.00 65.32 ? 16  ILE A CD1 1 
ATOM   80   N N   . ASP A 1 28  ? -5.088  13.029  -16.833 1.00 60.26 ? 17  ASP A N   1 
ATOM   81   C CA  . ASP A 1 28  ? -5.592  12.245  -17.957 1.00 59.15 ? 17  ASP A CA  1 
ATOM   82   C C   . ASP A 1 28  ? -5.512  10.730  -17.761 1.00 57.69 ? 17  ASP A C   1 
ATOM   83   O O   . ASP A 1 28  ? -4.507  10.195  -17.300 1.00 57.19 ? 17  ASP A O   1 
ATOM   84   C CB  . ASP A 1 28  ? -4.847  12.632  -19.242 1.00 59.71 ? 17  ASP A CB  1 
ATOM   85   C CG  . ASP A 1 28  ? -5.679  12.388  -20.517 1.00 62.94 ? 17  ASP A CG  1 
ATOM   86   O OD1 . ASP A 1 28  ? -5.875  11.204  -20.937 1.00 65.24 ? 17  ASP A OD1 1 
ATOM   87   O OD2 . ASP A 1 28  ? -6.121  13.397  -21.120 1.00 64.83 ? 17  ASP A OD2 1 
ATOM   88   N N   . ARG A 1 29  ? -6.588  10.048  -18.140 1.00 55.99 ? 18  ARG A N   1 
ATOM   89   C CA  . ARG A 1 29  ? -6.609  8.599   -18.205 1.00 54.16 ? 18  ARG A CA  1 
ATOM   90   C C   . ARG A 1 29  ? -5.264  8.075   -18.690 1.00 53.32 ? 18  ARG A C   1 
ATOM   91   O O   . ARG A 1 29  ? -4.731  7.124   -18.120 1.00 53.45 ? 18  ARG A O   1 
ATOM   92   C CB  . ARG A 1 29  ? -7.729  8.129   -19.142 1.00 54.04 ? 18  ARG A CB  1 
ATOM   93   C CG  . ARG A 1 29  ? -7.872  6.628   -19.291 1.00 53.22 ? 18  ARG A CG  1 
ATOM   94   C CD  . ARG A 1 29  ? -8.335  6.269   -20.691 1.00 51.74 ? 18  ARG A CD  1 
ATOM   95   N NE  . ARG A 1 29  ? -7.336  6.567   -21.739 1.00 50.80 ? 18  ARG A NE  1 
ATOM   96   C CZ  . ARG A 1 29  ? -6.687  5.653   -22.482 1.00 50.75 ? 18  ARG A CZ  1 
ATOM   97   N NH1 . ARG A 1 29  ? -6.907  4.348   -22.320 1.00 50.16 ? 18  ARG A NH1 1 
ATOM   98   N NH2 . ARG A 1 29  ? -5.805  6.038   -23.396 1.00 47.43 ? 18  ARG A NH2 1 
ATOM   99   N N   . VAL A 1 30  ? -4.706  8.709   -19.721 1.00 51.56 ? 19  VAL A N   1 
ATOM   100  C CA  . VAL A 1 30  ? -3.499  8.206   -20.380 1.00 49.84 ? 19  VAL A CA  1 
ATOM   101  C C   . VAL A 1 30  ? -2.320  8.216   -19.422 1.00 48.68 ? 19  VAL A C   1 
ATOM   102  O O   . VAL A 1 30  ? -1.493  7.291   -19.412 1.00 48.66 ? 19  VAL A O   1 
ATOM   103  C CB  . VAL A 1 30  ? -3.150  9.023   -21.661 1.00 50.03 ? 19  VAL A CB  1 
ATOM   104  C CG1 . VAL A 1 30  ? -2.677  10.465  -21.313 1.00 49.38 ? 19  VAL A CG1 1 
ATOM   105  C CG2 . VAL A 1 30  ? -2.089  8.287   -22.477 1.00 49.59 ? 19  VAL A CG2 1 
ATOM   106  N N   . GLU A 1 31  ? -2.278  9.279   -18.630 1.00 47.13 ? 20  GLU A N   1 
ATOM   107  C CA  . GLU A 1 31  ? -1.247  9.533   -17.662 1.00 46.03 ? 20  GLU A CA  1 
ATOM   108  C C   . GLU A 1 31  ? -1.436  8.602   -16.477 1.00 45.67 ? 20  GLU A C   1 
ATOM   109  O O   . GLU A 1 31  ? -0.460  8.109   -15.917 1.00 45.37 ? 20  GLU A O   1 
ATOM   110  C CB  . GLU A 1 31  ? -1.309  10.999  -17.228 1.00 45.72 ? 20  GLU A CB  1 
ATOM   111  C CG  . GLU A 1 31  ? -0.299  11.430  -16.183 1.00 46.16 ? 20  GLU A CG  1 
ATOM   112  C CD  . GLU A 1 31  ? 1.126   10.962  -16.472 1.00 47.67 ? 20  GLU A CD  1 
ATOM   113  O OE1 . GLU A 1 31  ? 1.439   10.647  -17.645 1.00 46.93 ? 20  GLU A OE1 1 
ATOM   114  O OE2 . GLU A 1 31  ? 1.936   10.911  -15.512 1.00 44.92 ? 20  GLU A OE2 1 
ATOM   115  N N   . ILE A 1 32  ? -2.691  8.356   -16.104 1.00 44.75 ? 21  ILE A N   1 
ATOM   116  C CA  . ILE A 1 32  ? -3.003  7.402   -15.051 1.00 44.15 ? 21  ILE A CA  1 
ATOM   117  C C   . ILE A 1 32  ? -2.493  6.047   -15.492 1.00 43.32 ? 21  ILE A C   1 
ATOM   118  O O   . ILE A 1 32  ? -1.890  5.326   -14.727 1.00 44.08 ? 21  ILE A O   1 
ATOM   119  C CB  . ILE A 1 32  ? -4.527  7.268   -14.821 1.00 44.87 ? 21  ILE A CB  1 
ATOM   120  C CG1 . ILE A 1 32  ? -5.171  8.589   -14.385 1.00 43.88 ? 21  ILE A CG1 1 
ATOM   121  C CG2 . ILE A 1 32  ? -4.845  6.086   -13.880 1.00 45.70 ? 21  ILE A CG2 1 
ATOM   122  C CD1 . ILE A 1 32  ? -4.849  9.031   -13.031 1.00 44.98 ? 21  ILE A CD1 1 
ATOM   123  N N   . ASN A 1 33  ? -2.725  5.709   -16.744 1.00 42.52 ? 22  ASN A N   1 
ATOM   124  C CA  . ASN A 1 33  ? -2.386  4.394   -17.231 1.00 42.06 ? 22  ASN A CA  1 
ATOM   125  C C   . ASN A 1 33  ? -0.899  4.188   -17.289 1.00 40.90 ? 22  ASN A C   1 
ATOM   126  O O   . ASN A 1 33  ? -0.425  3.076   -17.140 1.00 41.03 ? 22  ASN A O   1 
ATOM   127  C CB  . ASN A 1 33  ? -2.964  4.164   -18.629 1.00 42.10 ? 22  ASN A CB  1 
ATOM   128  C CG  . ASN A 1 33  ? -4.440  4.464   -18.707 1.00 44.02 ? 22  ASN A CG  1 
ATOM   129  O OD1 . ASN A 1 33  ? -5.196  4.339   -17.724 1.00 40.02 ? 22  ASN A OD1 1 
ATOM   130  N ND2 . ASN A 1 33  ? -4.870  4.888   -19.904 1.00 47.98 ? 22  ASN A ND2 1 
ATOM   131  N N   . ARG A 1 34  ? -0.177  5.266   -17.553 1.00 39.87 ? 23  ARG A N   1 
ATOM   132  C CA  . ARG A 1 34  ? 1.253   5.197   -17.838 1.00 39.08 ? 23  ARG A CA  1 
ATOM   133  C C   . ARG A 1 34  ? 1.924   4.979   -16.501 1.00 38.50 ? 23  ARG A C   1 
ATOM   134  O O   . ARG A 1 34  ? 2.853   4.188   -16.367 1.00 38.63 ? 23  ARG A O   1 
ATOM   135  C CB  . ARG A 1 34  ? 1.720   6.525   -18.457 1.00 38.65 ? 23  ARG A CB  1 
ATOM   136  C CG  . ARG A 1 34  ? 3.219   6.673   -18.632 1.00 38.57 ? 23  ARG A CG  1 
ATOM   137  C CD  . ARG A 1 34  ? 3.559   8.122   -18.855 1.00 36.51 ? 23  ARG A CD  1 
ATOM   138  N NE  . ARG A 1 34  ? 3.315   8.957   -17.675 1.00 35.94 ? 23  ARG A NE  1 
ATOM   139  C CZ  . ARG A 1 34  ? 4.235   9.173   -16.732 1.00 34.83 ? 23  ARG A CZ  1 
ATOM   140  N NH1 . ARG A 1 34  ? 5.434   8.607   -16.858 1.00 34.03 ? 23  ARG A NH1 1 
ATOM   141  N NH2 . ARG A 1 34  ? 3.961   9.938   -15.673 1.00 30.09 ? 23  ARG A NH2 1 
ATOM   142  N N   . ARG A 1 35  ? 1.413   5.714   -15.530 1.00 37.25 ? 24  ARG A N   1 
ATOM   143  C CA  . ARG A 1 35  ? 1.788   5.609   -14.171 1.00 36.52 ? 24  ARG A CA  1 
ATOM   144  C C   . ARG A 1 35  ? 1.355   4.307   -13.556 1.00 36.47 ? 24  ARG A C   1 
ATOM   145  O O   . ARG A 1 35  ? 2.110   3.702   -12.801 1.00 37.21 ? 24  ARG A O   1 
ATOM   146  C CB  . ARG A 1 35  ? 1.198   6.783   -13.438 1.00 36.50 ? 24  ARG A CB  1 
ATOM   147  C CG  . ARG A 1 35  ? 1.987   8.048   -13.714 1.00 35.78 ? 24  ARG A CG  1 
ATOM   148  C CD  . ARG A 1 35  ? 1.430   9.200   -12.965 1.00 35.23 ? 24  ARG A CD  1 
ATOM   149  N NE  . ARG A 1 35  ? 1.424   8.909   -11.550 1.00 39.98 ? 24  ARG A NE  1 
ATOM   150  C CZ  . ARG A 1 35  ? 1.056   9.777   -10.626 1.00 43.59 ? 24  ARG A CZ  1 
ATOM   151  N NH1 . ARG A 1 35  ? 0.672   10.996  -10.990 1.00 45.70 ? 24  ARG A NH1 1 
ATOM   152  N NH2 . ARG A 1 35  ? 1.046   9.419   -9.351  1.00 45.21 ? 24  ARG A NH2 1 
ATOM   153  N N   . LEU A 1 36  ? 0.151   3.854   -13.877 1.00 36.07 ? 25  LEU A N   1 
ATOM   154  C CA  . LEU A 1 36  ? -0.294  2.588   -13.344 1.00 35.65 ? 25  LEU A CA  1 
ATOM   155  C C   . LEU A 1 36  ? 0.542   1.491   -13.896 1.00 35.12 ? 25  LEU A C   1 
ATOM   156  O O   . LEU A 1 36  ? 0.930   0.586   -13.204 1.00 35.79 ? 25  LEU A O   1 
ATOM   157  C CB  . LEU A 1 36  ? -1.749  2.329   -13.673 1.00 36.15 ? 25  LEU A CB  1 
ATOM   158  C CG  . LEU A 1 36  ? -2.725  2.942   -12.680 1.00 35.57 ? 25  LEU A CG  1 
ATOM   159  C CD1 . LEU A 1 36  ? -4.063  2.466   -13.080 1.00 35.67 ? 25  LEU A CD1 1 
ATOM   160  C CD2 . LEU A 1 36  ? -2.422  2.530   -11.233 1.00 35.43 ? 25  LEU A CD2 1 
ATOM   161  N N   . GLU A 1 37  ? 0.830   1.606   -15.165 1.00 34.75 ? 26  GLU A N   1 
ATOM   162  C CA  . GLU A 1 37  ? 1.568   0.618   -15.888 1.00 34.12 ? 26  GLU A CA  1 
ATOM   163  C C   . GLU A 1 37  ? 3.022   0.615   -15.426 1.00 32.92 ? 26  GLU A C   1 
ATOM   164  O O   . GLU A 1 37  ? 3.694   -0.426  -15.411 1.00 32.35 ? 26  GLU A O   1 
ATOM   165  C CB  . GLU A 1 37  ? 1.451   0.947   -17.379 1.00 34.60 ? 26  GLU A CB  1 
ATOM   166  C CG  . GLU A 1 37  ? 1.640   -0.224  -18.304 1.00 37.13 ? 26  GLU A CG  1 
ATOM   167  C CD  . GLU A 1 37  ? 0.513   -1.200  -18.219 1.00 39.57 ? 26  GLU A CD  1 
ATOM   168  O OE1 . GLU A 1 37  ? -0.633  -0.816  -17.851 1.00 37.88 ? 26  GLU A OE1 1 
ATOM   169  O OE2 . GLU A 1 37  ? 0.796   -2.371  -18.535 1.00 42.25 ? 26  GLU A OE2 1 
ATOM   170  N N   . LEU A 1 38  ? 3.506   1.799   -15.063 1.00 31.77 ? 27  LEU A N   1 
ATOM   171  C CA  . LEU A 1 38  ? 4.813   1.931   -14.472 1.00 29.86 ? 27  LEU A CA  1 
ATOM   172  C C   . LEU A 1 38  ? 4.682   1.253   -13.117 1.00 29.51 ? 27  LEU A C   1 
ATOM   173  O O   . LEU A 1 38  ? 5.587   0.530   -12.684 1.00 28.82 ? 27  LEU A O   1 
ATOM   174  C CB  . LEU A 1 38  ? 5.211   3.394   -14.332 1.00 29.99 ? 27  LEU A CB  1 
ATOM   175  C CG  . LEU A 1 38  ? 5.744   4.104   -15.601 1.00 29.28 ? 27  LEU A CG  1 
ATOM   176  C CD1 . LEU A 1 38  ? 6.121   5.568   -15.354 1.00 25.77 ? 27  LEU A CD1 1 
ATOM   177  C CD2 . LEU A 1 38  ? 6.885   3.375   -16.306 1.00 26.11 ? 27  LEU A CD2 1 
ATOM   178  N N   . ALA A 1 39  ? 3.517   1.421   -12.487 1.00 28.47 ? 28  ALA A N   1 
ATOM   179  C CA  . ALA A 1 39  ? 3.253   0.750   -11.223 1.00 27.30 ? 28  ALA A CA  1 
ATOM   180  C C   . ALA A 1 39  ? 3.262   -0.744  -11.433 1.00 27.45 ? 28  ALA A C   1 
ATOM   181  O O   . ALA A 1 39  ? 3.898   -1.481  -10.671 1.00 27.75 ? 28  ALA A O   1 
ATOM   182  C CB  . ALA A 1 39  ? 1.983   1.188   -10.664 1.00 26.86 ? 28  ALA A CB  1 
ATOM   183  N N   . TYR A 1 40  ? 2.623   -1.202  -12.509 1.00 27.75 ? 29  TYR A N   1 
ATOM   184  C CA  . TYR A 1 40  ? 2.471   -2.647  -12.741 1.00 27.05 ? 29  TYR A CA  1 
ATOM   185  C C   . TYR A 1 40  ? 3.808   -3.226  -13.075 1.00 26.29 ? 29  TYR A C   1 
ATOM   186  O O   . TYR A 1 40  ? 4.130   -4.303  -12.645 1.00 26.25 ? 29  TYR A O   1 
ATOM   187  C CB  . TYR A 1 40  ? 1.490   -2.935  -13.879 1.00 27.41 ? 29  TYR A CB  1 
ATOM   188  C CG  . TYR A 1 40  ? 0.081   -2.419  -13.678 1.00 29.40 ? 29  TYR A CG  1 
ATOM   189  C CD1 . TYR A 1 40  ? -0.516  -2.453  -12.436 1.00 30.06 ? 29  TYR A CD1 1 
ATOM   190  C CD2 . TYR A 1 40  ? -0.668  -1.936  -14.754 1.00 30.95 ? 29  TYR A CD2 1 
ATOM   191  C CE1 . TYR A 1 40  ? -1.802  -2.008  -12.251 1.00 33.01 ? 29  TYR A CE1 1 
ATOM   192  C CE2 . TYR A 1 40  ? -1.964  -1.476  -14.581 1.00 30.75 ? 29  TYR A CE2 1 
ATOM   193  C CZ  . TYR A 1 40  ? -2.524  -1.521  -13.329 1.00 33.90 ? 29  TYR A CZ  1 
ATOM   194  O OH  . TYR A 1 40  ? -3.796  -1.066  -13.106 1.00 36.91 ? 29  TYR A OH  1 
ATOM   195  N N   . ALA A 1 41  ? 4.585   -2.505  -13.873 1.00 26.25 ? 30  ALA A N   1 
ATOM   196  C CA  . ALA A 1 41  ? 5.914   -2.950  -14.284 1.00 25.85 ? 30  ALA A CA  1 
ATOM   197  C C   . ALA A 1 41  ? 6.806   -2.924  -13.068 1.00 26.44 ? 30  ALA A C   1 
ATOM   198  O O   . ALA A 1 41  ? 7.699   -3.791  -12.904 1.00 27.43 ? 30  ALA A O   1 
ATOM   199  C CB  . ALA A 1 41  ? 6.478   -2.029  -15.316 1.00 25.42 ? 30  ALA A CB  1 
ATOM   200  N N   . TYR A 1 42  ? 6.579   -1.924  -12.234 1.00 24.79 ? 31  TYR A N   1 
ATOM   201  C CA  . TYR A 1 42  ? 7.290   -1.851  -11.016 1.00 25.52 ? 31  TYR A CA  1 
ATOM   202  C C   . TYR A 1 42  ? 6.998   -3.104  -10.217 1.00 25.70 ? 31  TYR A C   1 
ATOM   203  O O   . TYR A 1 42  ? 7.911   -3.719  -9.654  1.00 26.50 ? 31  TYR A O   1 
ATOM   204  C CB  . TYR A 1 42  ? 6.913   -0.587  -10.245 1.00 25.09 ? 31  TYR A CB  1 
ATOM   205  C CG  . TYR A 1 42  ? 7.277   -0.717  -8.816  1.00 27.98 ? 31  TYR A CG  1 
ATOM   206  C CD1 . TYR A 1 42  ? 8.613   -0.738  -8.414  1.00 29.50 ? 31  TYR A CD1 1 
ATOM   207  C CD2 . TYR A 1 42  ? 6.302   -0.879  -7.855  1.00 27.79 ? 31  TYR A CD2 1 
ATOM   208  C CE1 . TYR A 1 42  ? 8.942   -0.906  -7.089  1.00 28.63 ? 31  TYR A CE1 1 
ATOM   209  C CE2 . TYR A 1 42  ? 6.633   -1.028  -6.547  1.00 29.02 ? 31  TYR A CE2 1 
ATOM   210  C CZ  . TYR A 1 42  ? 7.947   -1.035  -6.160  1.00 28.62 ? 31  TYR A CZ  1 
ATOM   211  O OH  . TYR A 1 42  ? 8.248   -1.178  -4.822  1.00 26.79 ? 31  TYR A OH  1 
ATOM   212  N N   . ASN A 1 43  ? 5.723   -3.485  -10.194 1.00 26.04 ? 32  ASN A N   1 
ATOM   213  C CA  . ASN A 1 43  ? 5.250   -4.678  -9.546  1.00 25.67 ? 32  ASN A CA  1 
ATOM   214  C C   . ASN A 1 43  ? 5.757   -5.941  -10.171 1.00 27.16 ? 32  ASN A C   1 
ATOM   215  O O   . ASN A 1 43  ? 6.186   -6.837  -9.480  1.00 27.83 ? 32  ASN A O   1 
ATOM   216  C CB  . ASN A 1 43  ? 3.727   -4.636  -9.487  1.00 25.10 ? 32  ASN A CB  1 
ATOM   217  C CG  . ASN A 1 43  ? 3.268   -3.609  -8.513  1.00 24.69 ? 32  ASN A CG  1 
ATOM   218  O OD1 . ASN A 1 43  ? 4.095   -2.941  -7.923  1.00 23.73 ? 32  ASN A OD1 1 
ATOM   219  N ND2 . ASN A 1 43  ? 1.983   -3.438  -8.354  1.00 24.02 ? 32  ASN A ND2 1 
ATOM   220  N N   . ALA A 1 44  ? 5.743   -6.018  -11.491 1.00 28.97 ? 33  ALA A N   1 
ATOM   221  C CA  . ALA A 1 44  ? 6.319   -7.161  -12.165 1.00 29.57 ? 33  ALA A CA  1 
ATOM   222  C C   . ALA A 1 44  ? 7.783   -7.349  -11.712 1.00 30.10 ? 33  ALA A C   1 
ATOM   223  O O   . ALA A 1 44  ? 8.197   -8.452  -11.380 1.00 30.04 ? 33  ALA A O   1 
ATOM   224  C CB  . ALA A 1 44  ? 6.211   -6.982  -13.657 1.00 29.31 ? 33  ALA A CB  1 
ATOM   225  N N   . SER A 1 45  ? 8.550   -6.268  -11.662 1.00 30.77 ? 34  SER A N   1 
ATOM   226  C CA  . SER A 1 45  ? 9.961   -6.398  -11.302 1.00 32.95 ? 34  SER A CA  1 
ATOM   227  C C   . SER A 1 45  ? 10.060  -6.724  -9.837  1.00 34.03 ? 34  SER A C   1 
ATOM   228  O O   . SER A 1 45  ? 10.954  -7.462  -9.404  1.00 35.03 ? 34  SER A O   1 
ATOM   229  C CB  . SER A 1 45  ? 10.741  -5.133  -11.594 1.00 32.09 ? 34  SER A CB  1 
ATOM   230  O OG  . SER A 1 45  ? 10.029  -4.065  -11.050 1.00 34.12 ? 34  SER A OG  1 
ATOM   231  N N   . ILE A 1 46  ? 9.117   -6.194  -9.079  1.00 34.62 ? 35  ILE A N   1 
ATOM   232  C CA  . ILE A 1 46  ? 8.996   -6.625  -7.727  1.00 35.75 ? 35  ILE A CA  1 
ATOM   233  C C   . ILE A 1 46  ? 8.713   -8.090  -7.744  1.00 36.52 ? 35  ILE A C   1 
ATOM   234  O O   . ILE A 1 46  ? 9.388   -8.839  -7.056  1.00 37.56 ? 35  ILE A O   1 
ATOM   235  C CB  . ILE A 1 46  ? 7.876   -5.885  -6.960  1.00 35.31 ? 35  ILE A CB  1 
ATOM   236  C CG1 . ILE A 1 46  ? 8.314   -4.467  -6.691  1.00 34.99 ? 35  ILE A CG1 1 
ATOM   237  C CG2 . ILE A 1 46  ? 7.564   -6.608  -5.651  1.00 35.24 ? 35  ILE A CG2 1 
ATOM   238  C CD1 . ILE A 1 46  ? 9.796   -4.353  -6.289  1.00 37.74 ? 35  ILE A CD1 1 
ATOM   239  N N   . ALA A 1 47  ? 7.721   -8.500  -8.529  1.00 37.51 ? 36  ALA A N   1 
ATOM   240  C CA  . ALA A 1 47  ? 7.240   -9.868  -8.485  1.00 38.42 ? 36  ALA A CA  1 
ATOM   241  C C   . ALA A 1 47  ? 8.256   -10.857 -9.034  1.00 40.12 ? 36  ALA A C   1 
ATOM   242  O O   . ALA A 1 47  ? 8.281   -12.006 -8.618  1.00 40.71 ? 36  ALA A O   1 
ATOM   243  C CB  . ALA A 1 47  ? 5.950   -9.980  -9.208  1.00 37.98 ? 36  ALA A CB  1 
ATOM   244  N N   . GLY A 1 48  ? 9.080   -10.420 -9.980  1.00 42.03 ? 37  GLY A N   1 
ATOM   245  C CA  . GLY A 1 48  ? 10.195  -11.246 -10.481 1.00 44.00 ? 37  GLY A CA  1 
ATOM   246  C C   . GLY A 1 48  ? 11.507  -10.836 -9.809  1.00 45.38 ? 37  GLY A C   1 
ATOM   247  O O   . GLY A 1 48  ? 11.526  -10.267 -8.689  1.00 46.12 ? 37  GLY A O   1 
ATOM   248  N N   . PRO A 1 61  ? 5.423   -10.511 -19.307 1.00 52.12 ? 50  PRO A N   1 
ATOM   249  C CA  . PRO A 1 61  ? 4.361   -9.495  -19.449 1.00 51.98 ? 50  PRO A CA  1 
ATOM   250  C C   . PRO A 1 61  ? 4.936   -8.082  -19.553 1.00 51.95 ? 50  PRO A C   1 
ATOM   251  O O   . PRO A 1 61  ? 4.533   -7.328  -20.442 1.00 52.84 ? 50  PRO A O   1 
ATOM   252  C CB  . PRO A 1 61  ? 3.518   -9.651  -18.182 1.00 51.34 ? 50  PRO A CB  1 
ATOM   253  C CG  . PRO A 1 61  ? 4.059   -10.884 -17.463 1.00 52.37 ? 50  PRO A CG  1 
ATOM   254  C CD  . PRO A 1 61  ? 5.436   -11.145 -17.977 1.00 52.23 ? 50  PRO A CD  1 
ATOM   255  N N   . TYR A 1 62  ? 5.860   -7.732  -18.655 1.00 51.28 ? 51  TYR A N   1 
ATOM   256  C CA  . TYR A 1 62  ? 6.641   -6.485  -18.747 1.00 50.15 ? 51  TYR A CA  1 
ATOM   257  C C   . TYR A 1 62  ? 8.085   -6.771  -19.045 1.00 49.95 ? 51  TYR A C   1 
ATOM   258  O O   . TYR A 1 62  ? 8.699   -7.670  -18.446 1.00 49.26 ? 51  TYR A O   1 
ATOM   259  C CB  . TYR A 1 62  ? 6.574   -5.651  -17.456 1.00 49.72 ? 51  TYR A CB  1 
ATOM   260  C CG  . TYR A 1 62  ? 5.198   -5.141  -17.211 1.00 48.10 ? 51  TYR A CG  1 
ATOM   261  C CD1 . TYR A 1 62  ? 4.746   -3.988  -17.843 1.00 47.91 ? 51  TYR A CD1 1 
ATOM   262  C CD2 . TYR A 1 62  ? 4.330   -5.837  -16.397 1.00 47.10 ? 51  TYR A CD2 1 
ATOM   263  C CE1 . TYR A 1 62  ? 3.476   -3.531  -17.646 1.00 48.17 ? 51  TYR A CE1 1 
ATOM   264  C CE2 . TYR A 1 62  ? 3.055   -5.395  -16.189 1.00 48.51 ? 51  TYR A CE2 1 
ATOM   265  C CZ  . TYR A 1 62  ? 2.627   -4.246  -16.826 1.00 48.68 ? 51  TYR A CZ  1 
ATOM   266  O OH  . TYR A 1 62  ? 1.343   -3.810  -16.622 1.00 49.15 ? 51  TYR A OH  1 
ATOM   267  N N   . SER A 1 63  ? 8.618   -5.981  -19.974 1.00 49.82 ? 52  SER A N   1 
ATOM   268  C CA  . SER A 1 63  ? 10.019  -6.056  -20.353 1.00 49.93 ? 52  SER A CA  1 
ATOM   269  C C   . SER A 1 63  ? 10.899  -5.539  -19.222 1.00 49.98 ? 52  SER A C   1 
ATOM   270  O O   . SER A 1 63  ? 10.448  -4.781  -18.350 1.00 50.20 ? 52  SER A O   1 
ATOM   271  C CB  . SER A 1 63  ? 10.259  -5.212  -21.587 1.00 49.85 ? 52  SER A CB  1 
ATOM   272  O OG  . SER A 1 63  ? 9.948   -3.876  -21.297 1.00 49.53 ? 52  SER A OG  1 
ATOM   273  N N   . ALA A 1 64  ? 12.149  -5.969  -19.234 1.00 49.61 ? 53  ALA A N   1 
ATOM   274  C CA  . ALA A 1 64  ? 13.115  -5.482  -18.294 1.00 49.60 ? 53  ALA A CA  1 
ATOM   275  C C   . ALA A 1 64  ? 13.060  -3.965  -18.260 1.00 49.56 ? 53  ALA A C   1 
ATOM   276  O O   . ALA A 1 64  ? 13.004  -3.373  -17.181 1.00 49.88 ? 53  ALA A O   1 
ATOM   277  C CB  . ALA A 1 64  ? 14.501  -5.967  -18.655 1.00 49.78 ? 53  ALA A CB  1 
ATOM   278  N N   . GLU A 1 65  ? 13.017  -3.340  -19.433 1.00 49.60 ? 54  GLU A N   1 
ATOM   279  C CA  . GLU A 1 65  ? 13.022  -1.871  -19.523 1.00 49.36 ? 54  GLU A CA  1 
ATOM   280  C C   . GLU A 1 65  ? 11.803  -1.190  -18.902 1.00 47.81 ? 54  GLU A C   1 
ATOM   281  O O   . GLU A 1 65  ? 11.902  -0.059  -18.406 1.00 48.32 ? 54  GLU A O   1 
ATOM   282  C CB  . GLU A 1 65  ? 13.191  -1.399  -20.963 1.00 49.77 ? 54  GLU A CB  1 
ATOM   283  C CG  . GLU A 1 65  ? 14.644  -1.369  -21.425 1.00 55.33 ? 54  GLU A CG  1 
ATOM   284  C CD  . GLU A 1 65  ? 15.018  -0.090  -22.194 1.00 60.97 ? 54  GLU A CD  1 
ATOM   285  O OE1 . GLU A 1 65  ? 14.125  0.788   -22.412 1.00 62.53 ? 54  GLU A OE1 1 
ATOM   286  O OE2 . GLU A 1 65  ? 16.217  0.038   -22.566 1.00 62.46 ? 54  GLU A OE2 1 
ATOM   287  N N   . GLN A 1 66  ? 10.654  -1.846  -18.949 1.00 45.70 ? 55  GLN A N   1 
ATOM   288  C CA  . GLN A 1 66  ? 9.466   -1.231  -18.406 1.00 44.21 ? 55  GLN A CA  1 
ATOM   289  C C   . GLN A 1 66  ? 9.451   -1.524  -16.929 1.00 42.54 ? 55  GLN A C   1 
ATOM   290  O O   . GLN A 1 66  ? 9.052   -0.675  -16.124 1.00 41.97 ? 55  GLN A O   1 
ATOM   291  C CB  . GLN A 1 66  ? 8.212   -1.799  -19.016 1.00 44.12 ? 55  GLN A CB  1 
ATOM   292  C CG  . GLN A 1 66  ? 7.963   -1.483  -20.470 1.00 46.10 ? 55  GLN A CG  1 
ATOM   293  C CD  . GLN A 1 66  ? 6.914   -2.439  -21.013 1.00 47.37 ? 55  GLN A CD  1 
ATOM   294  O OE1 . GLN A 1 66  ? 7.050   -3.668  -20.869 1.00 46.38 ? 55  GLN A OE1 1 
ATOM   295  N NE2 . GLN A 1 66  ? 5.832   -1.886  -21.566 1.00 45.96 ? 55  GLN A NE2 1 
ATOM   296  N N   . LYS A 1 67  ? 9.854   -2.747  -16.602 1.00 40.59 ? 56  LYS A N   1 
ATOM   297  C CA  . LYS A 1 67  ? 10.139  -3.136  -15.241 1.00 39.68 ? 56  LYS A CA  1 
ATOM   298  C C   . LYS A 1 67  ? 11.006  -2.054  -14.623 1.00 38.77 ? 56  LYS A C   1 
ATOM   299  O O   . LYS A 1 67  ? 10.624  -1.436  -13.629 1.00 38.32 ? 56  LYS A O   1 
ATOM   300  C CB  . LYS A 1 67  ? 10.833  -4.515  -15.188 1.00 39.64 ? 56  LYS A CB  1 
ATOM   301  C CG  . LYS A 1 67  ? 9.873   -5.698  -15.086 1.00 39.59 ? 56  LYS A CG  1 
ATOM   302  C CD  . LYS A 1 67  ? 10.457  -7.009  -15.606 1.00 40.86 ? 56  LYS A CD  1 
ATOM   303  C CE  . LYS A 1 67  ? 9.524   -8.165  -15.253 1.00 42.17 ? 56  LYS A CE  1 
ATOM   304  N NZ  . LYS A 1 67  ? 9.936   -9.456  -15.893 1.00 42.23 ? 56  LYS A NZ  1 
ATOM   305  N N   . GLN A 1 68  ? 12.147  -1.799  -15.255 1.00 37.90 ? 57  GLN A N   1 
ATOM   306  C CA  . GLN A 1 68  ? 13.099  -0.851  -14.751 1.00 36.97 ? 57  GLN A CA  1 
ATOM   307  C C   . GLN A 1 68  ? 12.528  0.541   -14.718 1.00 36.08 ? 57  GLN A C   1 
ATOM   308  O O   . GLN A 1 68  ? 12.743  1.277   -13.738 1.00 36.85 ? 57  GLN A O   1 
ATOM   309  C CB  . GLN A 1 68  ? 14.429  -0.911  -15.526 1.00 37.81 ? 57  GLN A CB  1 
ATOM   310  C CG  . GLN A 1 68  ? 15.553  -0.056  -14.914 1.00 38.22 ? 57  GLN A CG  1 
ATOM   311  C CD  . GLN A 1 68  ? 15.751  -0.314  -13.409 1.00 42.16 ? 57  GLN A CD  1 
ATOM   312  O OE1 . GLN A 1 68  ? 15.470  -1.403  -12.883 1.00 43.70 ? 57  GLN A OE1 1 
ATOM   313  N NE2 . GLN A 1 68  ? 16.234  0.687   -12.724 1.00 41.85 ? 57  GLN A NE2 1 
ATOM   314  N N   . ALA A 1 69  ? 11.812  0.921   -15.772 1.00 34.60 ? 58  ALA A N   1 
ATOM   315  C CA  . ALA A 1 69  ? 11.143  2.217   -15.793 1.00 33.11 ? 58  ALA A CA  1 
ATOM   316  C C   . ALA A 1 69  ? 10.172  2.265   -14.652 1.00 32.12 ? 58  ALA A C   1 
ATOM   317  O O   . ALA A 1 69  ? 9.945   3.313   -14.080 1.00 32.41 ? 58  ALA A O   1 
ATOM   318  C CB  . ALA A 1 69  ? 10.411  2.421   -17.057 1.00 33.69 ? 58  ALA A CB  1 
ATOM   319  N N   . GLY A 1 70  ? 9.593   1.114   -14.337 1.00 30.88 ? 59  GLY A N   1 
ATOM   320  C CA  . GLY A 1 70  ? 8.611   1.000   -13.268 1.00 30.20 ? 59  GLY A CA  1 
ATOM   321  C C   . GLY A 1 70  ? 9.337   1.197   -11.972 1.00 29.54 ? 59  GLY A C   1 
ATOM   322  O O   . GLY A 1 70  ? 8.873   1.892   -11.080 1.00 30.41 ? 59  GLY A O   1 
ATOM   323  N N   . VAL A 1 71  ? 10.520  0.619   -11.894 1.00 28.79 ? 60  VAL A N   1 
ATOM   324  C CA  . VAL A 1 71  ? 11.388  0.880   -10.786 1.00 28.25 ? 60  VAL A CA  1 
ATOM   325  C C   . VAL A 1 71  ? 11.795  2.350   -10.751 1.00 28.19 ? 60  VAL A C   1 
ATOM   326  O O   . VAL A 1 71  ? 11.826  2.957   -9.691  1.00 28.74 ? 60  VAL A O   1 
ATOM   327  C CB  . VAL A 1 71  ? 12.607  -0.009  -10.810 1.00 28.70 ? 60  VAL A CB  1 
ATOM   328  C CG1 . VAL A 1 71  ? 13.419  0.219   -9.555  1.00 29.08 ? 60  VAL A CG1 1 
ATOM   329  C CG2 . VAL A 1 71  ? 12.200  -1.454  -10.897 1.00 28.04 ? 60  VAL A CG2 1 
ATOM   330  N N   . VAL A 1 72  ? 12.088  2.942   -11.900 1.00 28.08 ? 61  VAL A N   1 
ATOM   331  C CA  . VAL A 1 72  ? 12.454  4.351   -11.889 1.00 27.36 ? 61  VAL A CA  1 
ATOM   332  C C   . VAL A 1 72  ? 11.288  5.191   -11.405 1.00 27.02 ? 61  VAL A C   1 
ATOM   333  O O   . VAL A 1 72  ? 11.469  6.166   -10.676 1.00 27.90 ? 61  VAL A O   1 
ATOM   334  C CB  . VAL A 1 72  ? 12.976  4.831   -13.285 1.00 28.04 ? 61  VAL A CB  1 
ATOM   335  C CG1 . VAL A 1 72  ? 13.173  6.342   -13.314 1.00 27.45 ? 61  VAL A CG1 1 
ATOM   336  C CG2 . VAL A 1 72  ? 14.289  4.147   -13.601 1.00 26.03 ? 61  VAL A CG2 1 
ATOM   337  N N   . GLU A 1 73  ? 10.082  4.822   -11.812 1.00 26.27 ? 62  GLU A N   1 
ATOM   338  C CA  . GLU A 1 73  ? 8.960   5.650   -11.499 1.00 25.55 ? 62  GLU A CA  1 
ATOM   339  C C   . GLU A 1 73  ? 8.708   5.507   -9.995  1.00 25.92 ? 62  GLU A C   1 
ATOM   340  O O   . GLU A 1 73  ? 8.489   6.492   -9.302  1.00 24.96 ? 62  GLU A O   1 
ATOM   341  C CB  . GLU A 1 73  ? 7.742   5.210   -12.294 1.00 25.85 ? 62  GLU A CB  1 
ATOM   342  C CG  . GLU A 1 73  ? 6.457   5.859   -11.863 1.00 23.61 ? 62  GLU A CG  1 
ATOM   343  C CD  . GLU A 1 73  ? 6.497   7.369   -11.997 1.00 26.31 ? 62  GLU A CD  1 
ATOM   344  O OE1 . GLU A 1 73  ? 7.551   7.899   -12.401 1.00 29.36 ? 62  GLU A OE1 1 
ATOM   345  O OE2 . GLU A 1 73  ? 5.491   8.037   -11.690 1.00 29.09 ? 62  GLU A OE2 1 
ATOM   346  N N   . TYR A 1 74  ? 8.783   4.275   -9.487  1.00 25.88 ? 63  TYR A N   1 
ATOM   347  C CA  . TYR A 1 74  ? 8.605   4.104   -8.083  1.00 25.98 ? 63  TYR A CA  1 
ATOM   348  C C   . TYR A 1 74  ? 9.630   4.945   -7.371  1.00 26.48 ? 63  TYR A C   1 
ATOM   349  O O   . TYR A 1 74  ? 9.313   5.735   -6.502  1.00 27.01 ? 63  TYR A O   1 
ATOM   350  C CB  . TYR A 1 74  ? 8.699   2.666   -7.652  1.00 25.91 ? 63  TYR A CB  1 
ATOM   351  C CG  . TYR A 1 74  ? 8.418   2.561   -6.179  1.00 25.60 ? 63  TYR A CG  1 
ATOM   352  C CD1 . TYR A 1 74  ? 7.241   3.070   -5.657  1.00 23.50 ? 63  TYR A CD1 1 
ATOM   353  C CD2 . TYR A 1 74  ? 9.335   1.996   -5.304  1.00 25.53 ? 63  TYR A CD2 1 
ATOM   354  C CE1 . TYR A 1 74  ? 6.979   3.009   -4.331  1.00 24.72 ? 63  TYR A CE1 1 
ATOM   355  C CE2 . TYR A 1 74  ? 9.066   1.934   -3.939  1.00 24.23 ? 63  TYR A CE2 1 
ATOM   356  C CZ  . TYR A 1 74  ? 7.885   2.444   -3.470  1.00 23.54 ? 63  TYR A CZ  1 
ATOM   357  O OH  . TYR A 1 74  ? 7.581   2.412   -2.119  1.00 24.53 ? 63  TYR A OH  1 
ATOM   358  N N   . ALA A 1 75  ? 10.863  4.829   -7.814  1.00 27.52 ? 64  ALA A N   1 
ATOM   359  C CA  . ALA A 1 75  ? 11.950  5.524   -7.177  1.00 28.04 ? 64  ALA A CA  1 
ATOM   360  C C   . ALA A 1 75  ? 11.659  7.005   -7.230  1.00 28.52 ? 64  ALA A C   1 
ATOM   361  O O   . ALA A 1 75  ? 11.812  7.717   -6.264  1.00 29.36 ? 64  ALA A O   1 
ATOM   362  C CB  . ALA A 1 75  ? 13.271  5.172   -7.858  1.00 27.02 ? 64  ALA A CB  1 
ATOM   363  N N   . ARG A 1 76  ? 11.209  7.469   -8.381  1.00 29.66 ? 65  ARG A N   1 
ATOM   364  C CA  . ARG A 1 76  ? 10.821  8.839   -8.531  1.00 29.23 ? 65  ARG A CA  1 
ATOM   365  C C   . ARG A 1 76  ? 9.700   9.137   -7.548  1.00 30.08 ? 65  ARG A C   1 
ATOM   366  O O   . ARG A 1 76  ? 9.736   10.176  -6.841  1.00 31.41 ? 65  ARG A O   1 
ATOM   367  C CB  . ARG A 1 76  ? 10.374  9.063   -9.958  1.00 28.89 ? 65  ARG A CB  1 
ATOM   368  C CG  . ARG A 1 76  ? 9.792   10.438  -10.182 1.00 28.84 ? 65  ARG A CG  1 
ATOM   369  C CD  . ARG A 1 76  ? 8.832   10.407  -11.349 1.00 28.23 ? 65  ARG A CD  1 
ATOM   370  N NE  . ARG A 1 76  ? 7.516   9.892   -10.958 1.00 25.66 ? 65  ARG A NE  1 
ATOM   371  C CZ  . ARG A 1 76  ? 6.716   10.475  -10.073 1.00 24.13 ? 65  ARG A CZ  1 
ATOM   372  N NH1 . ARG A 1 76  ? 7.085   11.582  -9.425  1.00 25.76 ? 65  ARG A NH1 1 
ATOM   373  N NH2 . ARG A 1 76  ? 5.563   9.922   -9.802  1.00 21.65 ? 65  ARG A NH2 1 
ATOM   374  N N   . MET A 1 77  ? 8.698   8.252   -7.489  1.00 29.73 ? 66  MET A N   1 
ATOM   375  C CA  . MET A 1 77  ? 7.592   8.452   -6.559  1.00 29.93 ? 66  MET A CA  1 
ATOM   376  C C   . MET A 1 77  ? 8.134   8.471   -5.155  1.00 29.34 ? 66  MET A C   1 
ATOM   377  O O   . MET A 1 77  ? 7.709   9.257   -4.320  1.00 28.96 ? 66  MET A O   1 
ATOM   378  C CB  . MET A 1 77  ? 6.607   7.317   -6.626  1.00 30.66 ? 66  MET A CB  1 
ATOM   379  C CG  . MET A 1 77  ? 6.105   7.021   -7.989  1.00 31.50 ? 66  MET A CG  1 
ATOM   380  S SD  . MET A 1 77  ? 4.872   5.806   -7.728  1.00 31.52 ? 66  MET A SD  1 
ATOM   381  C CE  . MET A 1 77  ? 5.554   4.507   -8.700  1.00 34.47 ? 66  MET A CE  1 
ATOM   382  N N   . LEU A 1 78  ? 9.086   7.589   -4.911  1.00 28.99 ? 67  LEU A N   1 
ATOM   383  C CA  . LEU A 1 78  ? 9.809   7.572   -3.667  1.00 29.69 ? 67  LEU A CA  1 
ATOM   384  C C   . LEU A 1 78  ? 10.485  8.898   -3.372  1.00 31.00 ? 67  LEU A C   1 
ATOM   385  O O   . LEU A 1 78  ? 10.256  9.472   -2.309  1.00 31.75 ? 67  LEU A O   1 
ATOM   386  C CB  . LEU A 1 78  ? 10.848  6.494   -3.733  1.00 29.08 ? 67  LEU A CB  1 
ATOM   387  C CG  . LEU A 1 78  ? 10.942  5.621   -2.520  1.00 27.70 ? 67  LEU A CG  1 
ATOM   388  C CD1 . LEU A 1 78  ? 9.549   5.408   -2.033  1.00 25.17 ? 67  LEU A CD1 1 
ATOM   389  C CD2 . LEU A 1 78  ? 11.587  4.365   -3.013  1.00 23.85 ? 67  LEU A CD2 1 
ATOM   390  N N   . GLU A 1 79  ? 11.258  9.408   -4.335  1.00 31.97 ? 68  GLU A N   1 
ATOM   391  C CA  . GLU A 1 79  ? 12.073  10.583  -4.145  1.00 33.67 ? 68  GLU A CA  1 
ATOM   392  C C   . GLU A 1 79  ? 11.180  11.737  -3.726  1.00 34.87 ? 68  GLU A C   1 
ATOM   393  O O   . GLU A 1 79  ? 11.544  12.573  -2.885  1.00 36.56 ? 68  GLU A O   1 
ATOM   394  C CB  . GLU A 1 79  ? 12.840  10.927  -5.436  1.00 33.65 ? 68  GLU A CB  1 
ATOM   395  N N   . VAL A 1 80  ? 9.992   11.772  -4.287  1.00 34.83 ? 69  VAL A N   1 
ATOM   396  C CA  . VAL A 1 80  ? 9.170   12.933  -4.143  1.00 35.26 ? 69  VAL A CA  1 
ATOM   397  C C   . VAL A 1 80  ? 8.102   12.615  -3.109  1.00 35.05 ? 69  VAL A C   1 
ATOM   398  O O   . VAL A 1 80  ? 7.204   13.410  -2.855  1.00 35.41 ? 69  VAL A O   1 
ATOM   399  C CB  . VAL A 1 80  ? 8.623   13.351  -5.530  1.00 35.35 ? 69  VAL A CB  1 
ATOM   400  C CG1 . VAL A 1 80  ? 7.305   12.697  -5.829  1.00 34.92 ? 69  VAL A CG1 1 
ATOM   401  C CG2 . VAL A 1 80  ? 8.494   14.860  -5.621  1.00 39.55 ? 69  VAL A CG2 1 
ATOM   402  N N   . LYS A 1 81  ? 8.215   11.430  -2.506  1.00 35.05 ? 70  LYS A N   1 
ATOM   403  C CA  . LYS A 1 81  ? 7.274   10.952  -1.496  1.00 34.72 ? 70  LYS A CA  1 
ATOM   404  C C   . LYS A 1 81  ? 5.840   11.082  -2.036  1.00 33.85 ? 70  LYS A C   1 
ATOM   405  O O   . LYS A 1 81  ? 4.907   11.476  -1.329  1.00 33.89 ? 70  LYS A O   1 
ATOM   406  C CB  . LYS A 1 81  ? 7.460   11.703  -0.162  1.00 35.53 ? 70  LYS A CB  1 
ATOM   407  C CG  . LYS A 1 81  ? 8.797   11.484  0.564   1.00 38.43 ? 70  LYS A CG  1 
ATOM   408  C CD  . LYS A 1 81  ? 8.923   12.484  1.752   1.00 43.21 ? 70  LYS A CD  1 
ATOM   409  C CE  . LYS A 1 81  ? 10.369  12.939  2.035   1.00 44.80 ? 70  LYS A CE  1 
ATOM   410  N NZ  . LYS A 1 81  ? 11.057  13.490  0.810   1.00 45.83 ? 70  LYS A NZ  1 
ATOM   411  N N   . GLU A 1 82  ? 5.676   10.729  -3.301  1.00 32.62 ? 71  GLU A N   1 
ATOM   412  C CA  . GLU A 1 82  ? 4.421   10.907  -3.973  1.00 32.70 ? 71  GLU A CA  1 
ATOM   413  C C   . GLU A 1 82  ? 3.299   10.164  -3.303  1.00 32.95 ? 71  GLU A C   1 
ATOM   414  O O   . GLU A 1 82  ? 3.463   9.030   -2.855  1.00 32.24 ? 71  GLU A O   1 
ATOM   415  C CB  . GLU A 1 82  ? 4.517   10.415  -5.395  1.00 32.46 ? 71  GLU A CB  1 
ATOM   416  C CG  . GLU A 1 82  ? 3.494   11.022  -6.280  1.00 34.08 ? 71  GLU A CG  1 
ATOM   417  C CD  . GLU A 1 82  ? 3.789   10.782  -7.708  1.00 37.21 ? 71  GLU A CD  1 
ATOM   418  O OE1 . GLU A 1 82  ? 4.295   11.716  -8.371  1.00 43.28 ? 71  GLU A OE1 1 
ATOM   419  O OE2 . GLU A 1 82  ? 3.541   9.658   -8.175  1.00 37.36 ? 71  GLU A OE2 1 
ATOM   420  N N   . GLN A 1 83  ? 2.140   10.806  -3.245  1.00 33.18 ? 72  GLN A N   1 
ATOM   421  C CA  . GLN A 1 83  ? 0.979   10.138  -2.726  1.00 33.17 ? 72  GLN A CA  1 
ATOM   422  C C   . GLN A 1 83  ? 0.568   9.073   -3.712  1.00 33.02 ? 72  GLN A C   1 
ATOM   423  O O   . GLN A 1 83  ? 0.350   9.349   -4.887  1.00 33.96 ? 72  GLN A O   1 
ATOM   424  C CB  . GLN A 1 83  ? -0.145  11.112  -2.510  1.00 33.78 ? 72  GLN A CB  1 
ATOM   425  C CG  . GLN A 1 83  ? -1.406  10.408  -2.073  1.00 35.54 ? 72  GLN A CG  1 
ATOM   426  C CD  . GLN A 1 83  ? -2.294  11.290  -1.259  1.00 35.52 ? 72  GLN A CD  1 
ATOM   427  O OE1 . GLN A 1 83  ? -2.011  12.465  -1.059  1.00 37.65 ? 72  GLN A OE1 1 
ATOM   428  N NE2 . GLN A 1 83  ? -3.363  10.719  -0.744  1.00 39.10 ? 72  GLN A NE2 1 
ATOM   429  N N   . ILE A 1 84  ? 0.513   7.841   -3.231  1.00 32.33 ? 73  ILE A N   1 
ATOM   430  C CA  . ILE A 1 84  ? 0.071   6.728   -4.028  1.00 31.47 ? 73  ILE A CA  1 
ATOM   431  C C   . ILE A 1 84  ? -1.450  6.711   -4.091  1.00 31.33 ? 73  ILE A C   1 
ATOM   432  O O   . ILE A 1 84  ? -2.068  6.337   -5.102  1.00 31.65 ? 73  ILE A O   1 
ATOM   433  C CB  . ILE A 1 84  ? 0.583   5.451   -3.443  1.00 31.39 ? 73  ILE A CB  1 
ATOM   434  C CG1 . ILE A 1 84  ? 2.066   5.320   -3.790  1.00 31.62 ? 73  ILE A CG1 1 
ATOM   435  C CG2 . ILE A 1 84  ? -0.203  4.298   -3.991  1.00 31.75 ? 73  ILE A CG2 1 
ATOM   436  C CD1 . ILE A 1 84  ? 2.698   4.139   -3.223  1.00 32.02 ? 73  ILE A CD1 1 
ATOM   437  N N   . GLY A 1 85  ? -2.055  7.181   -3.020  1.00 30.41 ? 74  GLY A N   1 
ATOM   438  C CA  . GLY A 1 85  ? -3.476  7.220   -2.952  1.00 29.42 ? 74  GLY A CA  1 
ATOM   439  C C   . GLY A 1 85  ? -3.785  7.156   -1.517  1.00 29.09 ? 74  GLY A C   1 
ATOM   440  O O   . GLY A 1 85  ? -3.154  7.822   -0.704  1.00 30.46 ? 74  GLY A O   1 
ATOM   441  N N   . HIS A 1 86  ? -4.730  6.330   -1.164  1.00 28.56 ? 75  HIS A N   1 
ATOM   442  C CA  . HIS A 1 86  ? -5.064  6.262   0.235   1.00 28.91 ? 75  HIS A CA  1 
ATOM   443  C C   . HIS A 1 86  ? -5.695  4.937   0.437   1.00 27.41 ? 75  HIS A C   1 
ATOM   444  O O   . HIS A 1 86  ? -6.172  4.341   -0.520  1.00 27.19 ? 75  HIS A O   1 
ATOM   445  C CB  . HIS A 1 86  ? -5.939  7.446   0.718   1.00 29.94 ? 75  HIS A CB  1 
ATOM   446  C CG  . HIS A 1 86  ? -7.098  7.741   -0.152  1.00 33.47 ? 75  HIS A CG  1 
ATOM   447  N ND1 . HIS A 1 86  ? -8.401  7.524   0.251   1.00 39.84 ? 75  HIS A ND1 1 
ATOM   448  C CD2 . HIS A 1 86  ? -7.165  8.238   -1.411  1.00 37.91 ? 75  HIS A CD2 1 
ATOM   449  C CE1 . HIS A 1 86  ? -9.227  7.887   -0.719  1.00 42.00 ? 75  HIS A CE1 1 
ATOM   450  N NE2 . HIS A 1 86  ? -8.502  8.318   -1.740  1.00 43.31 ? 75  HIS A NE2 1 
ATOM   451  N N   . VAL A 1 87  ? -5.596  4.441   1.659   1.00 25.55 ? 76  VAL A N   1 
ATOM   452  C CA  . VAL A 1 87  ? -6.133  3.160   1.948   1.00 24.30 ? 76  VAL A CA  1 
ATOM   453  C C   . VAL A 1 87  ? -7.294  3.399   2.855   1.00 25.19 ? 76  VAL A C   1 
ATOM   454  O O   . VAL A 1 87  ? -7.173  4.067   3.892   1.00 24.74 ? 76  VAL A O   1 
ATOM   455  C CB  . VAL A 1 87  ? -5.097  2.217   2.616   1.00 24.60 ? 76  VAL A CB  1 
ATOM   456  C CG1 . VAL A 1 87  ? -4.344  2.892   3.777   1.00 17.59 ? 76  VAL A CG1 1 
ATOM   457  C CG2 . VAL A 1 87  ? -5.758  0.937   3.007   1.00 22.27 ? 76  VAL A CG2 1 
ATOM   458  N N   . ILE A 1 88  ? -8.441  2.883   2.444   1.00 25.78 ? 77  ILE A N   1 
ATOM   459  C CA  . ILE A 1 88  ? -9.625  3.008   3.287   1.00 26.32 ? 77  ILE A CA  1 
ATOM   460  C C   . ILE A 1 88  ? -9.765  1.719   4.068   1.00 26.70 ? 77  ILE A C   1 
ATOM   461  O O   . ILE A 1 88  ? -9.803  0.624   3.517   1.00 27.49 ? 77  ILE A O   1 
ATOM   462  C CB  . ILE A 1 88  ? -10.889 3.335   2.492   1.00 25.76 ? 77  ILE A CB  1 
ATOM   463  C CG1 . ILE A 1 88  ? -10.639 4.563   1.639   1.00 25.28 ? 77  ILE A CG1 1 
ATOM   464  C CG2 . ILE A 1 88  ? -12.071 3.566   3.452   1.00 26.18 ? 77  ILE A CG2 1 
ATOM   465  C CD1 . ILE A 1 88  ? -10.001 4.259   0.288   1.00 26.88 ? 77  ILE A CD1 1 
ATOM   466  N N   . ILE A 1 89  ? -9.770  1.852   5.370   1.00 27.14 ? 78  ILE A N   1 
ATOM   467  C CA  . ILE A 1 89  ? -9.998  0.704   6.187   1.00 28.09 ? 78  ILE A CA  1 
ATOM   468  C C   . ILE A 1 89  ? -11.296 0.904   6.980   1.00 28.90 ? 78  ILE A C   1 
ATOM   469  O O   . ILE A 1 89  ? -11.287 1.417   8.108   1.00 28.08 ? 78  ILE A O   1 
ATOM   470  C CB  . ILE A 1 89  ? -8.798  0.439   7.095   1.00 27.74 ? 78  ILE A CB  1 
ATOM   471  C CG1 . ILE A 1 89  ? -7.532  0.427   6.249   1.00 27.45 ? 78  ILE A CG1 1 
ATOM   472  C CG2 . ILE A 1 89  ? -9.009  -0.869  7.829   1.00 26.72 ? 78  ILE A CG2 1 
ATOM   473  C CD1 . ILE A 1 89  ? -6.299  0.782   7.011   1.00 25.26 ? 78  ILE A CD1 1 
ATOM   474  N N   . PRO A 1 90  ? -12.420 0.496   6.381   1.00 30.31 ? 79  PRO A N   1 
ATOM   475  C CA  . PRO A 1 90  ? -13.720 0.722   7.001   1.00 31.02 ? 79  PRO A CA  1 
ATOM   476  C C   . PRO A 1 90  ? -13.629 0.405   8.478   1.00 31.49 ? 79  PRO A C   1 
ATOM   477  O O   . PRO A 1 90  ? -13.993 1.224   9.291   1.00 32.81 ? 79  PRO A O   1 
ATOM   478  C CB  . PRO A 1 90  ? -14.624 -0.300  6.304   1.00 32.01 ? 79  PRO A CB  1 
ATOM   479  C CG  . PRO A 1 90  ? -13.999 -0.488  4.951   1.00 32.25 ? 79  PRO A CG  1 
ATOM   480  C CD  . PRO A 1 90  ? -12.516 -0.238  5.107   1.00 30.36 ? 79  PRO A CD  1 
ATOM   481  N N   . ARG A 1 91  ? -13.068 -0.740  8.827   1.00 31.45 ? 80  ARG A N   1 
ATOM   482  C CA  . ARG A 1 91  ? -13.170 -1.251  10.184  1.00 32.01 ? 80  ARG A CA  1 
ATOM   483  C C   . ARG A 1 91  ? -12.804 -0.229  11.219  1.00 31.62 ? 80  ARG A C   1 
ATOM   484  O O   . ARG A 1 91  ? -13.328 -0.240  12.319  1.00 32.65 ? 80  ARG A O   1 
ATOM   485  C CB  . ARG A 1 91  ? -12.279 -2.485  10.360  1.00 31.84 ? 80  ARG A CB  1 
ATOM   486  C CG  . ARG A 1 91  ? -12.106 -2.923  11.795  1.00 34.75 ? 80  ARG A CG  1 
ATOM   487  C CD  . ARG A 1 91  ? -13.415 -3.334  12.434  1.00 36.43 ? 80  ARG A CD  1 
ATOM   488  N NE  . ARG A 1 91  ? -13.790 -4.615  11.892  1.00 41.80 ? 80  ARG A NE  1 
ATOM   489  C CZ  . ARG A 1 91  ? -15.001 -5.146  11.969  1.00 46.78 ? 80  ARG A CZ  1 
ATOM   490  N NH1 . ARG A 1 91  ? -15.219 -6.338  11.420  1.00 48.00 ? 80  ARG A NH1 1 
ATOM   491  N NH2 . ARG A 1 91  ? -15.991 -4.503  12.593  1.00 47.04 ? 80  ARG A NH2 1 
ATOM   492  N N   . ILE A 1 92  ? -11.847 0.615   10.875  1.00 31.44 ? 81  ILE A N   1 
ATOM   493  C CA  . ILE A 1 92  ? -11.183 1.471   11.851  1.00 30.65 ? 81  ILE A CA  1 
ATOM   494  C C   . ILE A 1 92  ? -11.322 2.883   11.353  1.00 31.17 ? 81  ILE A C   1 
ATOM   495  O O   . ILE A 1 92  ? -10.576 3.771   11.760  1.00 30.29 ? 81  ILE A O   1 
ATOM   496  C CB  . ILE A 1 92  ? -9.694  1.085   12.057  1.00 30.30 ? 81  ILE A CB  1 
ATOM   497  C CG1 . ILE A 1 92  ? -8.886  1.330   10.793  1.00 30.05 ? 81  ILE A CG1 1 
ATOM   498  C CG2 . ILE A 1 92  ? -9.562  -0.371  12.457  1.00 29.68 ? 81  ILE A CG2 1 
ATOM   499  C CD1 . ILE A 1 92  ? -7.453  0.846   10.887  1.00 30.63 ? 81  ILE A CD1 1 
ATOM   500  N N   . ASN A 1 93  ? -12.293 3.058   10.444  1.00 31.87 ? 82  ASN A N   1 
ATOM   501  C CA  . ASN A 1 93  ? -12.717 4.358   9.963   1.00 33.41 ? 82  ASN A CA  1 
ATOM   502  C C   . ASN A 1 93  ? -11.510 5.129   9.519   1.00 32.77 ? 82  ASN A C   1 
ATOM   503  O O   . ASN A 1 93  ? -11.397 6.308   9.793   1.00 34.22 ? 82  ASN A O   1 
ATOM   504  C CB  . ASN A 1 93  ? -13.465 5.144   11.072  1.00 34.08 ? 82  ASN A CB  1 
ATOM   505  C CG  . ASN A 1 93  ? -14.387 4.262   11.867  1.00 37.71 ? 82  ASN A CG  1 
ATOM   506  O OD1 . ASN A 1 93  ? -15.324 3.684   11.314  1.00 40.60 ? 82  ASN A OD1 1 
ATOM   507  N ND2 . ASN A 1 93  ? -14.100 4.101   13.165  1.00 39.93 ? 82  ASN A ND2 1 
ATOM   508  N N   . GLN A 1 94  ? -10.570 4.458   8.880   1.00 32.31 ? 83  GLN A N   1 
ATOM   509  C CA  . GLN A 1 94  ? -9.373  5.138   8.479   1.00 31.46 ? 83  GLN A CA  1 
ATOM   510  C C   . GLN A 1 94  ? -9.442  5.298   7.017   1.00 30.78 ? 83  GLN A C   1 
ATOM   511  O O   . GLN A 1 94  ? -9.813  4.387   6.309   1.00 31.00 ? 83  GLN A O   1 
ATOM   512  C CB  . GLN A 1 94  ? -8.103  4.418   8.919   1.00 31.29 ? 83  GLN A CB  1 
ATOM   513  C CG  . GLN A 1 94  ? -7.640  4.784   10.340  1.00 33.65 ? 83  GLN A CG  1 
ATOM   514  C CD  . GLN A 1 94  ? -7.605  6.284   10.603  1.00 39.29 ? 83  GLN A CD  1 
ATOM   515  O OE1 . GLN A 1 94  ? -7.155  7.083   9.759   1.00 42.69 ? 83  GLN A OE1 1 
ATOM   516  N NE2 . GLN A 1 94  ? -8.103  6.684   11.773  1.00 39.42 ? 83  GLN A NE2 1 
ATOM   517  N N   . ASP A 1 95  ? -9.160  6.510   6.575   1.00 30.70 ? 84  ASP A N   1 
ATOM   518  C CA  . ASP A 1 95  ? -8.963  6.744   5.183   1.00 30.48 ? 84  ASP A CA  1 
ATOM   519  C C   . ASP A 1 95  ? -7.677  7.500   5.142   1.00 29.95 ? 84  ASP A C   1 
ATOM   520  O O   . ASP A 1 95  ? -7.676  8.714   5.354   1.00 30.40 ? 84  ASP A O   1 
ATOM   521  C CB  . ASP A 1 95  ? -10.089 7.565   4.580   1.00 30.77 ? 84  ASP A CB  1 
ATOM   522  C CG  . ASP A 1 95  ? -9.983  7.640   3.105   1.00 33.21 ? 84  ASP A CG  1 
ATOM   523  O OD1 . ASP A 1 95  ? -8.877  7.325   2.585   1.00 35.18 ? 84  ASP A OD1 1 
ATOM   524  O OD2 . ASP A 1 95  ? -10.989 7.993   2.460   1.00 37.19 ? 84  ASP A OD2 1 
ATOM   525  N N   . ILE A 1 96  ? -6.578  6.767   4.913   1.00 28.95 ? 85  ILE A N   1 
ATOM   526  C CA  . ILE A 1 96  ? -5.266  7.331   5.064   1.00 27.32 ? 85  ILE A CA  1 
ATOM   527  C C   . ILE A 1 96  ? -4.555  7.463   3.749   1.00 27.20 ? 85  ILE A C   1 
ATOM   528  O O   . ILE A 1 96  ? -4.568  6.568   2.928   1.00 28.35 ? 85  ILE A O   1 
ATOM   529  C CB  . ILE A 1 96  ? -4.412  6.567   6.061   1.00 27.40 ? 85  ILE A CB  1 
ATOM   530  C CG1 . ILE A 1 96  ? -5.159  6.429   7.383   1.00 26.70 ? 85  ILE A CG1 1 
ATOM   531  C CG2 . ILE A 1 96  ? -3.111  7.327   6.336   1.00 25.97 ? 85  ILE A CG2 1 
ATOM   532  C CD1 . ILE A 1 96  ? -4.512  5.442   8.327   1.00 29.05 ? 85  ILE A CD1 1 
ATOM   533  N N   . PRO A 1 97  ? -3.922  8.601   3.543   1.00 26.87 ? 86  PRO A N   1 
ATOM   534  C CA  . PRO A 1 97  ? -3.230  8.829   2.305   1.00 26.34 ? 86  PRO A CA  1 
ATOM   535  C C   . PRO A 1 97  ? -2.043  7.889   2.272   1.00 25.73 ? 86  PRO A C   1 
ATOM   536  O O   . PRO A 1 97  ? -1.383  7.716   3.285   1.00 25.11 ? 86  PRO A O   1 
ATOM   537  C CB  . PRO A 1 97  ? -2.759  10.273  2.459   1.00 26.17 ? 86  PRO A CB  1 
ATOM   538  C CG  . PRO A 1 97  ? -3.683  10.852  3.470   1.00 25.90 ? 86  PRO A CG  1 
ATOM   539  C CD  . PRO A 1 97  ? -3.816  9.769   4.439   1.00 26.91 ? 86  PRO A CD  1 
ATOM   540  N N   . ILE A 1 98  ? -1.807  7.254   1.127   1.00 25.04 ? 87  ILE A N   1 
ATOM   541  C CA  . ILE A 1 98  ? -0.641  6.429   0.976   1.00 24.04 ? 87  ILE A CA  1 
ATOM   542  C C   . ILE A 1 98  ? 0.385   7.197   0.201   1.00 24.41 ? 87  ILE A C   1 
ATOM   543  O O   . ILE A 1 98  ? 0.100   7.732   -0.884  1.00 25.29 ? 87  ILE A O   1 
ATOM   544  C CB  . ILE A 1 98  ? -0.933  5.127   0.232   1.00 24.02 ? 87  ILE A CB  1 
ATOM   545  C CG1 . ILE A 1 98  ? -2.170  4.417   0.778   1.00 22.80 ? 87  ILE A CG1 1 
ATOM   546  C CG2 . ILE A 1 98  ? 0.228   4.197   0.436   1.00 24.47 ? 87  ILE A CG2 1 
ATOM   547  C CD1 . ILE A 1 98  ? -2.841  3.557   -0.231  1.00 21.48 ? 87  ILE A CD1 1 
ATOM   548  N N   . TYR A 1 99  ? 1.590   7.262   0.741   1.00 23.74 ? 88  TYR A N   1 
ATOM   549  C CA  . TYR A 1 99  ? 2.682   7.875   0.023   1.00 22.63 ? 88  TYR A CA  1 
ATOM   550  C C   . TYR A 1 99  ? 3.683   6.805   -0.293  1.00 22.72 ? 88  TYR A C   1 
ATOM   551  O O   . TYR A 1 99  ? 3.779   5.819   0.420   1.00 23.38 ? 88  TYR A O   1 
ATOM   552  C CB  . TYR A 1 99  ? 3.306   8.972   0.867   1.00 22.95 ? 88  TYR A CB  1 
ATOM   553  C CG  . TYR A 1 99  ? 2.314   10.000  1.280   1.00 23.25 ? 88  TYR A CG  1 
ATOM   554  C CD1 . TYR A 1 99  ? 2.080   11.121  0.499   1.00 25.59 ? 88  TYR A CD1 1 
ATOM   555  C CD2 . TYR A 1 99  ? 1.565   9.835   2.433   1.00 22.71 ? 88  TYR A CD2 1 
ATOM   556  C CE1 . TYR A 1 99  ? 1.115   12.063  0.876   1.00 27.41 ? 88  TYR A CE1 1 
ATOM   557  C CE2 . TYR A 1 99  ? 0.637   10.752  2.814   1.00 24.13 ? 88  TYR A CE2 1 
ATOM   558  C CZ  . TYR A 1 99  ? 0.412   11.877  2.040   1.00 27.76 ? 88  TYR A CZ  1 
ATOM   559  O OH  . TYR A 1 99  ? -0.547  12.807  2.435   1.00 32.38 ? 88  TYR A OH  1 
ATOM   560  N N   . ALA A 1 100 ? 4.397   6.980   -1.393  1.00 22.58 ? 89  ALA A N   1 
ATOM   561  C CA  . ALA A 1 100 ? 5.445   6.095   -1.773  1.00 22.57 ? 89  ALA A CA  1 
ATOM   562  C C   . ALA A 1 100 ? 6.573   6.211   -0.763  1.00 23.90 ? 89  ALA A C   1 
ATOM   563  O O   . ALA A 1 100 ? 7.158   7.281   -0.551  1.00 24.01 ? 89  ALA A O   1 
ATOM   564  C CB  . ALA A 1 100 ? 5.944   6.486   -3.077  1.00 22.45 ? 89  ALA A CB  1 
ATOM   565  N N   . GLY A 1 101 ? 6.936   5.093   -0.175  1.00 23.97 ? 90  GLY A N   1 
ATOM   566  C CA  . GLY A 1 101 ? 8.114   5.100   0.649   1.00 23.73 ? 90  GLY A CA  1 
ATOM   567  C C   . GLY A 1 101 ? 7.625   5.036   2.054   1.00 23.36 ? 90  GLY A C   1 
ATOM   568  O O   . GLY A 1 101 ? 6.592   5.586   2.339   1.00 22.92 ? 90  GLY A O   1 
ATOM   569  N N   . SER A 1 102 ? 8.352   4.328   2.906   1.00 23.78 ? 91  SER A N   1 
ATOM   570  C CA  . SER A 1 102 ? 8.051   4.280   4.323   1.00 25.50 ? 91  SER A CA  1 
ATOM   571  C C   . SER A 1 102 ? 8.777   5.368   5.096   1.00 26.78 ? 91  SER A C   1 
ATOM   572  O O   . SER A 1 102 ? 8.923   5.260   6.325   1.00 28.19 ? 91  SER A O   1 
ATOM   573  C CB  . SER A 1 102 ? 8.479   2.941   4.887   1.00 24.69 ? 91  SER A CB  1 
ATOM   574  O OG  . SER A 1 102 ? 9.749   2.628   4.360   1.00 24.86 ? 91  SER A OG  1 
ATOM   575  N N   . ALA A 1 103 ? 9.255   6.386   4.390   1.00 28.66 ? 92  ALA A N   1 
ATOM   576  C CA  . ALA A 1 103 ? 9.970   7.498   5.020   1.00 29.90 ? 92  ALA A CA  1 
ATOM   577  C C   . ALA A 1 103 ? 9.066   8.080   6.053   1.00 31.03 ? 92  ALA A C   1 
ATOM   578  O O   . ALA A 1 103 ? 7.845   8.182   5.836   1.00 31.20 ? 92  ALA A O   1 
ATOM   579  C CB  . ALA A 1 103 ? 10.332  8.575   4.002   1.00 29.48 ? 92  ALA A CB  1 
ATOM   580  N N   . GLU A 1 104 ? 9.665   8.469   7.180   1.00 32.04 ? 93  GLU A N   1 
ATOM   581  C CA  . GLU A 1 104 ? 8.925   9.056   8.270   1.00 32.55 ? 93  GLU A CA  1 
ATOM   582  C C   . GLU A 1 104 ? 8.031   10.167  7.775   1.00 32.69 ? 93  GLU A C   1 
ATOM   583  O O   . GLU A 1 104 ? 6.951   10.389  8.304   1.00 33.38 ? 93  GLU A O   1 
ATOM   584  C CB  . GLU A 1 104 ? 9.914   9.615   9.250   1.00 33.17 ? 93  GLU A CB  1 
ATOM   585  C CG  . GLU A 1 104 ? 9.563   9.360   10.662  1.00 36.66 ? 93  GLU A CG  1 
ATOM   586  C CD  . GLU A 1 104 ? 8.658   8.157   10.840  1.00 40.02 ? 93  GLU A CD  1 
ATOM   587  O OE1 . GLU A 1 104 ? 9.148   6.995   10.738  1.00 42.76 ? 93  GLU A OE1 1 
ATOM   588  O OE2 . GLU A 1 104 ? 7.458   8.402   11.112  1.00 38.99 ? 93  GLU A OE2 1 
ATOM   589  N N   . GLU A 1 105 ? 8.471   10.869  6.743   1.00 32.86 ? 94  GLU A N   1 
ATOM   590  C CA  . GLU A 1 105 ? 7.787   12.072  6.358   1.00 33.60 ? 94  GLU A CA  1 
ATOM   591  C C   . GLU A 1 105 ? 6.458   11.671  5.790   1.00 33.70 ? 94  GLU A C   1 
ATOM   592  O O   . GLU A 1 105 ? 5.523   12.469  5.768   1.00 35.09 ? 94  GLU A O   1 
ATOM   593  C CB  . GLU A 1 105 ? 8.620   12.902  5.346   1.00 34.07 ? 94  GLU A CB  1 
ATOM   594  N N   . ASN A 1 106 ? 6.387   10.417  5.347   1.00 32.91 ? 95  ASN A N   1 
ATOM   595  C CA  . ASN A 1 106 ? 5.160   9.792   4.898   1.00 31.94 ? 95  ASN A CA  1 
ATOM   596  C C   . ASN A 1 106 ? 4.417   9.244   6.080   1.00 31.68 ? 95  ASN A C   1 
ATOM   597  O O   . ASN A 1 106 ? 3.216   9.387   6.197   1.00 32.41 ? 95  ASN A O   1 
ATOM   598  C CB  . ASN A 1 106 ? 5.474   8.610   3.984   1.00 31.59 ? 95  ASN A CB  1 
ATOM   599  C CG  . ASN A 1 106 ? 5.959   9.036   2.636   1.00 29.60 ? 95  ASN A CG  1 
ATOM   600  O OD1 . ASN A 1 106 ? 5.881   10.201  2.276   1.00 32.38 ? 95  ASN A OD1 1 
ATOM   601  N ND2 . ASN A 1 106 ? 6.432   8.095   1.868   1.00 27.52 ? 95  ASN A ND2 1 
ATOM   602  N N   . LEU A 1 107 ? 5.146   8.576   6.945   1.00 31.05 ? 96  LEU A N   1 
ATOM   603  C CA  . LEU A 1 107 ? 4.531   7.933   8.044   1.00 31.43 ? 96  LEU A CA  1 
ATOM   604  C C   . LEU A 1 107 ? 3.916   8.959   9.004   1.00 32.28 ? 96  LEU A C   1 
ATOM   605  O O   . LEU A 1 107 ? 3.049   8.624   9.825   1.00 32.78 ? 96  LEU A O   1 
ATOM   606  C CB  . LEU A 1 107 ? 5.552   7.037   8.718   1.00 31.55 ? 96  LEU A CB  1 
ATOM   607  C CG  . LEU A 1 107 ? 5.593   5.566   8.295   1.00 31.05 ? 96  LEU A CG  1 
ATOM   608  C CD1 . LEU A 1 107 ? 5.403   5.405   6.812   1.00 28.67 ? 96  LEU A CD1 1 
ATOM   609  C CD2 . LEU A 1 107 ? 6.892   4.903   8.777   1.00 30.41 ? 96  LEU A CD2 1 
ATOM   610  N N   . GLN A 1 108 ? 4.351   10.209  8.894   1.00 32.14 ? 97  GLN A N   1 
ATOM   611  C CA  . GLN A 1 108 ? 3.815   11.260  9.725   1.00 32.47 ? 97  GLN A CA  1 
ATOM   612  C C   . GLN A 1 108 ? 2.537   11.747  9.076   1.00 32.62 ? 97  GLN A C   1 
ATOM   613  O O   . GLN A 1 108 ? 1.660   12.288  9.741   1.00 33.41 ? 97  GLN A O   1 
ATOM   614  C CB  . GLN A 1 108 ? 4.830   12.403  9.908   1.00 32.44 ? 97  GLN A CB  1 
ATOM   615  C CG  . GLN A 1 108 ? 6.154   12.004  10.554  1.00 34.77 ? 97  GLN A CG  1 
ATOM   616  C CD  . GLN A 1 108 ? 6.041   11.705  12.068  1.00 40.54 ? 97  GLN A CD  1 
ATOM   617  O OE1 . GLN A 1 108 ? 5.391   12.445  12.809  1.00 39.78 ? 97  GLN A OE1 1 
ATOM   618  N NE2 . GLN A 1 108 ? 6.686   10.619  12.523  1.00 41.80 ? 97  GLN A NE2 1 
ATOM   619  N N   . ARG A 1 109 ? 2.426   11.536  7.767   1.00 33.23 ? 98  ARG A N   1 
ATOM   620  C CA  . ARG A 1 109 ? 1.315   12.053  6.964   1.00 32.63 ? 98  ARG A CA  1 
ATOM   621  C C   . ARG A 1 109 ? 0.237   10.995  6.751   1.00 32.19 ? 98  ARG A C   1 
ATOM   622  O O   . ARG A 1 109 ? -0.926  11.309  6.506   1.00 32.95 ? 98  ARG A O   1 
ATOM   623  C CB  . ARG A 1 109 ? 1.830   12.456  5.597   1.00 33.23 ? 98  ARG A CB  1 
ATOM   624  C CG  . ARG A 1 109 ? 2.346   13.877  5.446   1.00 34.14 ? 98  ARG A CG  1 
ATOM   625  C CD  . ARG A 1 109 ? 3.491   13.798  4.463   1.00 39.23 ? 98  ARG A CD  1 
ATOM   626  N NE  . ARG A 1 109 ? 3.158   14.024  3.053   1.00 42.94 ? 98  ARG A NE  1 
ATOM   627  C CZ  . ARG A 1 109 ? 3.898   13.576  2.039   1.00 44.98 ? 98  ARG A CZ  1 
ATOM   628  N NH1 . ARG A 1 109 ? 4.972   12.833  2.276   1.00 44.78 ? 98  ARG A NH1 1 
ATOM   629  N NH2 . ARG A 1 109 ? 3.559   13.848  0.774   1.00 49.10 ? 98  ARG A NH2 1 
ATOM   630  N N   . GLY A 1 110 ? 0.627   9.733   6.813   1.00 31.02 ? 99  GLY A N   1 
ATOM   631  C CA  . GLY A 1 110 ? -0.316  8.656   6.588   1.00 28.67 ? 99  GLY A CA  1 
ATOM   632  C C   . GLY A 1 110 ? 0.427   7.382   6.316   1.00 27.58 ? 99  GLY A C   1 
ATOM   633  O O   . GLY A 1 110 ? 1.357   7.013   7.041   1.00 27.67 ? 99  GLY A O   1 
ATOM   634  N N   . VAL A 1 111 ? 0.025   6.713   5.250   1.00 25.88 ? 100 VAL A N   1 
ATOM   635  C CA  . VAL A 1 111 ? 0.520   5.406   4.951   1.00 23.72 ? 100 VAL A CA  1 
ATOM   636  C C   . VAL A 1 111 ? 1.724   5.552   4.088   1.00 22.72 ? 100 VAL A C   1 
ATOM   637  O O   . VAL A 1 111 ? 1.732   6.314   3.161   1.00 23.65 ? 100 VAL A O   1 
ATOM   638  C CB  . VAL A 1 111 ? -0.554  4.555   4.276   1.00 23.82 ? 100 VAL A CB  1 
ATOM   639  C CG1 . VAL A 1 111 ? 0.065   3.355   3.662   1.00 23.21 ? 100 VAL A CG1 1 
ATOM   640  C CG2 . VAL A 1 111 ? -1.553  4.118   5.339   1.00 24.90 ? 100 VAL A CG2 1 
ATOM   641  N N   . GLY A 1 112 ? 2.782   4.855   4.425   1.00 22.37 ? 101 GLY A N   1 
ATOM   642  C CA  . GLY A 1 112 ? 3.946   4.820   3.565   1.00 21.06 ? 101 GLY A CA  1 
ATOM   643  C C   . GLY A 1 112 ? 3.892   3.498   2.867   1.00 20.63 ? 101 GLY A C   1 
ATOM   644  O O   . GLY A 1 112 ? 3.842   2.444   3.489   1.00 20.46 ? 101 GLY A O   1 
ATOM   645  N N   . HIS A 1 113 ? 3.851   3.549   1.551   1.00 19.79 ? 102 HIS A N   1 
ATOM   646  C CA  . HIS A 1 113 ? 3.938   2.369   0.827   1.00 17.87 ? 102 HIS A CA  1 
ATOM   647  C C   . HIS A 1 113 ? 5.320   1.849   1.005   1.00 19.17 ? 102 HIS A C   1 
ATOM   648  O O   . HIS A 1 113 ? 6.292   2.595   0.878   1.00 18.76 ? 102 HIS A O   1 
ATOM   649  C CB  . HIS A 1 113 ? 3.720   2.643   -0.613  1.00 17.58 ? 102 HIS A CB  1 
ATOM   650  C CG  . HIS A 1 113 ? 4.083   1.487   -1.452  1.00 14.61 ? 102 HIS A CG  1 
ATOM   651  N ND1 . HIS A 1 113 ? 5.327   1.357   -2.019  1.00 11.52 ? 102 HIS A ND1 1 
ATOM   652  C CD2 . HIS A 1 113 ? 3.425   0.336   -1.697  1.00 15.72 ? 102 HIS A CD2 1 
ATOM   653  C CE1 . HIS A 1 113 ? 5.389   0.203   -2.657  1.00 16.54 ? 102 HIS A CE1 1 
ATOM   654  N NE2 . HIS A 1 113 ? 4.247   -0.441  -2.477  1.00 14.43 ? 102 HIS A NE2 1 
ATOM   655  N N   . LEU A 1 114 ? 5.435   0.557   1.285   1.00 19.64 ? 103 LEU A N   1 
ATOM   656  C CA  . LEU A 1 114 ? 6.716   0.035   1.612   1.00 20.03 ? 103 LEU A CA  1 
ATOM   657  C C   . LEU A 1 114 ? 7.524   -0.202  0.379   1.00 21.82 ? 103 LEU A C   1 
ATOM   658  O O   . LEU A 1 114 ? 7.146   -0.982  -0.502  1.00 23.59 ? 103 LEU A O   1 
ATOM   659  C CB  . LEU A 1 114 ? 6.538   -1.263  2.352   1.00 20.06 ? 103 LEU A CB  1 
ATOM   660  C CG  . LEU A 1 114 ? 7.740   -1.725  3.151   1.00 18.35 ? 103 LEU A CG  1 
ATOM   661  C CD1 . LEU A 1 114 ? 7.898   -0.810  4.346   1.00 21.40 ? 103 LEU A CD1 1 
ATOM   662  C CD2 . LEU A 1 114 ? 7.410   -3.057  3.576   1.00 15.41 ? 103 LEU A CD2 1 
ATOM   663  N N   . GLU A 1 115 ? 8.671   0.441   0.325   1.00 22.53 ? 104 GLU A N   1 
ATOM   664  C CA  . GLU A 1 115 ? 9.658   0.216   -0.732  1.00 23.10 ? 104 GLU A CA  1 
ATOM   665  C C   . GLU A 1 115 ? 9.870   -1.260  -0.989  1.00 23.42 ? 104 GLU A C   1 
ATOM   666  O O   . GLU A 1 115 ? 9.872   -2.021  -0.044  1.00 23.85 ? 104 GLU A O   1 
ATOM   667  C CB  . GLU A 1 115 ? 10.987  0.822   -0.272  1.00 23.71 ? 104 GLU A CB  1 
ATOM   668  C CG  . GLU A 1 115 ? 10.921  2.357   -0.059  1.00 25.18 ? 104 GLU A CG  1 
ATOM   669  C CD  . GLU A 1 115 ? 10.417  2.769   1.305   1.00 26.49 ? 104 GLU A CD  1 
ATOM   670  O OE1 . GLU A 1 115 ? 9.708   1.994   1.963   1.00 26.92 ? 104 GLU A OE1 1 
ATOM   671  O OE2 . GLU A 1 115 ? 10.721  3.901   1.719   1.00 30.75 ? 104 GLU A OE2 1 
ATOM   672  N N   . GLY A 1 116 ? 10.071  -1.651  -2.252  1.00 22.78 ? 105 GLY A N   1 
ATOM   673  C CA  . GLY A 1 116 ? 10.361  -3.020  -2.629  1.00 21.79 ? 105 GLY A CA  1 
ATOM   674  C C   . GLY A 1 116 ? 9.106   -3.850  -2.667  1.00 22.52 ? 105 GLY A C   1 
ATOM   675  O O   . GLY A 1 116 ? 9.116   -5.088  -2.858  1.00 23.06 ? 105 GLY A O   1 
ATOM   676  N N   . THR A 1 117 ? 8.004   -3.151  -2.487  1.00 21.71 ? 106 THR A N   1 
ATOM   677  C CA  . THR A 1 117 ? 6.725   -3.764  -2.308  1.00 20.47 ? 106 THR A CA  1 
ATOM   678  C C   . THR A 1 117 ? 5.890   -3.314  -3.469  1.00 19.76 ? 106 THR A C   1 
ATOM   679  O O   . THR A 1 117 ? 6.098   -2.231  -4.048  1.00 18.99 ? 106 THR A O   1 
ATOM   680  C CB  . THR A 1 117 ? 6.195   -3.322  -0.945  1.00 20.31 ? 106 THR A CB  1 
ATOM   681  O OG1 . THR A 1 117 ? 6.316   -4.428  -0.056  1.00 24.28 ? 106 THR A OG1 1 
ATOM   682  C CG2 . THR A 1 117 ? 4.868   -2.888  -0.980  1.00 16.17 ? 106 THR A CG2 1 
ATOM   683  N N   . SER A 1 118 ? 4.963   -4.160  -3.845  1.00 18.17 ? 107 SER A N   1 
ATOM   684  C CA  . SER A 1 118 ? 4.143   -3.822  -4.941  1.00 17.47 ? 107 SER A CA  1 
ATOM   685  C C   . SER A 1 118 ? 3.491   -2.512  -4.635  1.00 17.75 ? 107 SER A C   1 
ATOM   686  O O   . SER A 1 118 ? 3.055   -2.249  -3.517  1.00 17.92 ? 107 SER A O   1 
ATOM   687  C CB  . SER A 1 118 ? 3.109   -4.911  -5.149  1.00 17.52 ? 107 SER A CB  1 
ATOM   688  O OG  . SER A 1 118 ? 3.769   -6.162  -5.091  1.00 14.58 ? 107 SER A OG  1 
ATOM   689  N N   . LEU A 1 119 ? 3.442   -1.648  -5.633  1.00 18.53 ? 108 LEU A N   1 
ATOM   690  C CA  . LEU A 1 119 ? 2.579   -0.492  -5.544  1.00 17.74 ? 108 LEU A CA  1 
ATOM   691  C C   . LEU A 1 119 ? 1.180   -1.032  -5.397  1.00 18.02 ? 108 LEU A C   1 
ATOM   692  O O   . LEU A 1 119 ? 0.845   -2.076  -5.953  1.00 17.10 ? 108 LEU A O   1 
ATOM   693  C CB  . LEU A 1 119 ? 2.722   0.321   -6.793  1.00 17.63 ? 108 LEU A CB  1 
ATOM   694  C CG  . LEU A 1 119 ? 3.914   1.265   -6.679  1.00 17.28 ? 108 LEU A CG  1 
ATOM   695  C CD1 . LEU A 1 119 ? 4.099   2.032   -7.978  1.00 13.83 ? 108 LEU A CD1 1 
ATOM   696  C CD2 . LEU A 1 119 ? 3.699   2.230   -5.535  1.00 13.46 ? 108 LEU A CD2 1 
ATOM   697  N N   . PRO A 1 120 ? 0.357   -0.359  -4.601  1.00 19.00 ? 109 PRO A N   1 
ATOM   698  C CA  . PRO A 1 120 ? -0.938  -0.948  -4.251  1.00 19.60 ? 109 PRO A CA  1 
ATOM   699  C C   . PRO A 1 120 ? -1.922  -0.692  -5.351  1.00 20.92 ? 109 PRO A C   1 
ATOM   700  O O   . PRO A 1 120 ? -2.863  0.124   -5.218  1.00 22.08 ? 109 PRO A O   1 
ATOM   701  C CB  . PRO A 1 120 ? -1.316  -0.204  -2.995  1.00 19.51 ? 109 PRO A CB  1 
ATOM   702  C CG  . PRO A 1 120 ? -0.617  1.130   -3.138  1.00 18.89 ? 109 PRO A CG  1 
ATOM   703  C CD  . PRO A 1 120 ? 0.648   0.872   -3.851  1.00 18.71 ? 109 PRO A CD  1 
ATOM   704  N N   . VAL A 1 121 ? -1.690  -1.381  -6.448  1.00 21.39 ? 110 VAL A N   1 
ATOM   705  C CA  . VAL A 1 121 ? -2.418  -1.123  -7.688  1.00 22.11 ? 110 VAL A CA  1 
ATOM   706  C C   . VAL A 1 121 ? -3.053  -2.434  -8.041  1.00 22.59 ? 110 VAL A C   1 
ATOM   707  O O   . VAL A 1 121 ? -3.700  -2.565  -9.079  1.00 24.43 ? 110 VAL A O   1 
ATOM   708  C CB  . VAL A 1 121 ? -1.494  -0.609  -8.829  1.00 21.29 ? 110 VAL A CB  1 
ATOM   709  C CG1 . VAL A 1 121 ? -0.999  0.780   -8.500  1.00 21.86 ? 110 VAL A CG1 1 
ATOM   710  C CG2 . VAL A 1 121 ? -0.320  -1.488  -9.003  1.00 22.32 ? 110 VAL A CG2 1 
ATOM   711  N N   . GLY A 1 122 ? -2.879  -3.400  -7.140  1.00 22.41 ? 111 GLY A N   1 
ATOM   712  C CA  . GLY A 1 122 ? -3.361  -4.749  -7.341  1.00 22.89 ? 111 GLY A CA  1 
ATOM   713  C C   . GLY A 1 122 ? -2.672  -5.423  -8.491  1.00 23.77 ? 111 GLY A C   1 
ATOM   714  O O   . GLY A 1 122 ? -1.813  -4.813  -9.159  1.00 24.28 ? 111 GLY A O   1 
ATOM   715  N N   . GLY A 1 123 ? -3.030  -6.682  -8.707  1.00 23.69 ? 112 GLY A N   1 
ATOM   716  C CA  . GLY A 1 123 ? -2.444  -7.466  -9.754  1.00 25.46 ? 112 GLY A CA  1 
ATOM   717  C C   . GLY A 1 123 ? -2.003  -8.773  -9.168  1.00 27.19 ? 112 GLY A C   1 
ATOM   718  O O   . GLY A 1 123 ? -1.678  -8.847  -7.995  1.00 27.89 ? 112 GLY A O   1 
ATOM   719  N N   . GLU A 1 124 ? -2.040  -9.833  -9.973  1.00 28.95 ? 113 GLU A N   1 
ATOM   720  C CA  . GLU A 1 124 ? -1.494  -11.104 -9.551  1.00 28.71 ? 113 GLU A CA  1 
ATOM   721  C C   . GLU A 1 124 ? -0.072  -10.745 -9.190  1.00 28.63 ? 113 GLU A C   1 
ATOM   722  O O   . GLU A 1 124 ? 0.564   -9.929  -9.871  1.00 29.14 ? 113 GLU A O   1 
ATOM   723  C CB  . GLU A 1 124 ? -1.486  -12.079 -10.685 1.00 29.34 ? 113 GLU A CB  1 
ATOM   724  N N   . SER A 1 125 ? 0.382   -11.312 -8.086  1.00 28.01 ? 114 SER A N   1 
ATOM   725  C CA  . SER A 1 125 ? 1.762   -11.297 -7.700  1.00 27.98 ? 114 SER A CA  1 
ATOM   726  C C   . SER A 1 125 ? 2.124   -9.891  -7.377  1.00 27.69 ? 114 SER A C   1 
ATOM   727  O O   . SER A 1 125 ? 3.187   -9.419  -7.770  1.00 28.48 ? 114 SER A O   1 
ATOM   728  C CB  . SER A 1 125 ? 2.622   -11.795 -8.850  1.00 27.65 ? 114 SER A CB  1 
ATOM   729  O OG  . SER A 1 125 ? 2.280   -13.131 -9.082  1.00 30.19 ? 114 SER A OG  1 
ATOM   730  N N   . THR A 1 126 ? 1.182   -9.198  -6.763  1.00 26.38 ? 115 THR A N   1 
ATOM   731  C CA  . THR A 1 126 ? 1.468   -7.935  -6.187  1.00 25.38 ? 115 THR A CA  1 
ATOM   732  C C   . THR A 1 126 ? 1.264   -8.097  -4.717  1.00 25.22 ? 115 THR A C   1 
ATOM   733  O O   . THR A 1 126 ? 0.246   -8.658  -4.219  1.00 25.38 ? 115 THR A O   1 
ATOM   734  C CB  . THR A 1 126 ? 0.558   -6.839  -6.636  1.00 25.27 ? 115 THR A CB  1 
ATOM   735  O OG1 . THR A 1 126 ? -0.772  -7.183  -6.269  1.00 26.42 ? 115 THR A OG1 1 
ATOM   736  C CG2 . THR A 1 126 ? 0.648   -6.657  -8.099  1.00 25.68 ? 115 THR A CG2 1 
ATOM   737  N N   . HIS A 1 127 ? 2.246   -7.612  -3.998  1.00 23.14 ? 116 HIS A N   1 
ATOM   738  C CA  . HIS A 1 127 ? 2.037   -7.487  -2.622  1.00 21.61 ? 116 HIS A CA  1 
ATOM   739  C C   . HIS A 1 127 ? 2.433   -6.093  -2.180  1.00 20.99 ? 116 HIS A C   1 
ATOM   740  O O   . HIS A 1 127 ? 3.614   -5.780  -2.054  1.00 22.26 ? 116 HIS A O   1 
ATOM   741  C CB  . HIS A 1 127 ? 2.776   -8.559  -1.868  1.00 20.77 ? 116 HIS A CB  1 
ATOM   742  C CG  . HIS A 1 127 ? 2.399   -8.570  -0.435  1.00 19.14 ? 116 HIS A CG  1 
ATOM   743  N ND1 . HIS A 1 127 ? 2.855   -9.507  0.460   1.00 11.36 ? 116 HIS A ND1 1 
ATOM   744  C CD2 . HIS A 1 127 ? 1.540   -7.765  0.239   1.00 13.08 ? 116 HIS A CD2 1 
ATOM   745  C CE1 . HIS A 1 127 ? 2.295   -9.277  1.628   1.00 14.13 ? 116 HIS A CE1 1 
ATOM   746  N NE2 . HIS A 1 127 ? 1.516   -8.210  1.529   1.00 12.66 ? 116 HIS A NE2 1 
ATOM   747  N N   . ALA A 1 128 ? 1.448   -5.245  -1.956  1.00 20.10 ? 117 ALA A N   1 
ATOM   748  C CA  . ALA A 1 128 ? 1.731   -3.872  -1.572  1.00 18.29 ? 117 ALA A CA  1 
ATOM   749  C C   . ALA A 1 128 ? 1.821   -3.951  -0.122  1.00 17.32 ? 117 ALA A C   1 
ATOM   750  O O   . ALA A 1 128 ? 1.039   -4.617  0.494   1.00 17.69 ? 117 ALA A O   1 
ATOM   751  C CB  . ALA A 1 128 ? 0.600   -3.008  -1.930  1.00 18.67 ? 117 ALA A CB  1 
ATOM   752  N N   . VAL A 1 129 ? 2.793   -3.300  0.465   1.00 17.79 ? 118 VAL A N   1 
ATOM   753  C CA  . VAL A 1 129 ? 2.789   -3.218  1.901   1.00 16.49 ? 118 VAL A CA  1 
ATOM   754  C C   . VAL A 1 129 ? 2.686   -1.781  2.260   1.00 17.20 ? 118 VAL A C   1 
ATOM   755  O O   . VAL A 1 129 ? 3.422   -0.948  1.783   1.00 16.86 ? 118 VAL A O   1 
ATOM   756  C CB  . VAL A 1 129 ? 3.959   -3.884  2.548   1.00 17.43 ? 118 VAL A CB  1 
ATOM   757  C CG1 . VAL A 1 129 ? 3.758   -3.859  4.052   1.00 15.22 ? 118 VAL A CG1 1 
ATOM   758  C CG2 . VAL A 1 129 ? 4.107   -5.346  2.029   1.00 14.16 ? 118 VAL A CG2 1 
ATOM   759  N N   . LEU A 1 130 ? 1.696   -1.497  3.084   1.00 17.81 ? 119 LEU A N   1 
ATOM   760  C CA  . LEU A 1 130 ? 1.354   -0.171  3.368   1.00 18.46 ? 119 LEU A CA  1 
ATOM   761  C C   . LEU A 1 130 ? 1.591   -0.020  4.811   1.00 19.47 ? 119 LEU A C   1 
ATOM   762  O O   . LEU A 1 130 ? 0.900   -0.610  5.676   1.00 19.92 ? 119 LEU A O   1 
ATOM   763  C CB  . LEU A 1 130 ? -0.106  0.066   3.080   1.00 17.43 ? 119 LEU A CB  1 
ATOM   764  C CG  . LEU A 1 130 ? -0.404  -0.133  1.621   1.00 18.17 ? 119 LEU A CG  1 
ATOM   765  C CD1 . LEU A 1 130 ? -1.877  0.295   1.457   1.00 15.18 ? 119 LEU A CD1 1 
ATOM   766  C CD2 . LEU A 1 130 ? 0.566   0.678   0.767   1.00 16.33 ? 119 LEU A CD2 1 
ATOM   767  N N   . THR A 1 131 ? 2.590   0.765   5.108   1.00 20.19 ? 120 THR A N   1 
ATOM   768  C CA  . THR A 1 131 ? 2.906   0.863   6.486   1.00 21.27 ? 120 THR A CA  1 
ATOM   769  C C   . THR A 1 131 ? 2.359   2.183   6.973   1.00 21.53 ? 120 THR A C   1 
ATOM   770  O O   . THR A 1 131 ? 2.332   3.164   6.261   1.00 21.34 ? 120 THR A O   1 
ATOM   771  C CB  . THR A 1 131 ? 4.385   0.649   6.731   1.00 20.52 ? 120 THR A CB  1 
ATOM   772  O OG1 . THR A 1 131 ? 4.641   0.766   8.149   1.00 26.21 ? 120 THR A OG1 1 
ATOM   773  C CG2 . THR A 1 131 ? 5.176   1.685   6.020   1.00 19.49 ? 120 THR A CG2 1 
ATOM   774  N N   . ALA A 1 132 ? 1.872   2.200   8.188   1.00 22.58 ? 121 ALA A N   1 
ATOM   775  C CA  . ALA A 1 132 ? 1.490   3.437   8.762   1.00 23.13 ? 121 ALA A CA  1 
ATOM   776  C C   . ALA A 1 132 ? 1.757   3.175   10.191  1.00 24.27 ? 121 ALA A C   1 
ATOM   777  O O   . ALA A 1 132 ? 1.649   2.038   10.633  1.00 24.59 ? 121 ALA A O   1 
ATOM   778  C CB  . ALA A 1 132 ? 0.059   3.716   8.544   1.00 23.21 ? 121 ALA A CB  1 
ATOM   779  N N   . HIS A 1 133 ? 2.141   4.224   10.906  1.00 24.86 ? 122 HIS A N   1 
ATOM   780  C CA  . HIS A 1 133 ? 2.380   4.133   12.312  1.00 25.27 ? 122 HIS A CA  1 
ATOM   781  C C   . HIS A 1 133 ? 1.190   3.590   13.069  1.00 25.34 ? 122 HIS A C   1 
ATOM   782  O O   . HIS A 1 133 ? 0.022   3.851   12.740  1.00 23.17 ? 122 HIS A O   1 
ATOM   783  C CB  . HIS A 1 133 ? 2.796   5.500   12.808  1.00 25.38 ? 122 HIS A CB  1 
ATOM   784  C CG  . HIS A 1 133 ? 4.221   5.807   12.484  1.00 27.11 ? 122 HIS A CG  1 
ATOM   785  N ND1 . HIS A 1 133 ? 5.241   4.912   12.738  1.00 27.19 ? 122 HIS A ND1 1 
ATOM   786  C CD2 . HIS A 1 133 ? 4.794   6.878   11.889  1.00 26.45 ? 122 HIS A CD2 1 
ATOM   787  C CE1 . HIS A 1 133 ? 6.384   5.433   12.336  1.00 28.89 ? 122 HIS A CE1 1 
ATOM   788  N NE2 . HIS A 1 133 ? 6.138   6.623   11.817  1.00 28.03 ? 122 HIS A NE2 1 
ATOM   789  N N   . ARG A 1 134 ? 1.489   2.799   14.080  1.00 26.86 ? 123 ARG A N   1 
ATOM   790  C CA  . ARG A 1 134 ? 0.410   2.329   14.926  1.00 29.83 ? 123 ARG A CA  1 
ATOM   791  C C   . ARG A 1 134 ? 0.131   3.494   15.866  1.00 32.32 ? 123 ARG A C   1 
ATOM   792  O O   . ARG A 1 134 ? 0.501   3.491   17.056  1.00 33.87 ? 123 ARG A O   1 
ATOM   793  C CB  . ARG A 1 134 ? 0.768   1.038   15.651  1.00 28.78 ? 123 ARG A CB  1 
ATOM   794  C CG  . ARG A 1 134 ? -0.350  0.500   16.482  1.00 30.12 ? 123 ARG A CG  1 
ATOM   795  C CD  . ARG A 1 134 ? -1.154  -0.594  15.844  1.00 30.03 ? 123 ARG A CD  1 
ATOM   796  N NE  . ARG A 1 134 ? -1.175  -1.738  16.755  1.00 33.91 ? 123 ARG A NE  1 
ATOM   797  C CZ  . ARG A 1 134 ? -2.239  -2.127  17.441  1.00 41.08 ? 123 ARG A CZ  1 
ATOM   798  N NH1 . ARG A 1 134 ? -3.364  -1.467  17.296  1.00 44.25 ? 123 ARG A NH1 1 
ATOM   799  N NH2 . ARG A 1 134 ? -2.191  -3.181  18.273  1.00 46.99 ? 123 ARG A NH2 1 
ATOM   800  N N   . GLY A 1 135 ? -0.469  4.525   15.289  1.00 34.15 ? 124 GLY A N   1 
ATOM   801  C CA  . GLY A 1 135 ? -0.617  5.770   15.980  1.00 36.52 ? 124 GLY A CA  1 
ATOM   802  C C   . GLY A 1 135 ? 0.615   6.651   15.970  1.00 37.95 ? 124 GLY A C   1 
ATOM   803  O O   . GLY A 1 135 ? 1.759   6.176   16.066  1.00 37.49 ? 124 GLY A O   1 
ATOM   804  N N   . LEU A 1 136 ? 0.338   7.945   15.824  1.00 39.25 ? 125 LEU A N   1 
ATOM   805  C CA  . LEU A 1 136 ? 1.267   9.017   16.167  1.00 40.53 ? 125 LEU A CA  1 
ATOM   806  C C   . LEU A 1 136 ? 0.499   9.925   17.143  1.00 41.93 ? 125 LEU A C   1 
ATOM   807  O O   . LEU A 1 136 ? -0.757  9.887   17.152  1.00 43.82 ? 125 LEU A O   1 
ATOM   808  C CB  . LEU A 1 136 ? 1.659   9.810   14.920  1.00 40.04 ? 125 LEU A CB  1 
ATOM   809  C CG  . LEU A 1 136 ? 2.735   9.219   14.027  1.00 38.19 ? 125 LEU A CG  1 
ATOM   810  C CD1 . LEU A 1 136 ? 2.910   10.045  12.773  1.00 34.37 ? 125 LEU A CD1 1 
ATOM   811  C CD2 . LEU A 1 136 ? 4.092   8.988   14.741  1.00 38.71 ? 125 LEU A CD2 1 
ATOM   812  N N   . PRO A 1 137 ? 1.221   10.712  17.975  1.00 41.86 ? 126 PRO A N   1 
ATOM   813  C CA  . PRO A 1 137 ? 0.566   11.733  18.769  1.00 41.87 ? 126 PRO A CA  1 
ATOM   814  C C   . PRO A 1 137 ? -0.613  12.374  18.038  1.00 41.92 ? 126 PRO A C   1 
ATOM   815  O O   . PRO A 1 137 ? -0.422  13.059  17.052  1.00 40.95 ? 126 PRO A O   1 
ATOM   816  C CB  . PRO A 1 137 ? 1.691   12.762  18.982  1.00 42.18 ? 126 PRO A CB  1 
ATOM   817  C CG  . PRO A 1 137 ? 2.998   11.980  18.798  1.00 41.84 ? 126 PRO A CG  1 
ATOM   818  C CD  . PRO A 1 137 ? 2.646   10.594  18.342  1.00 41.59 ? 126 PRO A CD  1 
ATOM   819  N N   . THR A 1 138 ? -1.821  12.147  18.554  1.00 42.93 ? 127 THR A N   1 
ATOM   820  C CA  . THR A 1 138 ? -3.095  12.598  17.947  1.00 44.14 ? 127 THR A CA  1 
ATOM   821  C C   . THR A 1 138 ? -3.495  11.821  16.703  1.00 44.42 ? 127 THR A C   1 
ATOM   822  O O   . THR A 1 138 ? -4.703  11.775  16.364  1.00 44.42 ? 127 THR A O   1 
ATOM   823  C CB  . THR A 1 138 ? -3.088  14.059  17.466  1.00 44.54 ? 127 THR A CB  1 
ATOM   824  O OG1 . THR A 1 138 ? -2.378  14.149  16.216  1.00 45.92 ? 127 THR A OG1 1 
ATOM   825  C CG2 . THR A 1 138 ? -2.516  15.016  18.519  1.00 44.28 ? 127 THR A CG2 1 
ATOM   826  N N   . ALA A 1 139 ? -2.488  11.270  16.006  1.00 43.71 ? 128 ALA A N   1 
ATOM   827  C CA  . ALA A 1 139 ? -2.694  10.779  14.644  1.00 43.78 ? 128 ALA A CA  1 
ATOM   828  C C   . ALA A 1 139 ? -3.008  9.303   14.723  1.00 42.99 ? 128 ALA A C   1 
ATOM   829  O O   . ALA A 1 139 ? -2.221  8.528   15.295  1.00 43.69 ? 128 ALA A O   1 
ATOM   830  C CB  . ALA A 1 139 ? -1.486  11.045  13.757  1.00 44.01 ? 128 ALA A CB  1 
ATOM   831  N N   . LYS A 1 140 ? -4.167  8.931   14.179  1.00 40.95 ? 129 LYS A N   1 
ATOM   832  C CA  . LYS A 1 140 ? -4.678  7.578   14.354  1.00 39.15 ? 129 LYS A CA  1 
ATOM   833  C C   . LYS A 1 140 ? -3.913  6.634   13.450  1.00 37.06 ? 129 LYS A C   1 
ATOM   834  O O   . LYS A 1 140 ? -3.231  5.724   13.918  1.00 36.28 ? 129 LYS A O   1 
ATOM   835  C CB  . LYS A 1 140 ? -6.189  7.477   14.132  1.00 39.14 ? 129 LYS A CB  1 
ATOM   836  C CG  . LYS A 1 140 ? -6.961  7.027   15.361  1.00 40.96 ? 129 LYS A CG  1 
ATOM   837  C CD  . LYS A 1 140 ? -7.692  8.175   16.071  1.00 47.60 ? 129 LYS A CD  1 
ATOM   838  C CE  . LYS A 1 140 ? -8.990  8.606   15.317  1.00 51.04 ? 129 LYS A CE  1 
ATOM   839  N NZ  . LYS A 1 140 ? -10.074 9.105   16.251  1.00 51.27 ? 129 LYS A NZ  1 
ATOM   840  N N   . LEU A 1 141 ? -3.987  6.873   12.149  1.00 34.96 ? 130 LEU A N   1 
ATOM   841  C CA  . LEU A 1 141 ? -3.176  6.081   11.254  1.00 31.86 ? 130 LEU A CA  1 
ATOM   842  C C   . LEU A 1 141 ? -3.557  4.642   11.466  1.00 30.37 ? 130 LEU A C   1 
ATOM   843  O O   . LEU A 1 141 ? -4.737  4.321   11.404  1.00 30.89 ? 130 LEU A O   1 
ATOM   844  C CB  . LEU A 1 141 ? -1.699  6.349   11.513  1.00 31.24 ? 130 LEU A CB  1 
ATOM   845  C CG  . LEU A 1 141 ? -1.398  7.808   11.244  1.00 29.22 ? 130 LEU A CG  1 
ATOM   846  C CD1 . LEU A 1 141 ? 0.046   8.056   11.480  1.00 29.89 ? 130 LEU A CD1 1 
ATOM   847  C CD2 . LEU A 1 141 ? -1.758  8.103   9.813   1.00 29.97 ? 130 LEU A CD2 1 
ATOM   848  N N   . PHE A 1 142 ? -2.592  3.767   11.705  1.00 28.99 ? 131 PHE A N   1 
ATOM   849  C CA  . PHE A 1 142 ? -2.916  2.362   11.836  1.00 27.02 ? 131 PHE A CA  1 
ATOM   850  C C   . PHE A 1 142 ? -3.140  1.981   13.256  1.00 26.21 ? 131 PHE A C   1 
ATOM   851  O O   . PHE A 1 142 ? -3.276  0.806   13.550  1.00 27.37 ? 131 PHE A O   1 
ATOM   852  C CB  . PHE A 1 142 ? -1.861  1.444   11.209  1.00 26.34 ? 131 PHE A CB  1 
ATOM   853  C CG  . PHE A 1 142 ? -1.980  1.328   9.735   1.00 24.59 ? 131 PHE A CG  1 
ATOM   854  C CD1 . PHE A 1 142 ? -3.057  1.881   9.069   1.00 21.85 ? 131 PHE A CD1 1 
ATOM   855  C CD2 . PHE A 1 142 ? -1.024  0.664   9.009   1.00 21.00 ? 131 PHE A CD2 1 
ATOM   856  C CE1 . PHE A 1 142 ? -3.168  1.772   7.692   1.00 21.87 ? 131 PHE A CE1 1 
ATOM   857  C CE2 . PHE A 1 142 ? -1.128  0.567   7.675   1.00 21.13 ? 131 PHE A CE2 1 
ATOM   858  C CZ  . PHE A 1 142 ? -2.209  1.138   6.999   1.00 22.38 ? 131 PHE A CZ  1 
ATOM   859  N N   . THR A 1 143 ? -3.219  2.949   14.142  1.00 25.01 ? 132 THR A N   1 
ATOM   860  C CA  . THR A 1 143 ? -3.316  2.606   15.544  1.00 25.14 ? 132 THR A CA  1 
ATOM   861  C C   . THR A 1 143 ? -4.342  1.503   15.736  1.00 23.55 ? 132 THR A C   1 
ATOM   862  O O   . THR A 1 143 ? -4.180  0.677   16.611  1.00 21.97 ? 132 THR A O   1 
ATOM   863  C CB  . THR A 1 143 ? -3.706  3.794   16.479  1.00 25.03 ? 132 THR A CB  1 
ATOM   864  O OG1 . THR A 1 143 ? -5.109  4.008   16.400  1.00 29.48 ? 132 THR A OG1 1 
ATOM   865  C CG2 . THR A 1 143 ? -3.072  5.042   16.053  1.00 24.98 ? 132 THR A CG2 1 
ATOM   866  N N   . ASN A 1 144 ? -5.396  1.502   14.930  1.00 22.50 ? 133 ASN A N   1 
ATOM   867  C CA  . ASN A 1 144 ? -6.446  0.518   15.140  1.00 23.00 ? 133 ASN A CA  1 
ATOM   868  C C   . ASN A 1 144 ? -6.365  -0.709  14.253  1.00 22.47 ? 133 ASN A C   1 
ATOM   869  O O   . ASN A 1 144 ? -7.249  -1.552  14.263  1.00 23.17 ? 133 ASN A O   1 
ATOM   870  C CB  . ASN A 1 144 ? -7.810  1.192   15.039  1.00 23.79 ? 133 ASN A CB  1 
ATOM   871  C CG  . ASN A 1 144 ? -8.097  2.050   16.255  1.00 26.12 ? 133 ASN A CG  1 
ATOM   872  O OD1 . ASN A 1 144 ? -7.985  1.557   17.373  1.00 28.23 ? 133 ASN A OD1 1 
ATOM   873  N ND2 . ASN A 1 144 ? -8.431  3.336   16.051  1.00 26.49 ? 133 ASN A ND2 1 
ATOM   874  N N   . LEU A 1 145 ? -5.276  -0.843  13.526  1.00 21.21 ? 134 LEU A N   1 
ATOM   875  C CA  . LEU A 1 145 ? -5.141  -1.925  12.636  1.00 20.85 ? 134 LEU A CA  1 
ATOM   876  C C   . LEU A 1 145 ? -5.443  -3.244  13.298  1.00 21.77 ? 134 LEU A C   1 
ATOM   877  O O   . LEU A 1 145 ? -5.805  -4.197  12.645  1.00 22.12 ? 134 LEU A O   1 
ATOM   878  C CB  . LEU A 1 145 ? -3.724  -1.932  12.089  1.00 21.10 ? 134 LEU A CB  1 
ATOM   879  C CG  . LEU A 1 145 ? -3.855  -2.498  10.709  1.00 16.22 ? 134 LEU A CG  1 
ATOM   880  C CD1 . LEU A 1 145 ? -4.647  -1.509  10.028  1.00 12.72 ? 134 LEU A CD1 1 
ATOM   881  C CD2 . LEU A 1 145 ? -2.488  -2.672  10.078  1.00 13.57 ? 134 LEU A CD2 1 
ATOM   882  N N   . ASP A 1 146 ? -5.249  -3.305  14.598  1.00 22.69 ? 135 ASP A N   1 
ATOM   883  C CA  . ASP A 1 146 ? -5.401  -4.530  15.347  1.00 24.16 ? 135 ASP A CA  1 
ATOM   884  C C   . ASP A 1 146 ? -6.857  -4.990  15.331  1.00 25.23 ? 135 ASP A C   1 
ATOM   885  O O   . ASP A 1 146 ? -7.137  -6.169  15.604  1.00 26.05 ? 135 ASP A O   1 
ATOM   886  C CB  . ASP A 1 146 ? -4.988  -4.289  16.780  1.00 24.03 ? 135 ASP A CB  1 
ATOM   887  C CG  . ASP A 1 146 ? -5.875  -3.280  17.450  1.00 28.03 ? 135 ASP A CG  1 
ATOM   888  O OD1 . ASP A 1 146 ? -5.913  -2.132  16.978  1.00 29.46 ? 135 ASP A OD1 1 
ATOM   889  O OD2 . ASP A 1 146 ? -6.591  -3.632  18.417  1.00 36.81 ? 135 ASP A OD2 1 
ATOM   890  N N   . LYS A 1 147 ? -7.764  -4.067  15.014  1.00 25.15 ? 136 LYS A N   1 
ATOM   891  C CA  . LYS A 1 147 ? -9.210  -4.307  15.060  1.00 25.60 ? 136 LYS A CA  1 
ATOM   892  C C   . LYS A 1 147 ? -9.615  -4.843  13.744  1.00 25.26 ? 136 LYS A C   1 
ATOM   893  O O   . LYS A 1 147 ? -10.627 -5.538  13.589  1.00 25.65 ? 136 LYS A O   1 
ATOM   894  C CB  . LYS A 1 147 ? -9.963  -2.998  15.265  1.00 26.06 ? 136 LYS A CB  1 
ATOM   895  C CG  . LYS A 1 147 ? -10.023 -2.581  16.718  1.00 27.80 ? 136 LYS A CG  1 
ATOM   896  C CD  . LYS A 1 147 ? -10.650 -1.206  16.791  1.00 34.76 ? 136 LYS A CD  1 
ATOM   897  C CE  . LYS A 1 147 ? -10.689 -0.615  18.242  1.00 38.96 ? 136 LYS A CE  1 
ATOM   898  N NZ  . LYS A 1 147 ? -11.067 0.853   18.156  1.00 40.08 ? 136 LYS A NZ  1 
ATOM   899  N N   . VAL A 1 148 ? -8.797  -4.526  12.763  1.00 24.91 ? 137 VAL A N   1 
ATOM   900  C CA  . VAL A 1 148 ? -9.026  -5.092  11.484  1.00 23.29 ? 137 VAL A CA  1 
ATOM   901  C C   . VAL A 1 148 ? -9.035  -6.594  11.709  1.00 23.62 ? 137 VAL A C   1 
ATOM   902  O O   . VAL A 1 148 ? -8.210  -7.147  12.449  1.00 22.77 ? 137 VAL A O   1 
ATOM   903  C CB  . VAL A 1 148 ? -8.005  -4.643  10.513  1.00 23.32 ? 137 VAL A CB  1 
ATOM   904  C CG1 . VAL A 1 148 ? -8.234  -5.361  9.210   1.00 22.18 ? 137 VAL A CG1 1 
ATOM   905  C CG2 . VAL A 1 148 ? -8.157  -3.122  10.363  1.00 20.56 ? 137 VAL A CG2 1 
ATOM   906  N N   . THR A 1 149 ? -10.029 -7.220  11.112  1.00 22.96 ? 138 THR A N   1 
ATOM   907  C CA  . THR A 1 149 ? -10.288 -8.579  11.358  1.00 23.44 ? 138 THR A CA  1 
ATOM   908  C C   . THR A 1 149 ? -10.280 -9.265  10.030  1.00 23.05 ? 138 THR A C   1 
ATOM   909  O O   . THR A 1 149 ? -10.674 -8.758  9.015   1.00 21.24 ? 138 THR A O   1 
ATOM   910  C CB  . THR A 1 149 ? -11.588 -8.680  12.110  1.00 25.05 ? 138 THR A CB  1 
ATOM   911  O OG1 . THR A 1 149 ? -11.435 -7.903  13.317  1.00 27.68 ? 138 THR A OG1 1 
ATOM   912  C CG2 . THR A 1 149 ? -11.934 -10.126 12.461  1.00 24.09 ? 138 THR A CG2 1 
ATOM   913  N N   . VAL A 1 150 ? -9.667  -10.409 10.027  1.00 24.21 ? 139 VAL A N   1 
ATOM   914  C CA  . VAL A 1 150 ? -9.767  -11.268 8.911   1.00 24.69 ? 139 VAL A CA  1 
ATOM   915  C C   . VAL A 1 150 ? -11.218 -11.074 8.392   1.00 24.70 ? 139 VAL A C   1 
ATOM   916  O O   . VAL A 1 150 ? -12.180 -11.021 9.166   1.00 25.50 ? 139 VAL A O   1 
ATOM   917  C CB  . VAL A 1 150 ? -9.392  -12.647 9.445   1.00 24.86 ? 139 VAL A CB  1 
ATOM   918  C CG1 . VAL A 1 150 ? -10.388 -13.715 9.082   1.00 28.00 ? 139 VAL A CG1 1 
ATOM   919  C CG2 . VAL A 1 150 ? -7.931  -12.964 9.137   1.00 23.40 ? 139 VAL A CG2 1 
ATOM   920  N N   . GLY A 1 151 ? -11.363 -10.874 7.092   1.00 24.07 ? 140 GLY A N   1 
ATOM   921  C CA  . GLY A 1 151 ? -12.667 -10.754 6.509   1.00 23.61 ? 140 GLY A CA  1 
ATOM   922  C C   . GLY A 1 151 ? -12.963 -9.312  6.360   1.00 23.59 ? 140 GLY A C   1 
ATOM   923  O O   . GLY A 1 151 ? -13.732 -8.900  5.492   1.00 25.63 ? 140 GLY A O   1 
ATOM   924  N N   . ASP A 1 152 ? -12.345 -8.502  7.184   1.00 23.42 ? 141 ASP A N   1 
ATOM   925  C CA  . ASP A 1 152 ? -12.485 -7.103  6.977   1.00 23.52 ? 141 ASP A CA  1 
ATOM   926  C C   . ASP A 1 152 ? -11.918 -6.799  5.632   1.00 24.42 ? 141 ASP A C   1 
ATOM   927  O O   . ASP A 1 152 ? -11.067 -7.545  5.109   1.00 24.97 ? 141 ASP A O   1 
ATOM   928  C CB  . ASP A 1 152 ? -11.725 -6.318  8.013   1.00 24.35 ? 141 ASP A CB  1 
ATOM   929  C CG  . ASP A 1 152 ? -12.443 -6.227  9.268   1.00 21.86 ? 141 ASP A CG  1 
ATOM   930  O OD1 . ASP A 1 152 ? -13.565 -6.665  9.335   1.00 26.67 ? 141 ASP A OD1 1 
ATOM   931  O OD2 . ASP A 1 152 ? -11.886 -5.741  10.216  1.00 28.75 ? 141 ASP A OD2 1 
ATOM   932  N N   . ARG A 1 153 ? -12.421 -5.712  5.081   1.00 24.41 ? 142 ARG A N   1 
ATOM   933  C CA  . ARG A 1 153 ? -12.021 -5.221  3.817   1.00 25.15 ? 142 ARG A CA  1 
ATOM   934  C C   . ARG A 1 153 ? -11.306 -3.894  4.050   1.00 24.88 ? 142 ARG A C   1 
ATOM   935  O O   . ARG A 1 153 ? -11.441 -3.242  5.085   1.00 25.07 ? 142 ARG A O   1 
ATOM   936  C CB  . ARG A 1 153 ? -13.241 -5.055  2.922   1.00 25.95 ? 142 ARG A CB  1 
ATOM   937  C CG  . ARG A 1 153 ? -13.749 -6.380  2.363   1.00 29.55 ? 142 ARG A CG  1 
ATOM   938  C CD  . ARG A 1 153 ? -15.269 -6.500  2.403   1.00 38.63 ? 142 ARG A CD  1 
ATOM   939  N NE  . ARG A 1 153 ? -15.714 -7.906  2.428   1.00 45.96 ? 142 ARG A NE  1 
ATOM   940  C CZ  . ARG A 1 153 ? -16.218 -8.591  1.390   1.00 49.39 ? 142 ARG A CZ  1 
ATOM   941  N NH1 . ARG A 1 153 ? -16.350 -8.025  0.185   1.00 49.62 ? 142 ARG A NH1 1 
ATOM   942  N NH2 . ARG A 1 153 ? -16.595 -9.864  1.553   1.00 51.13 ? 142 ARG A NH2 1 
ATOM   943  N N   . PHE A 1 154 ? -10.459 -3.538  3.113   1.00 23.71 ? 143 PHE A N   1 
ATOM   944  C CA  . PHE A 1 154 ? -9.953  -2.223  3.113   1.00 22.24 ? 143 PHE A CA  1 
ATOM   945  C C   . PHE A 1 154 ? -9.708  -2.061  1.681   1.00 22.47 ? 143 PHE A C   1 
ATOM   946  O O   . PHE A 1 154 ? -9.769  -3.024  0.930   1.00 21.67 ? 143 PHE A O   1 
ATOM   947  C CB  . PHE A 1 154 ? -8.668  -2.109  3.877   1.00 22.91 ? 143 PHE A CB  1 
ATOM   948  C CG  . PHE A 1 154 ? -7.573  -3.041  3.430   1.00 19.36 ? 143 PHE A CG  1 
ATOM   949  C CD1 . PHE A 1 154 ? -6.624  -2.614  2.522   1.00 17.74 ? 143 PHE A CD1 1 
ATOM   950  C CD2 . PHE A 1 154 ? -7.422  -4.286  4.018   1.00 17.37 ? 143 PHE A CD2 1 
ATOM   951  C CE1 . PHE A 1 154 ? -5.561  -3.435  2.161   1.00 14.63 ? 143 PHE A CE1 1 
ATOM   952  C CE2 . PHE A 1 154 ? -6.375  -5.122  3.654   1.00 14.48 ? 143 PHE A CE2 1 
ATOM   953  C CZ  . PHE A 1 154 ? -5.449  -4.683  2.728   1.00 15.60 ? 143 PHE A CZ  1 
ATOM   954  N N   . TYR A 1 155 ? -9.495  -0.830  1.304   1.00 22.41 ? 144 TYR A N   1 
ATOM   955  C CA  . TYR A 1 155 ? -9.479  -0.490  -0.079  1.00 23.23 ? 144 TYR A CA  1 
ATOM   956  C C   . TYR A 1 155 ? -8.297  0.424   -0.264  1.00 23.14 ? 144 TYR A C   1 
ATOM   957  O O   . TYR A 1 155 ? -7.935  1.179   0.645   1.00 23.64 ? 144 TYR A O   1 
ATOM   958  C CB  . TYR A 1 155 ? -10.801 0.210   -0.437  1.00 22.60 ? 144 TYR A CB  1 
ATOM   959  C CG  . TYR A 1 155 ? -11.979 -0.578  0.080   1.00 23.47 ? 144 TYR A CG  1 
ATOM   960  C CD1 . TYR A 1 155 ? -12.620 -1.518  -0.708  1.00 24.20 ? 144 TYR A CD1 1 
ATOM   961  C CD2 . TYR A 1 155 ? -12.418 -0.423  1.380   1.00 24.30 ? 144 TYR A CD2 1 
ATOM   962  C CE1 . TYR A 1 155 ? -13.682 -2.265  -0.200  1.00 26.34 ? 144 TYR A CE1 1 
ATOM   963  C CE2 . TYR A 1 155 ? -13.472 -1.159  1.879   1.00 23.26 ? 144 TYR A CE2 1 
ATOM   964  C CZ  . TYR A 1 155 ? -14.097 -2.071  1.094   1.00 25.76 ? 144 TYR A CZ  1 
ATOM   965  O OH  . TYR A 1 155 ? -15.162 -2.788  1.637   1.00 31.63 ? 144 TYR A OH  1 
ATOM   966  N N   . ILE A 1 156 ? -7.693  0.329   -1.428  1.00 23.33 ? 145 ILE A N   1 
ATOM   967  C CA  . ILE A 1 156 ? -6.717  1.288   -1.844  1.00 24.08 ? 145 ILE A CA  1 
ATOM   968  C C   . ILE A 1 156 ? -7.380  2.141   -2.856  1.00 25.47 ? 145 ILE A C   1 
ATOM   969  O O   . ILE A 1 156 ? -7.868  1.658   -3.862  1.00 25.19 ? 145 ILE A O   1 
ATOM   970  C CB  . ILE A 1 156 ? -5.518  0.630   -2.528  1.00 23.29 ? 145 ILE A CB  1 
ATOM   971  C CG1 . ILE A 1 156 ? -4.976  -0.470  -1.636  1.00 23.35 ? 145 ILE A CG1 1 
ATOM   972  C CG2 . ILE A 1 156 ? -4.433  1.700   -2.863  1.00 22.59 ? 145 ILE A CG2 1 
ATOM   973  C CD1 . ILE A 1 156 ? -4.824  0.001   -0.213  1.00 22.62 ? 145 ILE A CD1 1 
ATOM   974  N N   . GLU A 1 157 ? -7.394  3.428   -2.605  1.00 27.65 ? 146 GLU A N   1 
ATOM   975  C CA  . GLU A 1 157 ? -7.652  4.303   -3.692  1.00 30.04 ? 146 GLU A CA  1 
ATOM   976  C C   . GLU A 1 157 ? -6.292  4.749   -4.164  1.00 30.15 ? 146 GLU A C   1 
ATOM   977  O O   . GLU A 1 157 ? -5.543  5.388   -3.473  1.00 29.69 ? 146 GLU A O   1 
ATOM   978  C CB  . GLU A 1 157 ? -8.542  5.454   -3.275  1.00 31.42 ? 146 GLU A CB  1 
ATOM   979  C CG  . GLU A 1 157 ? -9.715  5.644   -4.223  1.00 36.81 ? 146 GLU A CG  1 
ATOM   980  C CD  . GLU A 1 157 ? -10.497 6.880   -3.874  1.00 43.71 ? 146 GLU A CD  1 
ATOM   981  O OE1 . GLU A 1 157 ? -11.579 6.742   -3.240  1.00 47.50 ? 146 GLU A OE1 1 
ATOM   982  O OE2 . GLU A 1 157 ? -10.009 7.991   -4.215  1.00 44.51 ? 146 GLU A OE2 1 
ATOM   983  N N   . HIS A 1 158 ? -5.918  4.297   -5.330  1.00 31.43 ? 147 HIS A N   1 
ATOM   984  C CA  . HIS A 1 158 ? -4.713  4.802   -5.886  1.00 32.71 ? 147 HIS A CA  1 
ATOM   985  C C   . HIS A 1 158 ? -5.182  5.720   -7.010  1.00 34.13 ? 147 HIS A C   1 
ATOM   986  O O   . HIS A 1 158 ? -6.388  6.052   -7.078  1.00 35.42 ? 147 HIS A O   1 
ATOM   987  C CB  . HIS A 1 158 ? -3.827  3.663   -6.362  1.00 31.61 ? 147 HIS A CB  1 
ATOM   988  C CG  . HIS A 1 158 ? -4.558  2.633   -7.145  1.00 30.10 ? 147 HIS A CG  1 
ATOM   989  N ND1 . HIS A 1 158 ? -4.656  2.679   -8.516  1.00 28.13 ? 147 HIS A ND1 1 
ATOM   990  C CD2 . HIS A 1 158 ? -5.229  1.528   -6.754  1.00 26.65 ? 147 HIS A CD2 1 
ATOM   991  C CE1 . HIS A 1 158 ? -5.363  1.652   -8.942  1.00 27.21 ? 147 HIS A CE1 1 
ATOM   992  N NE2 . HIS A 1 158 ? -5.721  0.938   -7.891  1.00 28.88 ? 147 HIS A NE2 1 
ATOM   993  N N   . ILE A 1 159 ? -4.252  6.158   -7.856  1.00 34.62 ? 148 ILE A N   1 
ATOM   994  C CA  . ILE A 1 159 ? -4.585  7.023   -8.974  1.00 35.76 ? 148 ILE A CA  1 
ATOM   995  C C   . ILE A 1 159 ? -5.537  6.397   -9.971  1.00 35.62 ? 148 ILE A C   1 
ATOM   996  O O   . ILE A 1 159 ? -6.197  7.111   -10.698 1.00 36.71 ? 148 ILE A O   1 
ATOM   997  C CB  . ILE A 1 159 ? -3.340  7.448   -9.751  1.00 36.11 ? 148 ILE A CB  1 
ATOM   998  C CG1 . ILE A 1 159 ? -2.565  6.212   -10.206 1.00 36.27 ? 148 ILE A CG1 1 
ATOM   999  C CG2 . ILE A 1 159 ? -2.485  8.369   -8.894  1.00 37.99 ? 148 ILE A CG2 1 
ATOM   1000 C CD1 . ILE A 1 159 ? -1.898  6.427   -11.564 1.00 38.76 ? 148 ILE A CD1 1 
ATOM   1001 N N   . GLY A 1 160 ? -5.592  5.074   -10.002 1.00 35.70 ? 149 GLY A N   1 
ATOM   1002 C CA  . GLY A 1 160 ? -6.347  4.331   -10.987 1.00 35.84 ? 149 GLY A CA  1 
ATOM   1003 C C   . GLY A 1 160 ? -7.684  3.896   -10.465 1.00 36.59 ? 149 GLY A C   1 
ATOM   1004 O O   . GLY A 1 160 ? -8.493  3.319   -11.184 1.00 37.59 ? 149 GLY A O   1 
ATOM   1005 N N   . GLY A 1 161 ? -7.945  4.166   -9.198  1.00 36.74 ? 150 GLY A N   1 
ATOM   1006 C CA  . GLY A 1 161 ? -9.257  3.834   -8.668  1.00 35.82 ? 150 GLY A CA  1 
ATOM   1007 C C   . GLY A 1 161 ? -9.134  3.143   -7.344  1.00 35.58 ? 150 GLY A C   1 
ATOM   1008 O O   . GLY A 1 161 ? -8.091  3.194   -6.707  1.00 36.33 ? 150 GLY A O   1 
ATOM   1009 N N   . LYS A 1 162 ? -10.220 2.522   -6.924  1.00 34.96 ? 151 LYS A N   1 
ATOM   1010 C CA  . LYS A 1 162 ? -10.297 1.879   -5.639  1.00 33.61 ? 151 LYS A CA  1 
ATOM   1011 C C   . LYS A 1 162 ? -10.189 0.393   -5.934  1.00 32.01 ? 151 LYS A C   1 
ATOM   1012 O O   . LYS A 1 162 ? -10.712 -0.110  -6.944  1.00 32.22 ? 151 LYS A O   1 
ATOM   1013 C CB  . LYS A 1 162 ? -11.628 2.223   -4.970  1.00 34.23 ? 151 LYS A CB  1 
ATOM   1014 C CG  . LYS A 1 162 ? -11.573 2.468   -3.445  1.00 37.56 ? 151 LYS A CG  1 
ATOM   1015 C CD  . LYS A 1 162 ? -12.987 2.622   -2.865  1.00 40.52 ? 151 LYS A CD  1 
ATOM   1016 C CE  . LYS A 1 162 ? -13.026 2.995   -1.386  1.00 43.40 ? 151 LYS A CE  1 
ATOM   1017 N NZ  . LYS A 1 162 ? -14.213 2.404   -0.607  1.00 43.87 ? 151 LYS A NZ  1 
ATOM   1018 N N   . ILE A 1 163 ? -9.442  -0.301  -5.096  1.00 29.30 ? 152 ILE A N   1 
ATOM   1019 C CA  . ILE A 1 163 ? -9.429  -1.744  -5.132  1.00 26.66 ? 152 ILE A CA  1 
ATOM   1020 C C   . ILE A 1 163 ? -9.654  -2.184  -3.723  1.00 24.39 ? 152 ILE A C   1 
ATOM   1021 O O   . ILE A 1 163 ? -9.444  -1.430  -2.802  1.00 23.78 ? 152 ILE A O   1 
ATOM   1022 C CB  . ILE A 1 163 ? -8.114  -2.337  -5.666  1.00 27.73 ? 152 ILE A CB  1 
ATOM   1023 C CG1 . ILE A 1 163 ? -6.917  -1.814  -4.864  1.00 25.59 ? 152 ILE A CG1 1 
ATOM   1024 C CG2 . ILE A 1 163 ? -7.986  -2.108  -7.195  1.00 27.01 ? 152 ILE A CG2 1 
ATOM   1025 C CD1 . ILE A 1 163 ? -5.605  -2.381  -5.359  1.00 24.16 ? 152 ILE A CD1 1 
ATOM   1026 N N   . ALA A 1 164 ? -10.133 -3.396  -3.562  1.00 22.57 ? 153 ALA A N   1 
ATOM   1027 C CA  . ALA A 1 164 ? -10.586 -3.803  -2.273  1.00 21.50 ? 153 ALA A CA  1 
ATOM   1028 C C   . ALA A 1 164 ? -9.787  -4.993  -1.933  1.00 20.01 ? 153 ALA A C   1 
ATOM   1029 O O   . ALA A 1 164 ? -9.485  -5.829  -2.778  1.00 19.93 ? 153 ALA A O   1 
ATOM   1030 C CB  . ALA A 1 164 ? -12.104 -4.163  -2.279  1.00 20.80 ? 153 ALA A CB  1 
ATOM   1031 N N   . TYR A 1 165 ? -9.491  -5.066  -0.660  1.00 18.94 ? 154 TYR A N   1 
ATOM   1032 C CA  . TYR A 1 165 ? -8.855  -6.189  -0.088  1.00 18.50 ? 154 TYR A CA  1 
ATOM   1033 C C   . TYR A 1 165 ? -9.713  -6.597  1.002   1.00 18.78 ? 154 TYR A C   1 
ATOM   1034 O O   . TYR A 1 165 ? -10.429 -5.763  1.612   1.00 18.70 ? 154 TYR A O   1 
ATOM   1035 C CB  . TYR A 1 165 ? -7.463  -5.825  0.399   1.00 17.86 ? 154 TYR A CB  1 
ATOM   1036 C CG  . TYR A 1 165 ? -6.629  -5.662  -0.795  1.00 18.40 ? 154 TYR A CG  1 
ATOM   1037 C CD1 . TYR A 1 165 ? -5.969  -6.745  -1.331  1.00 21.73 ? 154 TYR A CD1 1 
ATOM   1038 C CD2 . TYR A 1 165 ? -6.608  -4.465  -1.484  1.00 20.32 ? 154 TYR A CD2 1 
ATOM   1039 C CE1 . TYR A 1 165 ? -5.238  -6.638  -2.499  1.00 21.89 ? 154 TYR A CE1 1 
ATOM   1040 C CE2 . TYR A 1 165 ? -5.888  -4.353  -2.672  1.00 22.68 ? 154 TYR A CE2 1 
ATOM   1041 C CZ  . TYR A 1 165 ? -5.236  -5.453  -3.165  1.00 20.44 ? 154 TYR A CZ  1 
ATOM   1042 O OH  . TYR A 1 165 ? -4.512  -5.355  -4.297  1.00 23.11 ? 154 TYR A OH  1 
ATOM   1043 N N   . GLN A 1 166 ? -9.654  -7.896  1.233   1.00 19.10 ? 155 GLN A N   1 
ATOM   1044 C CA  . GLN A 1 166 ? -10.300 -8.452  2.358   1.00 20.36 ? 155 GLN A CA  1 
ATOM   1045 C C   . GLN A 1 166 ? -9.195  -9.099  3.083   1.00 19.71 ? 155 GLN A C   1 
ATOM   1046 O O   . GLN A 1 166 ? -8.373  -9.812  2.520   1.00 19.83 ? 155 GLN A O   1 
ATOM   1047 C CB  . GLN A 1 166 ? -11.298 -9.486  1.944   1.00 20.53 ? 155 GLN A CB  1 
ATOM   1048 C CG  . GLN A 1 166 ? -11.783 -10.257 3.094   1.00 25.87 ? 155 GLN A CG  1 
ATOM   1049 C CD  . GLN A 1 166 ? -13.013 -11.003 2.716   1.00 31.66 ? 155 GLN A CD  1 
ATOM   1050 O OE1 . GLN A 1 166 ? -13.946 -10.415 2.165   1.00 35.88 ? 155 GLN A OE1 1 
ATOM   1051 N NE2 . GLN A 1 166 ? -13.036 -12.296 2.992   1.00 31.47 ? 155 GLN A NE2 1 
ATOM   1052 N N   . VAL A 1 167 ? -9.147  -8.821  4.359   1.00 19.38 ? 156 VAL A N   1 
ATOM   1053 C CA  . VAL A 1 167 ? -8.070  -9.319  5.107   1.00 18.01 ? 156 VAL A CA  1 
ATOM   1054 C C   . VAL A 1 167 ? -8.202  -10.786 5.138   1.00 17.76 ? 156 VAL A C   1 
ATOM   1055 O O   . VAL A 1 167 ? -9.218  -11.292 5.520   1.00 17.98 ? 156 VAL A O   1 
ATOM   1056 C CB  . VAL A 1 167 ? -8.115  -8.753  6.436   1.00 18.17 ? 156 VAL A CB  1 
ATOM   1057 C CG1 . VAL A 1 167 ? -7.113  -9.462  7.301   1.00 17.94 ? 156 VAL A CG1 1 
ATOM   1058 C CG2 . VAL A 1 167 ? -7.876  -7.231  6.282   1.00 17.25 ? 156 VAL A CG2 1 
ATOM   1059 N N   . ASP A 1 168 ? -7.177  -11.477 4.676   1.00 18.09 ? 157 ASP A N   1 
ATOM   1060 C CA  . ASP A 1 168 ? -7.183  -12.900 4.776   1.00 18.56 ? 157 ASP A CA  1 
ATOM   1061 C C   . ASP A 1 168 ? -6.190  -13.351 5.803   1.00 18.43 ? 157 ASP A C   1 
ATOM   1062 O O   . ASP A 1 168 ? -6.132  -14.517 6.137   1.00 20.07 ? 157 ASP A O   1 
ATOM   1063 C CB  . ASP A 1 168 ? -6.840  -13.554 3.433   1.00 18.24 ? 157 ASP A CB  1 
ATOM   1064 C CG  . ASP A 1 168 ? -5.438  -13.345 3.038   1.00 18.46 ? 157 ASP A CG  1 
ATOM   1065 O OD1 . ASP A 1 168 ? -4.884  -12.271 3.336   1.00 19.57 ? 157 ASP A OD1 1 
ATOM   1066 O OD2 . ASP A 1 168 ? -4.881  -14.256 2.395   1.00 22.85 ? 157 ASP A OD2 1 
ATOM   1067 N N   . GLN A 1 169 ? -5.375  -12.460 6.289   1.00 17.82 ? 158 GLN A N   1 
ATOM   1068 C CA  . GLN A 1 169 ? -4.311  -12.915 7.139   1.00 17.55 ? 158 GLN A CA  1 
ATOM   1069 C C   . GLN A 1 169 ? -3.905  -11.754 7.930   1.00 17.40 ? 158 GLN A C   1 
ATOM   1070 O O   . GLN A 1 169 ? -3.587  -10.716 7.384   1.00 16.69 ? 158 GLN A O   1 
ATOM   1071 C CB  . GLN A 1 169 ? -3.116  -13.383 6.345   1.00 17.57 ? 158 GLN A CB  1 
ATOM   1072 C CG  . GLN A 1 169 ? -2.067  -13.976 7.233   1.00 18.55 ? 158 GLN A CG  1 
ATOM   1073 C CD  . GLN A 1 169 ? -0.849  -14.259 6.507   1.00 21.41 ? 158 GLN A CD  1 
ATOM   1074 O OE1 . GLN A 1 169 ? -0.769  -15.207 5.746   1.00 27.27 ? 158 GLN A OE1 1 
ATOM   1075 N NE2 . GLN A 1 169 ? 0.131   -13.426 6.691   1.00 26.78 ? 158 GLN A NE2 1 
ATOM   1076 N N   . ILE A 1 170 ? -3.986  -11.914 9.234   1.00 18.03 ? 159 ILE A N   1 
ATOM   1077 C CA  . ILE A 1 170 ? -3.451  -10.943 10.128  1.00 18.57 ? 159 ILE A CA  1 
ATOM   1078 C C   . ILE A 1 170 ? -2.354  -11.682 10.822  1.00 19.52 ? 159 ILE A C   1 
ATOM   1079 O O   . ILE A 1 170 ? -2.533  -12.795 11.322  1.00 20.02 ? 159 ILE A O   1 
ATOM   1080 C CB  . ILE A 1 170 ? -4.494  -10.420 11.087  1.00 18.40 ? 159 ILE A CB  1 
ATOM   1081 C CG1 . ILE A 1 170 ? -5.619  -9.794  10.284  1.00 18.10 ? 159 ILE A CG1 1 
ATOM   1082 C CG2 . ILE A 1 170 ? -3.868  -9.388  11.998  1.00 18.83 ? 159 ILE A CG2 1 
ATOM   1083 C CD1 . ILE A 1 170 ? -6.730  -9.263  11.105  1.00 18.58 ? 159 ILE A CD1 1 
ATOM   1084 N N   . LYS A 1 171 ? -1.184  -11.093 10.807  1.00 20.34 ? 160 LYS A N   1 
ATOM   1085 C CA  . LYS A 1 171 ? -0.046  -11.813 11.284  1.00 20.85 ? 160 LYS A CA  1 
ATOM   1086 C C   . LYS A 1 171 ? 0.791   -10.834 12.061  1.00 21.50 ? 160 LYS A C   1 
ATOM   1087 O O   . LYS A 1 171 ? 0.863   -9.669  11.718  1.00 22.06 ? 160 LYS A O   1 
ATOM   1088 C CB  . LYS A 1 171 ? 0.710   -12.348 10.091  1.00 20.23 ? 160 LYS A CB  1 
ATOM   1089 C CG  . LYS A 1 171 ? 1.792   -13.234 10.468  1.00 20.34 ? 160 LYS A CG  1 
ATOM   1090 C CD  . LYS A 1 171 ? 2.414   -13.840 9.212   1.00 17.22 ? 160 LYS A CD  1 
ATOM   1091 C CE  . LYS A 1 171 ? 3.074   -15.110 9.605   1.00 17.35 ? 160 LYS A CE  1 
ATOM   1092 N NZ  . LYS A 1 171 ? 3.870   -15.517 8.446   1.00 25.47 ? 160 LYS A NZ  1 
ATOM   1093 N N   . VAL A 1 172 ? 1.361   -11.272 13.159  1.00 22.02 ? 161 VAL A N   1 
ATOM   1094 C CA  . VAL A 1 172 ? 2.327   -10.460 13.778  1.00 23.22 ? 161 VAL A CA  1 
ATOM   1095 C C   . VAL A 1 172 ? 3.539   -11.257 13.558  1.00 23.36 ? 161 VAL A C   1 
ATOM   1096 O O   . VAL A 1 172 ? 3.537   -12.456 13.726  1.00 24.84 ? 161 VAL A O   1 
ATOM   1097 C CB  . VAL A 1 172 ? 2.027   -10.167 15.260  1.00 23.09 ? 161 VAL A CB  1 
ATOM   1098 C CG1 . VAL A 1 172 ? 1.405   -11.331 15.890  1.00 28.93 ? 161 VAL A CG1 1 
ATOM   1099 C CG2 . VAL A 1 172 ? 3.269   -9.829  16.002  1.00 21.49 ? 161 VAL A CG2 1 
ATOM   1100 N N   . ILE A 1 173 ? 4.559   -10.562 13.127  1.00 23.87 ? 162 ILE A N   1 
ATOM   1101 C CA  . ILE A 1 173 ? 5.827   -11.113 12.759  1.00 24.20 ? 162 ILE A CA  1 
ATOM   1102 C C   . ILE A 1 173 ? 6.835   -10.190 13.424  1.00 25.25 ? 162 ILE A C   1 
ATOM   1103 O O   . ILE A 1 173 ? 6.563   -9.017  13.669  1.00 24.50 ? 162 ILE A O   1 
ATOM   1104 C CB  . ILE A 1 173 ? 6.050   -10.960 11.258  1.00 23.77 ? 162 ILE A CB  1 
ATOM   1105 C CG1 . ILE A 1 173 ? 5.867   -9.482  10.907  1.00 24.84 ? 162 ILE A CG1 1 
ATOM   1106 C CG2 . ILE A 1 173 ? 5.073   -11.837 10.501  1.00 21.68 ? 162 ILE A CG2 1 
ATOM   1107 C CD1 . ILE A 1 173 ? 6.613   -8.960  9.729   1.00 28.83 ? 162 ILE A CD1 1 
ATOM   1108 N N   . ALA A 1 174 ? 8.013   -10.735 13.682  1.00 27.06 ? 163 ALA A N   1 
ATOM   1109 C CA  . ALA A 1 174 ? 9.125   -9.984  14.182  1.00 28.03 ? 163 ALA A CA  1 
ATOM   1110 C C   . ALA A 1 174 ? 9.465   -8.984  13.083  1.00 29.32 ? 163 ALA A C   1 
ATOM   1111 O O   . ALA A 1 174 ? 9.132   -9.192  11.916  1.00 29.71 ? 163 ALA A O   1 
ATOM   1112 C CB  . ALA A 1 174 ? 10.260  -10.949 14.484  1.00 27.22 ? 163 ALA A CB  1 
ATOM   1113 N N   . PRO A 1 175 ? 10.086  -7.860  13.436  1.00 31.31 ? 164 PRO A N   1 
ATOM   1114 C CA  . PRO A 1 175 ? 10.418  -6.911  12.385  1.00 32.36 ? 164 PRO A CA  1 
ATOM   1115 C C   . PRO A 1 175 ? 11.554  -7.385  11.526  1.00 33.91 ? 164 PRO A C   1 
ATOM   1116 O O   . PRO A 1 175 ? 11.939  -6.679  10.597  1.00 36.22 ? 164 PRO A O   1 
ATOM   1117 C CB  . PRO A 1 175 ? 10.861  -5.659  13.157  1.00 32.47 ? 164 PRO A CB  1 
ATOM   1118 C CG  . PRO A 1 175 ? 10.576  -5.929  14.566  1.00 32.02 ? 164 PRO A CG  1 
ATOM   1119 C CD  . PRO A 1 175 ? 10.555  -7.401  14.748  1.00 31.59 ? 164 PRO A CD  1 
ATOM   1120 N N   . ASP A 1 176 ? 12.099  -8.563  11.797  1.00 35.34 ? 165 ASP A N   1 
ATOM   1121 C CA  . ASP A 1 176 ? 13.206  -9.070  10.963  1.00 36.52 ? 165 ASP A CA  1 
ATOM   1122 C C   . ASP A 1 176 ? 12.629  -9.797  9.772   1.00 35.94 ? 165 ASP A C   1 
ATOM   1123 O O   . ASP A 1 176 ? 13.298  -9.933  8.741   1.00 37.25 ? 165 ASP A O   1 
ATOM   1124 C CB  . ASP A 1 176 ? 14.105  -10.016 11.756  1.00 36.86 ? 165 ASP A CB  1 
ATOM   1125 C CG  . ASP A 1 176 ? 13.326  -10.830 12.752  1.00 39.20 ? 165 ASP A CG  1 
ATOM   1126 O OD1 . ASP A 1 176 ? 12.907  -10.242 13.782  1.00 44.34 ? 165 ASP A OD1 1 
ATOM   1127 O OD2 . ASP A 1 176 ? 13.137  -12.043 12.533  1.00 39.96 ? 165 ASP A OD2 1 
ATOM   1128 N N   . GLN A 1 177 ? 11.376  -10.231 9.919   1.00 34.94 ? 166 GLN A N   1 
ATOM   1129 C CA  . GLN A 1 177 ? 10.692  -11.073 8.960   1.00 33.64 ? 166 GLN A CA  1 
ATOM   1130 C C   . GLN A 1 177 ? 10.135  -10.322 7.759   1.00 33.01 ? 166 GLN A C   1 
ATOM   1131 O O   . GLN A 1 177 ? 9.336   -9.414  7.888   1.00 31.50 ? 166 GLN A O   1 
ATOM   1132 C CB  . GLN A 1 177 ? 9.626   -11.887 9.665   1.00 34.08 ? 166 GLN A CB  1 
ATOM   1133 C CG  . GLN A 1 177 ? 10.207  -13.119 10.339  1.00 38.79 ? 166 GLN A CG  1 
ATOM   1134 C CD  . GLN A 1 177 ? 10.864  -14.072 9.315   1.00 45.31 ? 166 GLN A CD  1 
ATOM   1135 O OE1 . GLN A 1 177 ? 10.676  -13.929 8.072   1.00 45.14 ? 166 GLN A OE1 1 
ATOM   1136 N NE2 . GLN A 1 177 ? 11.634  -15.044 9.824   1.00 44.79 ? 166 GLN A NE2 1 
ATOM   1137 N N   . LEU A 1 178 ? 10.592  -10.719 6.578   1.00 33.02 ? 167 LEU A N   1 
ATOM   1138 C CA  . LEU A 1 178 ? 10.291  -10.020 5.362   1.00 33.34 ? 167 LEU A CA  1 
ATOM   1139 C C   . LEU A 1 178 ? 9.394   -10.895 4.559   1.00 32.77 ? 167 LEU A C   1 
ATOM   1140 O O   . LEU A 1 178 ? 8.616   -10.406 3.777   1.00 33.72 ? 167 LEU A O   1 
ATOM   1141 C CB  . LEU A 1 178 ? 11.569  -9.686  4.565   1.00 33.49 ? 167 LEU A CB  1 
ATOM   1142 C CG  . LEU A 1 178 ? 12.695  -9.043  5.379   1.00 36.20 ? 167 LEU A CG  1 
ATOM   1143 C CD1 . LEU A 1 178 ? 13.985  -8.912  4.606   1.00 34.68 ? 167 LEU A CD1 1 
ATOM   1144 C CD2 . LEU A 1 178 ? 12.298  -7.683  6.012   1.00 38.26 ? 167 LEU A CD2 1 
ATOM   1145 N N   . GLU A 1 179 ? 9.479   -12.191 4.787   1.00 32.19 ? 168 GLU A N   1 
ATOM   1146 C CA  . GLU A 1 179 ? 8.851   -13.196 3.929   1.00 32.56 ? 168 GLU A CA  1 
ATOM   1147 C C   . GLU A 1 179 ? 7.377   -12.941 3.618   1.00 30.90 ? 168 GLU A C   1 
ATOM   1148 O O   . GLU A 1 179 ? 6.915   -13.209 2.513   1.00 31.03 ? 168 GLU A O   1 
ATOM   1149 C CB  . GLU A 1 179 ? 9.055   -14.590 4.526   1.00 33.52 ? 168 GLU A CB  1 
ATOM   1150 C CG  . GLU A 1 179 ? 9.279   -14.531 6.056   1.00 39.74 ? 168 GLU A CG  1 
ATOM   1151 C CD  . GLU A 1 179 ? 8.717   -15.720 6.816   1.00 45.97 ? 168 GLU A CD  1 
ATOM   1152 O OE1 . GLU A 1 179 ? 8.935   -16.860 6.334   1.00 48.72 ? 168 GLU A OE1 1 
ATOM   1153 O OE2 . GLU A 1 179 ? 8.068   -15.508 7.895   1.00 48.55 ? 168 GLU A OE2 1 
ATOM   1154 N N   . ASP A 1 180 ? 6.658   -12.380 4.588   1.00 29.20 ? 169 ASP A N   1 
ATOM   1155 C CA  . ASP A 1 180 ? 5.221   -12.160 4.484   1.00 26.17 ? 169 ASP A CA  1 
ATOM   1156 C C   . ASP A 1 180 ? 4.973   -10.985 3.640   1.00 25.41 ? 169 ASP A C   1 
ATOM   1157 O O   . ASP A 1 180 ? 3.865   -10.800 3.187   1.00 25.48 ? 169 ASP A O   1 
ATOM   1158 C CB  . ASP A 1 180 ? 4.627   -11.904 5.842   1.00 25.09 ? 169 ASP A CB  1 
ATOM   1159 C CG  . ASP A 1 180 ? 4.855   -13.031 6.737   1.00 26.05 ? 169 ASP A CG  1 
ATOM   1160 O OD1 . ASP A 1 180 ? 4.202   -14.080 6.539   1.00 27.08 ? 169 ASP A OD1 1 
ATOM   1161 O OD2 . ASP A 1 180 ? 5.764   -12.927 7.576   1.00 26.97 ? 169 ASP A OD2 1 
ATOM   1162 N N   . LEU A 1 181 ? 6.010   -10.203 3.394   1.00 24.51 ? 170 LEU A N   1 
ATOM   1163 C CA  . LEU A 1 181 ? 5.859   -8.965  2.667   1.00 24.63 ? 170 LEU A CA  1 
ATOM   1164 C C   . LEU A 1 181 ? 6.214   -9.102  1.225   1.00 25.42 ? 170 LEU A C   1 
ATOM   1165 O O   . LEU A 1 181 ? 6.101   -8.136  0.448   1.00 26.39 ? 170 LEU A O   1 
ATOM   1166 C CB  . LEU A 1 181 ? 6.792   -7.919  3.242   1.00 24.02 ? 170 LEU A CB  1 
ATOM   1167 C CG  . LEU A 1 181 ? 6.632   -7.670  4.705   1.00 23.17 ? 170 LEU A CG  1 
ATOM   1168 C CD1 . LEU A 1 181 ? 7.750   -6.783  5.063   1.00 23.11 ? 170 LEU A CD1 1 
ATOM   1169 C CD2 . LEU A 1 181 ? 5.300   -6.980  4.937   1.00 20.27 ? 170 LEU A CD2 1 
ATOM   1170 N N   . TYR A 1 182 ? 6.721   -10.257 0.866   1.00 26.00 ? 171 TYR A N   1 
ATOM   1171 C CA  . TYR A 1 182 ? 7.061   -10.468 -0.510  1.00 27.63 ? 171 TYR A CA  1 
ATOM   1172 C C   . TYR A 1 182 ? 5.843   -10.864 -1.262  1.00 27.09 ? 171 TYR A C   1 
ATOM   1173 O O   . TYR A 1 182 ? 4.832   -11.222 -0.699  1.00 26.81 ? 171 TYR A O   1 
ATOM   1174 C CB  . TYR A 1 182 ? 8.221   -11.456 -0.698  1.00 28.05 ? 171 TYR A CB  1 
ATOM   1175 C CG  . TYR A 1 182 ? 9.463   -10.816 -0.125  1.00 29.71 ? 171 TYR A CG  1 
ATOM   1176 C CD1 . TYR A 1 182 ? 9.769   -9.478  -0.438  1.00 34.87 ? 171 TYR A CD1 1 
ATOM   1177 C CD2 . TYR A 1 182 ? 10.272  -11.494 0.763   1.00 30.72 ? 171 TYR A CD2 1 
ATOM   1178 C CE1 . TYR A 1 182 ? 10.858  -8.843  0.064   1.00 35.17 ? 171 TYR A CE1 1 
ATOM   1179 C CE2 . TYR A 1 182 ? 11.360  -10.869 1.309   1.00 35.81 ? 171 TYR A CE2 1 
ATOM   1180 C CZ  . TYR A 1 182 ? 11.656  -9.533  0.951   1.00 37.05 ? 171 TYR A CZ  1 
ATOM   1181 O OH  . TYR A 1 182 ? 12.757  -8.895  1.479   1.00 37.08 ? 171 TYR A OH  1 
ATOM   1182 N N   . VAL A 1 183 ? 5.941   -10.681 -2.552  1.00 26.82 ? 172 VAL A N   1 
ATOM   1183 C CA  . VAL A 1 183 ? 4.898   -11.037 -3.415  1.00 26.17 ? 172 VAL A CA  1 
ATOM   1184 C C   . VAL A 1 183 ? 4.634   -12.507 -3.218  1.00 26.83 ? 172 VAL A C   1 
ATOM   1185 O O   . VAL A 1 183 ? 5.541   -13.343 -3.271  1.00 27.49 ? 172 VAL A O   1 
ATOM   1186 C CB  . VAL A 1 183 ? 5.296   -10.716 -4.840  1.00 25.53 ? 172 VAL A CB  1 
ATOM   1187 C CG1 . VAL A 1 183 ? 4.337   -11.328 -5.774  1.00 24.96 ? 172 VAL A CG1 1 
ATOM   1188 C CG2 . VAL A 1 183 ? 5.295   -9.216  -5.005  1.00 22.06 ? 172 VAL A CG2 1 
ATOM   1189 N N   . ILE A 1 184 ? 3.391   -12.822 -2.917  1.00 26.96 ? 173 ILE A N   1 
ATOM   1190 C CA  . ILE A 1 184 ? 2.981   -14.191 -3.043  1.00 27.19 ? 173 ILE A CA  1 
ATOM   1191 C C   . ILE A 1 184 ? 2.539   -14.220 -4.461  1.00 28.00 ? 173 ILE A C   1 
ATOM   1192 O O   . ILE A 1 184 ? 1.636   -13.502 -4.872  1.00 28.47 ? 173 ILE A O   1 
ATOM   1193 C CB  . ILE A 1 184 ? 1.857   -14.574 -2.116  1.00 26.76 ? 173 ILE A CB  1 
ATOM   1194 C CG1 . ILE A 1 184 ? 2.261   -14.253 -0.670  1.00 25.51 ? 173 ILE A CG1 1 
ATOM   1195 C CG2 . ILE A 1 184 ? 1.604   -16.008 -2.285  1.00 26.65 ? 173 ILE A CG2 1 
ATOM   1196 C CD1 . ILE A 1 184 ? 1.193   -14.499 0.346   1.00 28.08 ? 173 ILE A CD1 1 
ATOM   1197 N N   . GLN A 1 185 ? 3.259   -15.001 -5.230  1.00 29.30 ? 174 GLN A N   1 
ATOM   1198 C CA  . GLN A 1 185 ? 3.001   -15.120 -6.632  1.00 30.73 ? 174 GLN A CA  1 
ATOM   1199 C C   . GLN A 1 185 ? 1.590   -15.624 -6.786  1.00 30.34 ? 174 GLN A C   1 
ATOM   1200 O O   . GLN A 1 185 ? 1.143   -16.455 -6.002  1.00 29.56 ? 174 GLN A O   1 
ATOM   1201 C CB  . GLN A 1 185 ? 4.004   -16.084 -7.267  1.00 31.37 ? 174 GLN A CB  1 
ATOM   1202 C CG  . GLN A 1 185 ? 5.427   -15.578 -7.150  1.00 34.78 ? 174 GLN A CG  1 
ATOM   1203 C CD  . GLN A 1 185 ? 5.682   -14.410 -8.058  1.00 40.17 ? 174 GLN A CD  1 
ATOM   1204 O OE1 . GLN A 1 185 ? 5.154   -14.359 -9.190  1.00 45.05 ? 174 GLN A OE1 1 
ATOM   1205 N NE2 . GLN A 1 185 ? 6.494   -13.449 -7.584  1.00 40.37 ? 174 GLN A NE2 1 
ATOM   1206 N N   . GLY A 1 186 ? 0.899   -15.074 -7.782  1.00 30.32 ? 175 GLY A N   1 
ATOM   1207 C CA  . GLY A 1 186 ? -0.429  -15.507 -8.116  1.00 30.45 ? 175 GLY A CA  1 
ATOM   1208 C C   . GLY A 1 186 ? -1.418  -14.693 -7.334  1.00 30.46 ? 175 GLY A C   1 
ATOM   1209 O O   . GLY A 1 186 ? -2.603  -14.596 -7.702  1.00 30.89 ? 175 GLY A O   1 
ATOM   1210 N N   . GLU A 1 187 ? -0.926  -14.103 -6.248  1.00 29.61 ? 176 GLU A N   1 
ATOM   1211 C CA  . GLU A 1 187 ? -1.812  -13.459 -5.285  1.00 28.33 ? 176 GLU A CA  1 
ATOM   1212 C C   . GLU A 1 187 ? -1.684  -11.976 -5.347  1.00 26.22 ? 176 GLU A C   1 
ATOM   1213 O O   . GLU A 1 187 ? -0.689  -11.445 -5.798  1.00 26.53 ? 176 GLU A O   1 
ATOM   1214 C CB  . GLU A 1 187 ? -1.591  -13.993 -3.867  1.00 27.55 ? 176 GLU A CB  1 
ATOM   1215 C CG  . GLU A 1 187 ? -1.947  -15.477 -3.664  1.00 31.95 ? 176 GLU A CG  1 
ATOM   1216 C CD  . GLU A 1 187 ? -3.235  -15.963 -4.376  1.00 37.01 ? 176 GLU A CD  1 
ATOM   1217 O OE1 . GLU A 1 187 ? -4.233  -15.208 -4.468  1.00 37.02 ? 176 GLU A OE1 1 
ATOM   1218 O OE2 . GLU A 1 187 ? -3.254  -17.144 -4.819  1.00 39.73 ? 176 GLU A OE2 1 
ATOM   1219 N N   . ASP A 1 188 ? -2.698  -11.303 -4.855  1.00 24.82 ? 177 ASP A N   1 
ATOM   1220 C CA  . ASP A 1 188 ? -2.717  -9.866  -4.880  1.00 23.06 ? 177 ASP A CA  1 
ATOM   1221 C C   . ASP A 1 188 ? -2.941  -9.481  -3.443  1.00 22.33 ? 177 ASP A C   1 
ATOM   1222 O O   . ASP A 1 188 ? -3.967  -9.779  -2.845  1.00 24.17 ? 177 ASP A O   1 
ATOM   1223 C CB  . ASP A 1 188 ? -3.862  -9.459  -5.754  1.00 23.44 ? 177 ASP A CB  1 
ATOM   1224 C CG  . ASP A 1 188 ? -4.016  -8.007  -5.874  1.00 22.88 ? 177 ASP A CG  1 
ATOM   1225 O OD1 . ASP A 1 188 ? -3.594  -7.273  -4.974  1.00 20.32 ? 177 ASP A OD1 1 
ATOM   1226 O OD2 . ASP A 1 188 ? -4.623  -7.615  -6.888  1.00 26.35 ? 177 ASP A OD2 1 
ATOM   1227 N N   . HIS A 1 189 ? -1.964  -8.866  -2.824  1.00 20.14 ? 178 HIS A N   1 
ATOM   1228 C CA  . HIS A 1 189 ? -2.110  -8.699  -1.407  1.00 17.84 ? 178 HIS A CA  1 
ATOM   1229 C C   . HIS A 1 189 ? -1.758  -7.345  -1.124  1.00 17.27 ? 178 HIS A C   1 
ATOM   1230 O O   . HIS A 1 189 ? -1.094  -6.696  -1.904  1.00 19.66 ? 178 HIS A O   1 
ATOM   1231 C CB  . HIS A 1 189 ? -1.216  -9.640  -0.651  1.00 17.02 ? 178 HIS A CB  1 
ATOM   1232 C CG  . HIS A 1 189 ? -1.705  -11.041 -0.720  1.00 16.59 ? 178 HIS A CG  1 
ATOM   1233 N ND1 . HIS A 1 189 ? -2.901  -11.429 -0.156  1.00 16.79 ? 178 HIS A ND1 1 
ATOM   1234 C CD2 . HIS A 1 189 ? -1.193  -12.141 -1.314  1.00 15.74 ? 178 HIS A CD2 1 
ATOM   1235 C CE1 . HIS A 1 189 ? -3.094  -12.719 -0.377  1.00 14.70 ? 178 HIS A CE1 1 
ATOM   1236 N NE2 . HIS A 1 189 ? -2.077  -13.176 -1.078  1.00 15.79 ? 178 HIS A NE2 1 
ATOM   1237 N N   . VAL A 1 190 ? -2.228  -6.877  -0.010  1.00 15.57 ? 179 VAL A N   1 
ATOM   1238 C CA  . VAL A 1 190 ? -1.777  -5.627  0.414   1.00 14.53 ? 179 VAL A CA  1 
ATOM   1239 C C   . VAL A 1 190 ? -1.779  -5.913  1.805   1.00 14.39 ? 179 VAL A C   1 
ATOM   1240 O O   . VAL A 1 190 ? -2.765  -6.439  2.326   1.00 14.86 ? 179 VAL A O   1 
ATOM   1241 C CB  . VAL A 1 190 ? -2.784  -4.549  0.179   1.00 14.16 ? 179 VAL A CB  1 
ATOM   1242 C CG1 . VAL A 1 190 ? -2.443  -3.376  1.074   1.00 12.04 ? 179 VAL A CG1 1 
ATOM   1243 C CG2 . VAL A 1 190 ? -2.730  -4.200  -1.244  1.00 12.26 ? 179 VAL A CG2 1 
ATOM   1244 N N   . THR A 1 191 ? -0.661  -5.607  2.410   1.00 14.99 ? 180 THR A N   1 
ATOM   1245 C CA  . THR A 1 191 ? -0.539  -5.802  3.821   1.00 14.74 ? 180 THR A CA  1 
ATOM   1246 C C   . THR A 1 191 ? -0.482  -4.425  4.385   1.00 15.30 ? 180 THR A C   1 
ATOM   1247 O O   . THR A 1 191 ? 0.195   -3.536  3.871   1.00 15.04 ? 180 THR A O   1 
ATOM   1248 C CB  . THR A 1 191 ? 0.664   -6.631  4.109   1.00 14.58 ? 180 THR A CB  1 
ATOM   1249 O OG1 . THR A 1 191 ? 0.390   -7.964  3.653   1.00 14.78 ? 180 THR A OG1 1 
ATOM   1250 C CG2 . THR A 1 191 ? 0.963   -6.681  5.549   1.00 12.83 ? 180 THR A CG2 1 
ATOM   1251 N N   . LEU A 1 192 ? -1.302  -4.240  5.396   1.00 15.93 ? 181 LEU A N   1 
ATOM   1252 C CA  . LEU A 1 192 ? -1.354  -3.022  6.076   1.00 16.21 ? 181 LEU A CA  1 
ATOM   1253 C C   . LEU A 1 192 ? -0.430  -3.391  7.153   1.00 17.27 ? 181 LEU A C   1 
ATOM   1254 O O   . LEU A 1 192 ? -0.654  -4.369  7.880   1.00 18.48 ? 181 LEU A O   1 
ATOM   1255 C CB  . LEU A 1 192 ? -2.727  -2.783  6.599   1.00 15.70 ? 181 LEU A CB  1 
ATOM   1256 C CG  . LEU A 1 192 ? -3.676  -2.766  5.457   1.00 14.64 ? 181 LEU A CG  1 
ATOM   1257 C CD1 . LEU A 1 192 ? -5.067  -2.312  5.997   1.00 11.54 ? 181 LEU A CD1 1 
ATOM   1258 C CD2 . LEU A 1 192 ? -3.051  -1.740  4.577   1.00 14.91 ? 181 LEU A CD2 1 
ATOM   1259 N N   . LEU A 1 193 ? 0.646   -2.641  7.243   1.00 17.43 ? 182 LEU A N   1 
ATOM   1260 C CA  . LEU A 1 193 ? 1.672   -3.050  8.114   1.00 18.19 ? 182 LEU A CA  1 
ATOM   1261 C C   . LEU A 1 193 ? 1.799   -1.981  9.132   1.00 18.83 ? 182 LEU A C   1 
ATOM   1262 O O   . LEU A 1 193 ? 1.825   -0.793  8.840   1.00 19.68 ? 182 LEU A O   1 
ATOM   1263 C CB  . LEU A 1 193 ? 2.977   -3.258  7.334   1.00 17.42 ? 182 LEU A CB  1 
ATOM   1264 C CG  . LEU A 1 193 ? 4.313   -3.118  8.043   1.00 18.50 ? 182 LEU A CG  1 
ATOM   1265 C CD1 . LEU A 1 193 ? 4.329   -3.963  9.212   1.00 20.90 ? 182 LEU A CD1 1 
ATOM   1266 C CD2 . LEU A 1 193 ? 5.419   -3.539  7.094   1.00 17.06 ? 182 LEU A CD2 1 
ATOM   1267 N N   . THR A 1 194 ? 1.884   -2.416  10.355  1.00 19.41 ? 183 THR A N   1 
ATOM   1268 C CA  . THR A 1 194 ? 2.115   -1.487  11.375  1.00 19.56 ? 183 THR A CA  1 
ATOM   1269 C C   . THR A 1 194 ? 2.880   -2.167  12.433  1.00 20.41 ? 183 THR A C   1 
ATOM   1270 O O   . THR A 1 194 ? 3.305   -3.277  12.281  1.00 19.74 ? 183 THR A O   1 
ATOM   1271 C CB  . THR A 1 194 ? 0.834   -0.911  11.923  1.00 19.98 ? 183 THR A CB  1 
ATOM   1272 O OG1 . THR A 1 194 ? 1.198   0.235   12.697  1.00 17.69 ? 183 THR A OG1 1 
ATOM   1273 C CG2 . THR A 1 194 ? 0.053   -1.944  12.742  1.00 17.12 ? 183 THR A CG2 1 
ATOM   1274 N N   . CYS A 1 195 ? 3.072   -1.461  13.512  1.00 22.62 ? 184 CYS A N   1 
ATOM   1275 C CA  . CYS A 1 195 ? 3.951   -1.941  14.523  1.00 24.78 ? 184 CYS A CA  1 
ATOM   1276 C C   . CYS A 1 195 ? 2.960   -2.461  15.559  1.00 23.69 ? 184 CYS A C   1 
ATOM   1277 O O   . CYS A 1 195 ? 1.786   -2.090  15.555  1.00 23.08 ? 184 CYS A O   1 
ATOM   1278 C CB  . CYS A 1 195 ? 4.799   -0.765  14.990  1.00 24.52 ? 184 CYS A CB  1 
ATOM   1279 S SG  . CYS A 1 195 ? 6.079   -0.362  13.755  1.00 39.09 ? 184 CYS A SG  1 
ATOM   1280 N N   . THR A 1 196 ? 3.373   -3.428  16.314  1.00 22.93 ? 185 THR A N   1 
ATOM   1281 C CA  . THR A 1 196 ? 2.493   -4.011  17.243  1.00 23.26 ? 185 THR A CA  1 
ATOM   1282 C C   . THR A 1 196 ? 3.392   -4.640  18.255  1.00 23.62 ? 185 THR A C   1 
ATOM   1283 O O   . THR A 1 196 ? 4.472   -4.930  17.968  1.00 24.28 ? 185 THR A O   1 
ATOM   1284 C CB  . THR A 1 196 ? 1.605   -4.969  16.526  1.00 22.80 ? 185 THR A CB  1 
ATOM   1285 O OG1 . THR A 1 196 ? 0.416   -5.099  17.257  1.00 24.62 ? 185 THR A OG1 1 
ATOM   1286 C CG2 . THR A 1 196 ? 2.243   -6.269  16.360  1.00 22.19 ? 185 THR A CG2 1 
ATOM   1287 N N   . PRO A 1 197 ? 3.012   -4.759  19.484  1.00 24.62 ? 186 PRO A N   1 
ATOM   1288 C CA  . PRO A 1 197 ? 1.746   -4.451  20.078  1.00 25.80 ? 186 PRO A CA  1 
ATOM   1289 C C   . PRO A 1 197 ? 1.628   -2.999  20.131  1.00 27.07 ? 186 PRO A C   1 
ATOM   1290 O O   . PRO A 1 197 ? 2.549   -2.329  19.884  1.00 27.66 ? 186 PRO A O   1 
ATOM   1291 C CB  . PRO A 1 197 ? 1.887   -5.014  21.444  1.00 25.13 ? 186 PRO A CB  1 
ATOM   1292 C CG  . PRO A 1 197 ? 2.749   -5.986  21.302  1.00 23.80 ? 186 PRO A CG  1 
ATOM   1293 C CD  . PRO A 1 197 ? 3.763   -5.594  20.380  1.00 23.92 ? 186 PRO A CD  1 
ATOM   1294 N N   . TYR A 1 198 ? 0.448   -2.494  20.293  1.00 29.31 ? 187 TYR A N   1 
ATOM   1295 C CA  . TYR A 1 198 ? 0.309   -1.111  20.159  1.00 30.76 ? 187 TYR A CA  1 
ATOM   1296 C C   . TYR A 1 198 ? 1.183   -0.531  21.200  1.00 31.76 ? 187 TYR A C   1 
ATOM   1297 O O   . TYR A 1 198 ? 1.211   -0.953  22.322  1.00 32.21 ? 187 TYR A O   1 
ATOM   1298 C CB  . TYR A 1 198 ? -1.082  -0.757  20.581  1.00 31.05 ? 187 TYR A CB  1 
ATOM   1299 C CG  . TYR A 1 198 ? -1.344  0.703   20.587  1.00 32.07 ? 187 TYR A CG  1 
ATOM   1300 C CD1 . TYR A 1 198 ? -0.958  1.479   19.557  1.00 32.65 ? 187 TYR A CD1 1 
ATOM   1301 C CD2 . TYR A 1 198 ? -2.003  1.298   21.616  1.00 33.17 ? 187 TYR A CD2 1 
ATOM   1302 C CE1 . TYR A 1 198 ? -1.205  2.770   19.559  1.00 32.33 ? 187 TYR A CE1 1 
ATOM   1303 C CE2 . TYR A 1 198 ? -2.236  2.590   21.604  1.00 34.44 ? 187 TYR A CE2 1 
ATOM   1304 C CZ  . TYR A 1 198 ? -1.840  3.313   20.574  1.00 31.37 ? 187 TYR A CZ  1 
ATOM   1305 O OH  . TYR A 1 198 ? -2.076  4.610   20.545  1.00 35.55 ? 187 TYR A OH  1 
ATOM   1306 N N   . MET A 1 199 ? 1.841   0.520   20.773  1.00 32.85 ? 188 MET A N   1 
ATOM   1307 C CA  . MET A 1 199 ? 2.828   1.196   21.529  1.00 34.39 ? 188 MET A CA  1 
ATOM   1308 C C   . MET A 1 199 ? 4.115   0.475   21.600  1.00 34.34 ? 188 MET A C   1 
ATOM   1309 O O   . MET A 1 199 ? 5.111   1.054   21.341  1.00 35.81 ? 188 MET A O   1 
ATOM   1310 C CB  . MET A 1 199 ? 2.291   1.698   22.842  1.00 34.85 ? 188 MET A CB  1 
ATOM   1311 C CG  . MET A 1 199 ? 1.379   2.869   22.609  1.00 37.04 ? 188 MET A CG  1 
ATOM   1312 S SD  . MET A 1 199 ? 2.231   4.311   22.078  1.00 42.03 ? 188 MET A SD  1 
ATOM   1313 C CE  . MET A 1 199 ? 1.379   4.806   20.649  1.00 40.94 ? 188 MET A CE  1 
ATOM   1314 N N   . ILE A 1 200 ? 4.133   -0.768  21.997  1.00 32.94 ? 189 ILE A N   1 
ATOM   1315 C CA  . ILE A 1 200 ? 5.388   -1.444  22.124  1.00 31.67 ? 189 ILE A CA  1 
ATOM   1316 C C   . ILE A 1 200 ? 6.149   -1.584  20.821  1.00 31.22 ? 189 ILE A C   1 
ATOM   1317 O O   . ILE A 1 200 ? 7.310   -1.376  20.773  1.00 30.91 ? 189 ILE A O   1 
ATOM   1318 C CB  . ILE A 1 200 ? 5.043   -2.826  22.660  1.00 31.12 ? 189 ILE A CB  1 
ATOM   1319 C CG1 . ILE A 1 200 ? 4.313   -2.670  23.978  1.00 29.65 ? 189 ILE A CG1 1 
ATOM   1320 C CG2 . ILE A 1 200 ? 6.232   -3.636  22.820  1.00 30.79 ? 189 ILE A CG2 1 
ATOM   1321 C CD1 . ILE A 1 200 ? 3.419   -3.723  24.333  1.00 25.36 ? 189 ILE A CD1 1 
ATOM   1322 N N   . ASN A 1 201 ? 5.461   -1.927  19.763  1.00 31.50 ? 190 ASN A N   1 
ATOM   1323 C CA  . ASN A 1 201 ? 5.947   -2.004  18.392  1.00 31.37 ? 190 ASN A CA  1 
ATOM   1324 C C   . ASN A 1 201 ? 7.103   -2.956  18.195  1.00 31.23 ? 190 ASN A C   1 
ATOM   1325 O O   . ASN A 1 201 ? 7.898   -2.758  17.348  1.00 32.66 ? 190 ASN A O   1 
ATOM   1326 C CB  . ASN A 1 201 ? 6.276   -0.651  17.823  1.00 32.37 ? 190 ASN A CB  1 
ATOM   1327 C CG  . ASN A 1 201 ? 5.144   0.298   17.908  1.00 34.57 ? 190 ASN A CG  1 
ATOM   1328 O OD1 . ASN A 1 201 ? 4.070   0.016   17.489  1.00 35.31 ? 190 ASN A OD1 1 
ATOM   1329 N ND2 . ASN A 1 201 ? 5.398   1.453   18.460  1.00 37.08 ? 190 ASN A ND2 1 
ATOM   1330 N N   . SER A 1 202 ? 7.143   -4.016  18.964  1.00 29.87 ? 191 SER A N   1 
ATOM   1331 C CA  . SER A 1 202 ? 8.140   -5.027  18.886  1.00 29.23 ? 191 SER A CA  1 
ATOM   1332 C C   . SER A 1 202 ? 8.087   -5.718  17.599  1.00 28.83 ? 191 SER A C   1 
ATOM   1333 O O   . SER A 1 202 ? 9.051   -6.197  17.108  1.00 29.00 ? 191 SER A O   1 
ATOM   1334 C CB  . SER A 1 202 ? 8.066   -5.986  20.004  1.00 28.83 ? 191 SER A CB  1 
ATOM   1335 O OG  . SER A 1 202 ? 6.840   -5.927  20.585  1.00 30.86 ? 191 SER A OG  1 
ATOM   1336 N N   . HIS A 1 203 ? 6.862   -5.911  17.176  1.00 27.47 ? 192 HIS A N   1 
ATOM   1337 C CA  . HIS A 1 203 ? 6.517   -6.710  16.078  1.00 26.01 ? 192 HIS A CA  1 
ATOM   1338 C C   . HIS A 1 203 ? 5.739   -5.899  15.175  1.00 25.04 ? 192 HIS A C   1 
ATOM   1339 O O   . HIS A 1 203 ? 5.458   -4.801  15.434  1.00 24.46 ? 192 HIS A O   1 
ATOM   1340 C CB  . HIS A 1 203 ? 5.679   -7.824  16.558  1.00 25.39 ? 192 HIS A CB  1 
ATOM   1341 C CG  . HIS A 1 203 ? 6.408   -8.733  17.453  1.00 29.08 ? 192 HIS A CG  1 
ATOM   1342 N ND1 . HIS A 1 203 ? 6.658   -8.431  18.759  1.00 31.16 ? 192 HIS A ND1 1 
ATOM   1343 C CD2 . HIS A 1 203 ? 6.988   -9.916  17.224  1.00 31.24 ? 192 HIS A CD2 1 
ATOM   1344 C CE1 . HIS A 1 203 ? 7.351   -9.396  19.305  1.00 34.75 ? 192 HIS A CE1 1 
ATOM   1345 N NE2 . HIS A 1 203 ? 7.543   -10.322 18.395  1.00 36.37 ? 192 HIS A NE2 1 
ATOM   1346 N N   . ARG A 1 204 ? 5.484   -6.450  14.033  1.00 24.26 ? 193 ARG A N   1 
ATOM   1347 C CA  . ARG A 1 204 ? 4.789   -5.745  13.012  1.00 23.37 ? 193 ARG A CA  1 
ATOM   1348 C C   . ARG A 1 204 ? 3.536   -6.516  12.827  1.00 22.81 ? 193 ARG A C   1 
ATOM   1349 O O   . ARG A 1 204 ? 3.523   -7.758  12.877  1.00 22.55 ? 193 ARG A O   1 
ATOM   1350 C CB  . ARG A 1 204 ? 5.612   -5.734  11.746  1.00 24.01 ? 193 ARG A CB  1 
ATOM   1351 C CG  . ARG A 1 204 ? 7.057   -5.165  11.940  1.00 27.87 ? 193 ARG A CG  1 
ATOM   1352 C CD  . ARG A 1 204 ? 7.106   -3.654  11.631  1.00 36.98 ? 193 ARG A CD  1 
ATOM   1353 N NE  . ARG A 1 204 ? 8.449   -3.076  11.414  1.00 40.65 ? 193 ARG A NE  1 
ATOM   1354 C CZ  . ARG A 1 204 ? 9.391   -3.593  10.614  1.00 45.36 ? 193 ARG A CZ  1 
ATOM   1355 N NH1 . ARG A 1 204 ? 9.184   -4.769  9.991   1.00 45.40 ? 193 ARG A NH1 1 
ATOM   1356 N NH2 . ARG A 1 204 ? 10.569  -2.947  10.462  1.00 45.70 ? 193 ARG A NH2 1 
ATOM   1357 N N   . LEU A 1 205 ? 2.451   -5.776  12.666  1.00 21.51 ? 194 LEU A N   1 
ATOM   1358 C CA  . LEU A 1 205 ? 1.181   -6.384  12.515  1.00 19.99 ? 194 LEU A CA  1 
ATOM   1359 C C   . LEU A 1 205 ? 0.972   -6.297  11.061  1.00 19.91 ? 194 LEU A C   1 
ATOM   1360 O O   . LEU A 1 205 ? 0.993   -5.215  10.509  1.00 21.51 ? 194 LEU A O   1 
ATOM   1361 C CB  . LEU A 1 205 ? 0.138   -5.571  13.228  1.00 18.83 ? 194 LEU A CB  1 
ATOM   1362 C CG  . LEU A 1 205 ? -1.281  -5.939  12.933  1.00 16.40 ? 194 LEU A CG  1 
ATOM   1363 C CD1 . LEU A 1 205 ? -1.570  -7.311  13.385  1.00 10.65 ? 194 LEU A CD1 1 
ATOM   1364 C CD2 . LEU A 1 205 ? -2.142  -4.914  13.669  1.00 19.94 ? 194 LEU A CD2 1 
ATOM   1365 N N   . LEU A 1 206 ? 0.799   -7.448  10.438  1.00 18.86 ? 195 LEU A N   1 
ATOM   1366 C CA  . LEU A 1 206 ? 0.545   -7.530  9.039   1.00 18.01 ? 195 LEU A CA  1 
ATOM   1367 C C   . LEU A 1 206 ? -0.868  -7.903  8.907   1.00 17.75 ? 195 LEU A C   1 
ATOM   1368 O O   . LEU A 1 206 ? -1.287  -9.039  9.192   1.00 18.83 ? 195 LEU A O   1 
ATOM   1369 C CB  . LEU A 1 206 ? 1.416   -8.613  8.384   1.00 18.28 ? 195 LEU A CB  1 
ATOM   1370 C CG  . LEU A 1 206 ? 2.864   -8.179  8.164   1.00 17.47 ? 195 LEU A CG  1 
ATOM   1371 C CD1 . LEU A 1 206 ? 3.491   -8.061  9.521   1.00 18.80 ? 195 LEU A CD1 1 
ATOM   1372 C CD2 . LEU A 1 206 ? 3.619   -9.217  7.357   1.00 16.65 ? 195 LEU A CD2 1 
ATOM   1373 N N   . VAL A 1 207 ? -1.615  -6.955  8.418   1.00 16.70 ? 196 VAL A N   1 
ATOM   1374 C CA  . VAL A 1 207 ? -2.979  -7.212  8.122   1.00 14.88 ? 196 VAL A CA  1 
ATOM   1375 C C   . VAL A 1 207 ? -3.016  -7.353  6.646   1.00 15.17 ? 196 VAL A C   1 
ATOM   1376 O O   . VAL A 1 207 ? -2.849  -6.397  5.915   1.00 16.00 ? 196 VAL A O   1 
ATOM   1377 C CB  . VAL A 1 207 ? -3.824  -6.054  8.558   1.00 13.82 ? 196 VAL A CB  1 
ATOM   1378 C CG1 . VAL A 1 207 ? -5.238  -6.340  8.170   1.00 11.64 ? 196 VAL A CG1 1 
ATOM   1379 C CG2 . VAL A 1 207 ? -3.665  -5.929  10.024  1.00 11.63 ? 196 VAL A CG2 1 
ATOM   1380 N N   . ARG A 1 208 ? -3.154  -8.565  6.184   1.00 15.22 ? 197 ARG A N   1 
ATOM   1381 C CA  . ARG A 1 208 ? -3.038  -8.738  4.774   1.00 15.83 ? 197 ARG A CA  1 
ATOM   1382 C C   . ARG A 1 208 ? -4.395  -8.894  4.163   1.00 17.00 ? 197 ARG A C   1 
ATOM   1383 O O   . ARG A 1 208 ? -5.243  -9.597  4.668   1.00 17.05 ? 197 ARG A O   1 
ATOM   1384 C CB  . ARG A 1 208 ? -2.218  -9.933  4.473   1.00 14.58 ? 197 ARG A CB  1 
ATOM   1385 C CG  . ARG A 1 208 ? -1.904  -10.023 3.024   1.00 16.55 ? 197 ARG A CG  1 
ATOM   1386 C CD  . ARG A 1 208 ? -1.082  -11.225 2.790   1.00 14.15 ? 197 ARG A CD  1 
ATOM   1387 N NE  . ARG A 1 208 ? -1.949  -12.365 2.948   1.00 19.08 ? 197 ARG A NE  1 
ATOM   1388 C CZ  . ARG A 1 208 ? -1.554  -13.632 2.962   1.00 17.90 ? 197 ARG A CZ  1 
ATOM   1389 N NH1 . ARG A 1 208 ? -0.259  -13.962 2.855   1.00 14.55 ? 197 ARG A NH1 1 
ATOM   1390 N NH2 . ARG A 1 208 ? -2.486  -14.548 3.105   1.00 14.09 ? 197 ARG A NH2 1 
ATOM   1391 N N   . GLY A 1 209 ? -4.605  -8.217  3.064   1.00 17.77 ? 198 GLY A N   1 
ATOM   1392 C CA  . GLY A 1 209 ? -5.863  -8.336  2.435   1.00 19.58 ? 198 GLY A CA  1 
ATOM   1393 C C   . GLY A 1 209 ? -5.469  -9.089  1.225   1.00 21.02 ? 198 GLY A C   1 
ATOM   1394 O O   . GLY A 1 209 ? -4.335  -8.931  0.757   1.00 22.19 ? 198 GLY A O   1 
ATOM   1395 N N   . LYS A 1 210 ? -6.355  -9.956  0.774   1.00 21.79 ? 199 LYS A N   1 
ATOM   1396 C CA  . LYS A 1 210 ? -6.211  -10.592 -0.505  1.00 24.83 ? 199 LYS A CA  1 
ATOM   1397 C C   . LYS A 1 210 ? -7.127  -9.775  -1.315  1.00 25.06 ? 199 LYS A C   1 
ATOM   1398 O O   . LYS A 1 210 ? -8.200  -9.422  -0.877  1.00 26.55 ? 199 LYS A O   1 
ATOM   1399 C CB  . LYS A 1 210 ? -6.714  -12.031 -0.472  1.00 25.54 ? 199 LYS A CB  1 
ATOM   1400 C CG  . LYS A 1 210 ? -6.364  -12.819 -1.713  1.00 30.29 ? 199 LYS A CG  1 
ATOM   1401 C CD  . LYS A 1 210 ? -6.881  -14.275 -1.636  1.00 38.07 ? 199 LYS A CD  1 
ATOM   1402 C CE  . LYS A 1 210 ? -5.977  -15.153 -0.774  1.00 43.34 ? 199 LYS A CE  1 
ATOM   1403 N NZ  . LYS A 1 210 ? -5.849  -16.541 -1.363  1.00 46.90 ? 199 LYS A NZ  1 
ATOM   1404 N N   . ARG A 1 211 ? -6.686  -9.405  -2.483  1.00 26.59 ? 200 ARG A N   1 
ATOM   1405 C CA  . ARG A 1 211 ? -7.559  -8.769  -3.408  1.00 27.95 ? 200 ARG A CA  1 
ATOM   1406 C C   . ARG A 1 211 ? -8.929  -9.473  -3.431  1.00 30.08 ? 200 ARG A C   1 
ATOM   1407 O O   . ARG A 1 211 ? -9.041  -10.708 -3.492  1.00 28.40 ? 200 ARG A O   1 
ATOM   1408 C CB  . ARG A 1 211 ? -6.938  -8.805  -4.777  1.00 26.97 ? 200 ARG A CB  1 
ATOM   1409 C CG  . ARG A 1 211 ? -7.660  -7.957  -5.772  1.00 26.72 ? 200 ARG A CG  1 
ATOM   1410 C CD  . ARG A 1 211 ? -7.563  -6.491  -5.444  1.00 27.84 ? 200 ARG A CD  1 
ATOM   1411 N NE  . ARG A 1 211 ? -8.152  -5.728  -6.520  1.00 29.04 ? 200 ARG A NE  1 
ATOM   1412 C CZ  . ARG A 1 211 ? -7.590  -5.552  -7.711  1.00 31.58 ? 200 ARG A CZ  1 
ATOM   1413 N NH1 . ARG A 1 211 ? -6.372  -6.062  -7.975  1.00 30.14 ? 200 ARG A NH1 1 
ATOM   1414 N NH2 . ARG A 1 211 ? -8.247  -4.841  -8.634  1.00 31.31 ? 200 ARG A NH2 1 
ATOM   1415 N N   . ILE A 1 212 ? -9.960  -8.655  -3.309  1.00 32.62 ? 201 ILE A N   1 
ATOM   1416 C CA  . ILE A 1 212 ? -11.281 -9.110  -3.619  1.00 35.46 ? 201 ILE A CA  1 
ATOM   1417 C C   . ILE A 1 212 ? -11.781 -8.214  -4.693  1.00 37.21 ? 201 ILE A C   1 
ATOM   1418 O O   . ILE A 1 212 ? -11.154 -7.182  -4.998  1.00 38.12 ? 201 ILE A O   1 
ATOM   1419 C CB  . ILE A 1 212 ? -12.214 -9.055  -2.429  1.00 35.07 ? 201 ILE A CB  1 
ATOM   1420 C CG1 . ILE A 1 212 ? -12.107 -7.694  -1.774  1.00 35.21 ? 201 ILE A CG1 1 
ATOM   1421 C CG2 . ILE A 1 212 ? -11.907 -10.239 -1.521  1.00 35.11 ? 201 ILE A CG2 1 
ATOM   1422 C CD1 . ILE A 1 212 ? -13.006 -7.486  -0.629  1.00 35.11 ? 201 ILE A CD1 1 
ATOM   1423 N N   . PRO A 1 213 ? -12.865 -8.640  -5.338  1.00 39.10 ? 202 PRO A N   1 
ATOM   1424 C CA  . PRO A 1 213 ? -13.467 -7.757  -6.306  1.00 40.45 ? 202 PRO A CA  1 
ATOM   1425 C C   . PRO A 1 213 ? -14.004 -6.538  -5.598  1.00 41.82 ? 202 PRO A C   1 
ATOM   1426 O O   . PRO A 1 213 ? -14.654 -6.637  -4.558  1.00 42.24 ? 202 PRO A O   1 
ATOM   1427 C CB  . PRO A 1 213 ? -14.603 -8.617  -6.864  1.00 40.29 ? 202 PRO A CB  1 
ATOM   1428 C CG  . PRO A 1 213 ? -14.038 -10.032 -6.765  1.00 39.47 ? 202 PRO A CG  1 
ATOM   1429 C CD  . PRO A 1 213 ? -13.437 -10.005 -5.407  1.00 38.75 ? 202 PRO A CD  1 
ATOM   1430 N N   . TYR A 1 214 ? -13.722 -5.382  -6.146  1.00 44.37 ? 203 TYR A N   1 
ATOM   1431 C CA  . TYR A 1 214 ? -14.290 -4.199  -5.566  1.00 47.62 ? 203 TYR A CA  1 
ATOM   1432 C C   . TYR A 1 214 ? -15.743 -4.031  -6.058  1.00 49.64 ? 203 TYR A C   1 
ATOM   1433 O O   . TYR A 1 214 ? -16.030 -4.026  -7.272  1.00 49.61 ? 203 TYR A O   1 
ATOM   1434 C CB  . TYR A 1 214 ? -13.418 -2.988  -5.867  1.00 47.81 ? 203 TYR A CB  1 
ATOM   1435 C CG  . TYR A 1 214 ? -13.961 -1.697  -5.323  1.00 49.89 ? 203 TYR A CG  1 
ATOM   1436 C CD1 . TYR A 1 214 ? -14.112 -1.509  -3.958  1.00 51.72 ? 203 TYR A CD1 1 
ATOM   1437 C CD2 . TYR A 1 214 ? -14.313 -0.646  -6.182  1.00 52.55 ? 203 TYR A CD2 1 
ATOM   1438 C CE1 . TYR A 1 214 ? -14.617 -0.306  -3.447  1.00 53.91 ? 203 TYR A CE1 1 
ATOM   1439 C CE2 . TYR A 1 214 ? -14.813 0.564   -5.677  1.00 53.58 ? 203 TYR A CE2 1 
ATOM   1440 C CZ  . TYR A 1 214 ? -14.961 0.718   -4.307  1.00 53.69 ? 203 TYR A CZ  1 
ATOM   1441 O OH  . TYR A 1 214 ? -15.459 1.890   -3.784  1.00 56.18 ? 203 TYR A OH  1 
ATOM   1442 N N   . VAL A 1 215 ? -16.637 -3.914  -5.074  1.00 51.79 ? 204 VAL A N   1 
ATOM   1443 C CA  . VAL A 1 215 ? -18.087 -3.801  -5.256  1.00 53.32 ? 204 VAL A CA  1 
ATOM   1444 C C   . VAL A 1 215 ? -18.546 -2.377  -4.862  1.00 53.97 ? 204 VAL A C   1 
ATOM   1445 O O   . VAL A 1 215 ? -18.785 -1.531  -5.742  1.00 54.13 ? 204 VAL A O   1 
ATOM   1446 C CB  . VAL A 1 215 ? -18.827 -4.894  -4.411  1.00 53.26 ? 204 VAL A CB  1 
ATOM   1447 C CG1 . VAL A 1 215 ? -20.356 -4.736  -4.472  1.00 53.87 ? 204 VAL A CG1 1 
ATOM   1448 C CG2 . VAL A 1 215 ? -18.386 -6.299  -4.868  1.00 54.01 ? 204 VAL A CG2 1 
HETATM 1449 O O   . HOH B 2 .   ? 1.982   -12.099 3.750   1.00 25.08 ? 220 HOH A O   1 
HETATM 1450 O O   . HOH B 2 .   ? 8.172   -7.194  -2.553  1.00 17.39 ? 221 HOH A O   1 
HETATM 1451 O O   . HOH B 2 .   ? -5.406  -6.162  -10.534 1.00 27.94 ? 222 HOH A O   1 
HETATM 1452 O O   . HOH B 2 .   ? 3.580   -9.920  19.837  1.00 28.11 ? 223 HOH A O   1 
HETATM 1453 O O   . HOH B 2 .   ? 5.776   -7.301  -1.740  1.00 14.54 ? 224 HOH A O   1 
HETATM 1454 O O   . HOH B 2 .   ? 8.865   -2.875  13.769  1.00 31.48 ? 225 HOH A O   1 
HETATM 1455 O O   . HOH B 2 .   ? -11.082 -13.028 4.611   1.00 19.28 ? 226 HOH A O   1 
HETATM 1456 O O   . HOH B 2 .   ? 0.972   4.967   -8.262  1.00 22.74 ? 227 HOH A O   1 
HETATM 1457 O O   . HOH B 2 .   ? 1.902   6.330   9.465   1.00 14.23 ? 228 HOH A O   1 
HETATM 1458 O O   . HOH B 2 .   ? -4.813  -12.885 -4.887  1.00 20.34 ? 229 HOH A O   1 
HETATM 1459 O O   . HOH B 2 .   ? 1.134   -11.359 -3.606  1.00 27.13 ? 230 HOH A O   1 
HETATM 1460 O O   . HOH B 2 .   ? 8.000   -13.607 12.332  1.00 26.94 ? 231 HOH A O   1 
HETATM 1461 O O   . HOH B 2 .   ? 2.397   13.666  -3.736  1.00 27.07 ? 232 HOH A O   1 
HETATM 1462 O O   . HOH B 2 .   ? -9.033  -11.480 12.220  1.00 19.15 ? 233 HOH A O   1 
HETATM 1463 O O   . HOH B 2 .   ? -5.619  -6.808  12.870  1.00 28.72 ? 234 HOH A O   1 
HETATM 1464 O O   . HOH B 2 .   ? 2.329   -14.325 5.067   1.00 14.51 ? 235 HOH A O   1 
HETATM 1465 O O   . HOH B 2 .   ? -1.357  5.450   -7.177  1.00 26.24 ? 236 HOH A O   1 
HETATM 1466 O O   . HOH B 2 .   ? 7.429   -10.866 6.942   1.00 19.54 ? 237 HOH A O   1 
HETATM 1467 O O   . HOH B 2 .   ? -6.168  3.141   13.410  1.00 30.22 ? 238 HOH A O   1 
HETATM 1468 O O   . HOH B 2 .   ? -2.366  -3.849  -4.639  1.00 25.20 ? 239 HOH A O   1 
HETATM 1469 O O   . HOH B 2 .   ? -0.440  -11.026 7.056   1.00 13.38 ? 240 HOH A O   1 
HETATM 1470 O O   . HOH B 2 .   ? 5.460   1.021   10.851  1.00 20.82 ? 241 HOH A O   1 
HETATM 1471 O O   . HOH B 2 .   ? -10.717 -4.920  -6.026  1.00 18.41 ? 242 HOH A O   1 
HETATM 1472 O O   . HOH B 2 .   ? 0.352   -4.817  -10.445 1.00 27.31 ? 243 HOH A O   1 
HETATM 1473 O O   . HOH B 2 .   ? 1.020   -9.982  5.092   1.00 19.34 ? 244 HOH A O   1 
HETATM 1474 O O   . HOH B 2 .   ? -0.834  -5.800  -4.058  1.00 17.74 ? 245 HOH A O   1 
HETATM 1475 O O   . HOH B 2 .   ? 8.732   -1.013  8.201   1.00 39.15 ? 246 HOH A O   1 
HETATM 1476 O O   . HOH B 2 .   ? -12.744 -2.816  7.436   1.00 32.69 ? 247 HOH A O   1 
HETATM 1477 O O   . HOH B 2 .   ? -2.506  -15.763 -0.799  1.00 34.23 ? 248 HOH A O   1 
HETATM 1478 O O   . HOH B 2 .   ? 3.722   -8.302  -10.284 1.00 32.93 ? 249 HOH A O   1 
# 
